data_6MUR
#
_entry.id   6MUR
#
loop_
_entity.id
_entity.type
_entity.pdbx_description
1 polymer 'Uncharacterized protein'
2 polymer 'Uncharacterized protein'
3 polymer 'Uncharacterized protein Csm3'
4 polymer 'Uncharacterized protein'
5 polymer 'RNA (27-MER)'
6 polymer "RNA (5'-R(P*GP*CP*AP*AP*AP*CP*CP*GP*CP*CP*UP*CP*UP*GP*CP*CP*CP*GP*C)-3')"
7 polymer 'Uncharacterized protein'
8 non-polymer 'ZINC ION'
#
loop_
_entity_poly.entity_id
_entity_poly.type
_entity_poly.pdbx_seq_one_letter_code
_entity_poly.pdbx_strand_id
1 'polypeptide(L)'
;MGSSHHHHHHSQDPMEIDELTALGGLLANIGKPVQRAGLYSGDHSTQGARFLRDLAENTGRAEYELLSLFSEFHHKGHMK
NDELMIRRIKELSPERFGLTMEDVLNALWIVYEADNLASGEREEGQPQASRPLYSVFNPGKAYPWAELDFEKELPVPGDV
FSIRSQDYRELVKRLWEELSKAKLRSDRLLPVLEKYLTFVSSVTSEGNIISLYDHMRMTSAIALAMLRAGCTAEDVRSGR
CRKEKRFLLIEGDFSGIQDFIYRVSGKGTLKYLRARSAYLELIGWDVVLEILSRLGLTRANVVFNAGGHFMIIAQNTPDA
VKELEEIRAKAVEWLYREFESDLYLAIEWEPVSGREFGREGGKNLFAEARKRLKHKLTVRKLKRFGEIKGLFEHGHTERL
AECPVCGRELPEGKLEPSASDPETKVCPTCNRLVSLGGNLPKLLGFGRTAKNDAGVLVEGPFSGFVPYLQGGRPVGEQIL
VKNTLNPGEIPESAQFVPYFVADYFKKDPKGGVATFEELSMASTGTRRLGVMKGDVDRLGEFFSSMDSPSKLATASRFMD
YFFKGYIGAIIEGKFGYIIGDVPSLRDWPEEPDIVVVYAGGDDFFIVGAWDQIFELAFRVRRAFNAYTGGKLTLSVGLGY
FDERTPIYRMADVVSERLDTAKDEGRNRVFVVGRSRPLDGKHKLSYEWNHYEELWRTYAPRIYAGNGRLKGKLESKKGLL
WKLLEIRELYVRDPNDVRWAYLTAYLLGRHGLSDLFPELVGIDTKAVERKEPQPVYWVDGVLKIVLMAVRR
;
A
2 'polypeptide(L)'
;SMAYHQKHGGYGRGGYGRQDRPQVDASRLFGESPDVVGIKKMLEGKGKQWEAIQPYFDNVVREAKNFLEWSPNKRLANAV
TVAAYLTSQGLKTNQVRKILDMARTTELKVKRGEGDIKDDLVKMRYLLAYTVGKATGQSKYSLDAFHRILDPMLEVLMGS
PKKENFEKFYDFLQAVVAYHKFFGGGD
;
B
3 'polypeptide(L)'
;SMDRRFYGKIVIKGKIKAVTGLHIGSQRDISEIGGIANPVIKDPHTGLPYIPGSSLKGRLRSLFEILVNSRLGEWREKYP
SLANYSPGSCRPDNQENCGKFFNRKINRGWIHVCPDYETALACPVCRLFGASGKESNFPSRIIVRDAFLTKEWEEKWRAG
EAITEAKIEVGIDRVTSQANPRTNERVVAGAEFEFEIIYNVENTTHWRDDIKNLLTAMALLEDSYLGGSGSRGYGKVKFI
FDSFEFRPLDYYRTGKDEDIVSIDAREKSVSDILSGFDSLFSEVEGKLEAG
;
C,D
4 'polypeptide(L)'
;MPKFIAVKLIPKGPFRDIPRADTLFGAIGNAISAIHGQSAVEELVDAFVGGARISSAFPYSGDTYYLPKPLSVEPALEGI
LTGLDEEERYTTAKRLRKAKYLDLKNFELALRLRPFTIPEEIPYARVDVPRVVLDRVTQDSSIYFWEEIRFREKSGVYFL
YSGPREVFDGYIAPAMRFLGDTGIGGKSTWGAGLFEVEFHEMKIDAPGSEYSVTLSNALPTKTPVLWRLLRKGGWSFGRR
KPRMTFIAEGSIVKNDPGGMERLELGLSHEVYVYGLTFPLGVELPEGLE
;
E
5 'polyribonucleotide' GUGGAAAGGCGGGCAGAGGCGGUUUGCGUAUUGGGCGC G
6 'polyribonucleotide' CCCUGGCGCCCAAUACGCAAACCGCCUCUGCCCGCGGGCG H
7 'polypeptide(L)'
;MTERTLKVLSPLHIGTGNELTPVDIYPRENIIHVLDTERLVNDLMNLGVELNEILALLKNPPGDAYIWKGYIEEFHLDPS
DYSIYTLKIHGKIGRKSMQIKEFIKLNGRPYIPGSSLKGAIRTAVLYKALKECGDARAVMRVVSKVNGDVARDIGRSEDV
LDYYMSFLSRARIDRKRADDLLEAIVFGMEPDRRSKIRYEPKRDPMKALIVRDSKPVGRKHLAVYHVEVIGNPQPIPIWV
EAIEPGAATDVEIHVDTEALRLNADYFNGLLWECLKERGEPGEVFEDFLWEAVDEFYTAVMKYETIEVQKFGRYTSQVRS
FYASLEDHSGHVLRLGWGSGWLAMTIGLLLVEKGYKWENVRKKLGLGKKPGGSGFSREFPKTRRLADGMPMGWVVLEHHH
HHH
;
F
#
loop_
_chem_comp.id
_chem_comp.type
_chem_comp.name
_chem_comp.formula
A RNA linking ADENOSINE-5'-MONOPHOSPHATE 'C10 H14 N5 O7 P'
C RNA linking CYTIDINE-5'-MONOPHOSPHATE 'C9 H14 N3 O8 P'
G RNA linking GUANOSINE-5'-MONOPHOSPHATE 'C10 H14 N5 O8 P'
U RNA linking URIDINE-5'-MONOPHOSPHATE 'C9 H13 N2 O9 P'
ZN non-polymer 'ZINC ION' 'Zn 2'
#
# COMPACT_ATOMS: atom_id res chain seq x y z
N GLU A 16 49.48 11.38 47.27
CA GLU A 16 48.51 10.69 48.11
C GLU A 16 48.45 9.20 47.82
N ILE A 17 48.02 8.43 48.82
CA ILE A 17 47.86 7.00 48.66
C ILE A 17 46.63 6.68 47.81
N ASP A 18 45.71 7.64 47.66
CA ASP A 18 44.45 7.37 46.97
C ASP A 18 44.67 7.20 45.47
N GLU A 19 45.38 8.15 44.85
CA GLU A 19 45.65 8.03 43.43
C GLU A 19 46.67 6.95 43.16
N LEU A 20 47.66 6.82 44.04
CA LEU A 20 48.77 5.89 43.83
C LEU A 20 48.34 4.43 43.98
N THR A 21 47.26 4.15 44.71
CA THR A 21 46.73 2.79 44.74
C THR A 21 46.01 2.47 43.44
N ALA A 22 45.24 3.43 42.93
CA ALA A 22 44.56 3.22 41.65
C ALA A 22 45.54 3.21 40.50
N LEU A 23 46.63 3.96 40.59
CA LEU A 23 47.66 3.89 39.55
C LEU A 23 48.48 2.61 39.65
N GLY A 24 48.53 2.00 40.83
CA GLY A 24 49.29 0.77 40.98
C GLY A 24 48.63 -0.41 40.29
N GLY A 25 47.36 -0.66 40.60
CA GLY A 25 46.62 -1.75 39.99
C GLY A 25 46.34 -1.56 38.52
N LEU A 26 46.42 -0.33 38.05
CA LEU A 26 46.21 -0.01 36.62
C LEU A 26 47.56 -0.09 35.90
N LEU A 27 48.59 -0.60 36.57
CA LEU A 27 49.95 -0.69 35.98
C LEU A 27 50.68 -1.89 36.58
N ALA A 28 50.09 -2.55 37.57
CA ALA A 28 50.74 -3.73 38.21
C ALA A 28 50.89 -4.85 37.18
N ASN A 29 49.90 -5.03 36.32
CA ASN A 29 49.96 -6.11 35.29
C ASN A 29 50.73 -5.61 34.07
N ILE A 30 51.01 -4.31 33.98
CA ILE A 30 51.79 -3.76 32.83
C ILE A 30 53.17 -4.43 32.84
N GLY A 31 53.66 -4.82 31.69
CA GLY A 31 54.96 -5.51 31.59
C GLY A 31 54.81 -6.76 30.74
N LYS A 32 53.60 -7.30 30.69
CA LYS A 32 53.33 -8.50 29.87
C LYS A 32 53.71 -8.17 28.43
N PRO A 33 53.30 -6.99 27.91
CA PRO A 33 53.70 -6.72 26.52
C PRO A 33 55.20 -6.65 26.30
N VAL A 34 56.02 -6.49 27.34
CA VAL A 34 57.46 -6.56 27.16
C VAL A 34 57.99 -7.97 27.35
N GLN A 35 57.17 -8.87 27.92
CA GLN A 35 57.56 -10.28 27.97
C GLN A 35 57.34 -10.92 26.61
N ARG A 36 56.18 -10.67 26.02
CA ARG A 36 55.85 -11.23 24.72
C ARG A 36 56.68 -10.61 23.60
N ALA A 37 57.28 -9.43 23.84
CA ALA A 37 58.17 -8.82 22.85
C ALA A 37 59.59 -9.39 22.94
N GLY A 38 60.13 -9.48 24.14
CA GLY A 38 61.46 -10.03 24.33
C GLY A 38 62.54 -9.00 24.58
N LEU A 39 62.24 -8.03 25.44
CA LEU A 39 63.23 -7.02 25.78
C LEU A 39 64.21 -7.49 26.85
N TYR A 40 63.71 -8.06 27.93
CA TYR A 40 64.52 -8.48 29.07
C TYR A 40 64.36 -9.98 29.28
N SER A 41 65.13 -10.51 30.24
CA SER A 41 64.96 -11.89 30.67
C SER A 41 63.62 -12.02 31.41
N GLY A 42 63.14 -13.27 31.51
CA GLY A 42 61.77 -13.56 31.89
C GLY A 42 61.28 -13.23 33.29
N ASP A 43 60.14 -13.81 33.67
CA ASP A 43 59.37 -13.48 34.87
C ASP A 43 58.99 -12.01 34.85
N HIS A 44 57.99 -11.67 34.02
CA HIS A 44 57.58 -10.32 33.64
C HIS A 44 57.39 -9.33 34.78
N SER A 45 57.23 -9.80 36.02
CA SER A 45 57.21 -8.89 37.16
C SER A 45 58.54 -8.17 37.32
N THR A 46 59.65 -8.87 37.08
CA THR A 46 60.95 -8.23 37.11
C THR A 46 61.11 -7.27 35.93
N GLN A 47 60.50 -7.58 34.79
CA GLN A 47 60.62 -6.76 33.60
C GLN A 47 59.87 -5.45 33.74
N GLY A 48 58.64 -5.51 34.26
CA GLY A 48 57.85 -4.32 34.45
C GLY A 48 58.44 -3.38 35.49
N ALA A 49 59.22 -3.92 36.42
CA ALA A 49 60.02 -3.08 37.30
C ALA A 49 61.05 -2.29 36.51
N ARG A 50 61.83 -2.98 35.67
CA ARG A 50 62.86 -2.32 34.89
C ARG A 50 62.26 -1.43 33.80
N PHE A 51 61.08 -1.77 33.30
CA PHE A 51 60.45 -0.93 32.28
C PHE A 51 59.91 0.35 32.89
N LEU A 52 59.34 0.28 34.10
CA LEU A 52 58.99 1.49 34.82
C LEU A 52 60.21 2.18 35.43
N ARG A 53 61.31 1.44 35.62
CA ARG A 53 62.57 2.08 36.00
C ARG A 53 63.12 2.92 34.86
N ASP A 54 63.15 2.35 33.65
CA ASP A 54 63.74 3.03 32.53
C ASP A 54 62.83 4.15 32.02
N LEU A 55 61.53 4.06 32.29
CA LEU A 55 60.62 5.13 31.88
C LEU A 55 60.83 6.38 32.73
N ALA A 56 61.21 6.22 34.00
CA ALA A 56 61.40 7.36 34.89
C ALA A 56 62.64 8.16 34.55
N GLU A 57 63.63 7.56 33.89
CA GLU A 57 64.91 8.21 33.72
C GLU A 57 64.86 9.25 32.61
N ASN A 58 64.56 8.81 31.38
CA ASN A 58 64.59 9.70 30.22
C ASN A 58 63.18 10.14 29.82
N THR A 59 62.97 11.46 29.85
CA THR A 59 61.68 12.13 29.63
C THR A 59 60.61 11.55 30.56
N GLY A 60 60.81 11.77 31.84
CA GLY A 60 59.86 11.30 32.83
C GLY A 60 60.23 11.74 34.22
N ARG A 61 59.24 11.85 35.10
CA ARG A 61 59.48 12.22 36.48
C ARG A 61 59.96 11.02 37.27
N ALA A 62 60.28 11.24 38.54
CA ALA A 62 60.74 10.16 39.41
C ALA A 62 59.60 9.34 40.01
N GLU A 63 58.35 9.69 39.71
CA GLU A 63 57.22 8.97 40.28
C GLU A 63 57.04 7.59 39.66
N TYR A 64 57.51 7.41 38.43
CA TYR A 64 57.46 6.10 37.79
C TYR A 64 58.38 5.09 38.44
N GLU A 65 59.43 5.55 39.12
CA GLU A 65 60.32 4.63 39.83
C GLU A 65 59.62 4.01 41.02
N LEU A 66 58.79 4.78 41.72
CA LEU A 66 58.05 4.22 42.84
C LEU A 66 56.89 3.36 42.37
N LEU A 67 56.36 3.59 41.18
CA LEU A 67 55.31 2.73 40.64
C LEU A 67 55.83 1.40 40.12
N SER A 68 57.15 1.22 40.04
CA SER A 68 57.70 -0.08 39.67
C SER A 68 57.53 -1.11 40.76
N LEU A 69 57.27 -0.66 42.00
CA LEU A 69 57.07 -1.58 43.11
C LEU A 69 55.80 -2.39 42.94
N PHE A 70 54.78 -1.79 42.34
CA PHE A 70 53.53 -2.49 42.12
C PHE A 70 53.60 -3.44 40.94
N SER A 71 54.45 -3.16 39.96
CA SER A 71 54.61 -4.03 38.81
C SER A 71 55.65 -5.11 39.02
N GLU A 72 56.23 -5.21 40.22
CA GLU A 72 57.18 -6.25 40.53
C GLU A 72 56.71 -7.18 41.63
N PHE A 73 56.05 -6.66 42.64
CA PHE A 73 55.65 -7.44 43.81
C PHE A 73 54.21 -7.91 43.72
N HIS A 74 53.75 -8.29 42.54
CA HIS A 74 52.50 -9.02 42.39
C HIS A 74 52.81 -10.42 41.87
N HIS A 75 51.78 -11.28 41.91
CA HIS A 75 51.76 -12.74 41.75
C HIS A 75 52.42 -13.48 42.91
N LYS A 76 52.99 -12.77 43.91
CA LYS A 76 53.55 -13.33 45.16
C LYS A 76 54.70 -14.31 44.87
N GLY A 77 55.40 -14.10 43.76
CA GLY A 77 56.55 -14.92 43.46
C GLY A 77 57.85 -14.38 44.00
N HIS A 78 57.83 -13.16 44.56
CA HIS A 78 59.05 -12.49 44.97
C HIS A 78 58.94 -11.98 46.40
N MET A 79 57.73 -11.66 46.84
CA MET A 79 57.50 -11.11 48.17
C MET A 79 57.43 -12.25 49.19
N LYS A 80 58.59 -12.85 49.44
CA LYS A 80 58.73 -14.02 50.29
C LYS A 80 59.09 -13.58 51.71
N ASN A 81 58.27 -14.00 52.68
CA ASN A 81 58.43 -13.74 54.11
C ASN A 81 58.42 -12.26 54.47
N ASP A 82 57.89 -11.41 53.58
CA ASP A 82 57.60 -9.99 53.76
C ASP A 82 58.83 -9.11 53.96
N GLU A 83 60.03 -9.68 53.98
CA GLU A 83 61.25 -8.95 54.35
C GLU A 83 62.05 -8.52 53.14
N LEU A 84 61.92 -9.24 52.02
CA LEU A 84 62.61 -8.84 50.80
C LEU A 84 62.02 -7.57 50.20
N MET A 85 60.74 -7.30 50.46
CA MET A 85 60.14 -6.05 50.02
C MET A 85 60.74 -4.87 50.78
N ILE A 86 61.08 -5.08 52.05
CA ILE A 86 61.45 -3.96 52.93
C ILE A 86 62.87 -3.48 52.64
N ARG A 87 63.80 -4.40 52.36
CA ARG A 87 65.19 -4.01 52.11
C ARG A 87 65.35 -3.23 50.82
N ARG A 88 64.51 -3.50 49.82
CA ARG A 88 64.55 -2.72 48.60
C ARG A 88 63.93 -1.33 48.79
N ILE A 89 62.85 -1.25 49.58
CA ILE A 89 62.14 0.01 49.73
C ILE A 89 62.70 0.85 50.88
N LYS A 90 63.55 0.28 51.74
CA LYS A 90 64.24 1.09 52.74
C LYS A 90 65.26 2.00 52.09
N GLU A 91 65.82 1.58 50.95
CA GLU A 91 66.68 2.46 50.18
C GLU A 91 65.89 3.63 49.61
N LEU A 92 64.66 3.39 49.19
CA LEU A 92 63.83 4.44 48.62
C LEU A 92 63.27 5.35 49.69
N SER A 93 63.21 6.65 49.39
CA SER A 93 62.73 7.64 50.32
C SER A 93 61.31 8.04 49.96
N PRO A 94 60.30 7.66 50.74
CA PRO A 94 58.93 8.09 50.43
C PRO A 94 58.61 9.51 50.87
N GLU A 95 59.57 10.20 51.51
CA GLU A 95 59.40 11.58 51.92
C GLU A 95 59.39 12.54 50.74
N ARG A 96 59.82 12.09 49.55
CA ARG A 96 59.73 12.93 48.36
C ARG A 96 58.28 13.11 47.91
N PHE A 97 57.42 12.14 48.20
CA PHE A 97 56.02 12.21 47.83
C PHE A 97 55.09 12.34 49.02
N GLY A 98 55.62 12.46 50.23
CA GLY A 98 54.79 12.51 51.40
C GLY A 98 54.26 11.18 51.85
N LEU A 99 54.66 10.09 51.22
CA LEU A 99 54.19 8.76 51.59
C LEU A 99 54.87 8.31 52.87
N THR A 100 54.18 7.47 53.63
CA THR A 100 54.71 6.92 54.86
C THR A 100 55.34 5.57 54.55
N MET A 101 56.38 5.22 55.34
CA MET A 101 57.10 3.96 55.19
C MET A 101 56.18 2.75 55.31
N GLU A 102 55.16 2.84 56.17
CA GLU A 102 54.19 1.78 56.28
C GLU A 102 53.01 1.93 55.32
N ASP A 103 52.68 3.16 54.93
CA ASP A 103 51.58 3.36 53.99
C ASP A 103 51.96 2.97 52.57
N VAL A 104 53.23 3.11 52.20
CA VAL A 104 53.66 2.59 50.91
C VAL A 104 53.76 1.08 50.95
N LEU A 105 53.96 0.49 52.13
CA LEU A 105 53.88 -0.95 52.29
C LEU A 105 52.43 -1.43 52.18
N ASN A 106 51.49 -0.56 52.54
CA ASN A 106 50.08 -0.93 52.58
C ASN A 106 49.52 -1.15 51.18
N ALA A 107 49.89 -0.29 50.23
CA ALA A 107 49.26 -0.34 48.91
C ALA A 107 49.75 -1.50 48.06
N LEU A 108 50.95 -2.05 48.32
CA LEU A 108 51.39 -3.20 47.56
C LEU A 108 50.61 -4.46 47.95
N TRP A 109 50.10 -4.52 49.17
CA TRP A 109 49.26 -5.63 49.56
C TRP A 109 47.86 -5.51 49.01
N ILE A 110 47.35 -4.28 48.88
CA ILE A 110 46.01 -4.05 48.36
C ILE A 110 45.93 -4.43 46.89
N VAL A 111 46.96 -4.09 46.13
CA VAL A 111 46.98 -4.38 44.69
C VAL A 111 47.04 -5.88 44.44
N TYR A 112 47.74 -6.62 45.30
CA TYR A 112 47.88 -8.06 45.11
C TYR A 112 46.56 -8.79 45.30
N GLU A 113 45.80 -8.44 46.33
CA GLU A 113 44.51 -9.09 46.54
C GLU A 113 43.50 -8.65 45.49
N ALA A 114 43.61 -7.41 45.01
CA ALA A 114 42.77 -6.95 43.91
C ALA A 114 43.17 -7.59 42.59
N ASP A 115 44.37 -8.16 42.54
CA ASP A 115 44.86 -8.83 41.30
C ASP A 115 44.19 -10.20 41.21
N ASN A 116 43.97 -10.86 42.34
CA ASN A 116 43.34 -12.20 42.37
C ASN A 116 41.81 -12.03 42.26
N LEU A 117 41.28 -10.93 42.77
CA LEU A 117 39.81 -10.70 42.73
C LEU A 117 39.44 -9.97 41.44
N ALA A 118 39.91 -10.46 40.30
CA ALA A 118 39.61 -9.83 38.99
C ALA A 118 39.77 -10.87 37.88
N SER A 119 40.88 -11.58 37.87
CA SER A 119 41.11 -12.63 36.84
C SER A 119 40.05 -13.72 37.01
N GLY A 120 39.74 -14.10 38.25
CA GLY A 120 38.72 -15.13 38.51
C GLY A 120 39.27 -16.54 38.39
N GLU A 121 40.57 -16.70 38.21
CA GLU A 121 41.19 -18.04 38.07
C GLU A 121 40.78 -18.91 39.27
N PRO A 127 50.43 -19.31 30.75
CA PRO A 127 51.72 -18.61 30.59
C PRO A 127 52.42 -19.11 29.32
N GLN A 128 52.62 -20.41 29.21
CA GLN A 128 53.30 -21.01 28.03
C GLN A 128 52.43 -20.76 26.78
N ALA A 129 53.10 -20.50 25.65
CA ALA A 129 52.55 -20.25 24.28
C ALA A 129 51.88 -18.87 24.18
N SER A 130 52.45 -17.99 23.35
CA SER A 130 51.91 -16.63 23.13
C SER A 130 50.59 -16.78 22.37
N ARG A 131 49.46 -16.51 23.01
CA ARG A 131 48.14 -16.69 22.34
C ARG A 131 47.43 -15.35 22.20
N PRO A 132 46.95 -15.01 21.00
CA PRO A 132 46.23 -13.76 20.74
C PRO A 132 44.85 -13.81 21.41
N LEU A 133 44.40 -12.67 21.92
CA LEU A 133 43.09 -12.53 22.56
C LEU A 133 42.07 -13.37 21.81
N TYR A 134 41.40 -14.26 22.53
CA TYR A 134 40.33 -15.05 21.91
C TYR A 134 39.01 -14.29 22.01
N SER A 135 38.06 -14.72 21.20
CA SER A 135 36.80 -13.98 21.08
C SER A 135 35.86 -14.36 22.22
N VAL A 136 35.26 -13.34 22.83
CA VAL A 136 34.35 -13.56 23.95
C VAL A 136 33.02 -14.17 23.49
N PHE A 137 32.71 -14.10 22.19
CA PHE A 137 31.48 -14.65 21.67
C PHE A 137 31.62 -16.11 21.23
N ASN A 138 32.79 -16.48 20.71
CA ASN A 138 33.20 -17.87 20.55
C ASN A 138 34.67 -17.98 20.91
N PRO A 139 35.01 -18.68 21.99
CA PRO A 139 36.43 -18.87 22.35
C PRO A 139 37.21 -19.72 21.35
N GLY A 140 36.55 -20.39 20.41
CA GLY A 140 37.24 -21.10 19.36
C GLY A 140 37.89 -20.21 18.33
N LYS A 141 37.55 -18.92 18.31
CA LYS A 141 38.15 -17.96 17.40
C LYS A 141 38.94 -16.92 18.19
N ALA A 142 39.69 -16.10 17.46
CA ALA A 142 40.58 -15.14 18.11
C ALA A 142 40.70 -13.89 17.26
N TYR A 143 41.15 -12.82 17.90
CA TYR A 143 41.32 -11.51 17.29
C TYR A 143 42.77 -11.27 16.92
N PRO A 144 43.04 -10.78 15.72
CA PRO A 144 44.38 -10.26 15.43
C PRO A 144 44.57 -8.94 16.15
N TRP A 145 45.81 -8.67 16.54
CA TRP A 145 46.11 -7.46 17.29
C TRP A 145 45.93 -6.22 16.44
N ALA A 146 45.08 -5.31 16.89
CA ALA A 146 44.72 -4.15 16.11
C ALA A 146 44.79 -2.90 16.98
N GLU A 147 44.48 -1.77 16.36
CA GLU A 147 44.42 -0.48 17.04
C GLU A 147 42.98 -0.03 17.17
N LEU A 148 42.57 0.29 18.38
CA LEU A 148 41.18 0.67 18.62
C LEU A 148 40.97 2.09 18.10
N ASP A 149 40.61 2.18 16.82
CA ASP A 149 40.39 3.47 16.18
C ASP A 149 39.06 3.58 15.45
N PHE A 150 38.31 2.48 15.33
CA PHE A 150 36.98 2.41 14.71
C PHE A 150 36.96 2.83 13.26
N GLU A 151 38.11 2.78 12.58
CA GLU A 151 38.25 3.30 11.22
C GLU A 151 38.98 2.28 10.38
N LYS A 152 38.31 1.80 9.33
CA LYS A 152 38.76 0.91 8.25
C LYS A 152 38.93 -0.54 8.71
N GLU A 153 38.83 -0.84 10.01
CA GLU A 153 39.04 -2.19 10.49
C GLU A 153 37.88 -2.63 11.37
N LEU A 154 37.12 -3.61 10.88
CA LEU A 154 36.20 -4.36 11.73
C LEU A 154 36.96 -5.56 12.25
N PRO A 155 37.25 -5.64 13.53
CA PRO A 155 37.90 -6.84 14.05
C PRO A 155 36.91 -8.00 14.08
N VAL A 156 37.08 -8.88 13.10
CA VAL A 156 36.29 -10.09 12.97
C VAL A 156 37.12 -11.24 13.51
N PRO A 157 36.59 -12.07 14.41
CA PRO A 157 37.36 -13.21 14.92
C PRO A 157 37.58 -14.24 13.81
N GLY A 158 38.86 -14.52 13.53
CA GLY A 158 39.24 -15.53 12.57
C GLY A 158 39.77 -16.78 13.25
N ASP A 159 40.50 -17.57 12.47
CA ASP A 159 41.08 -18.78 13.03
C ASP A 159 42.25 -18.44 13.95
N VAL A 160 42.63 -19.40 14.78
CA VAL A 160 43.66 -19.16 15.79
C VAL A 160 45.03 -19.04 15.12
N PHE A 161 45.69 -17.92 15.34
CA PHE A 161 47.05 -17.70 14.86
C PHE A 161 47.81 -16.94 15.92
N SER A 162 48.97 -17.46 16.32
CA SER A 162 49.76 -16.82 17.35
C SER A 162 50.36 -15.51 16.84
N ILE A 163 50.41 -14.52 17.72
CA ILE A 163 51.03 -13.24 17.36
C ILE A 163 52.53 -13.40 17.37
N ARG A 164 53.19 -12.85 16.36
CA ARG A 164 54.64 -12.91 16.26
C ARG A 164 55.29 -12.10 17.36
N SER A 165 56.52 -12.48 17.72
CA SER A 165 57.31 -11.70 18.65
C SER A 165 57.78 -10.40 18.05
N GLN A 166 57.82 -10.32 16.71
CA GLN A 166 58.11 -9.05 16.06
C GLN A 166 56.97 -8.06 16.23
N ASP A 167 55.75 -8.56 16.39
CA ASP A 167 54.57 -7.71 16.44
C ASP A 167 54.33 -7.12 17.83
N TYR A 168 54.80 -7.77 18.88
CA TYR A 168 54.70 -7.22 20.23
C TYR A 168 55.72 -6.13 20.51
N ARG A 169 56.85 -6.11 19.79
CA ARG A 169 57.82 -5.03 20.00
C ARG A 169 57.28 -3.70 19.48
N GLU A 170 56.49 -3.74 18.41
CA GLU A 170 55.89 -2.51 17.90
C GLU A 170 54.79 -2.02 18.83
N LEU A 171 54.18 -2.92 19.59
CA LEU A 171 53.27 -2.51 20.66
C LEU A 171 54.00 -1.75 21.76
N VAL A 172 55.23 -2.16 22.08
CA VAL A 172 55.97 -1.50 23.15
C VAL A 172 56.47 -0.13 22.68
N LYS A 173 56.76 0.01 21.39
CA LYS A 173 57.32 1.25 20.85
C LYS A 173 56.32 2.39 20.95
N ARG A 174 55.08 2.17 20.55
CA ARG A 174 54.05 3.20 20.68
C ARG A 174 53.67 3.42 22.14
N LEU A 175 53.69 2.36 22.95
CA LEU A 175 53.36 2.52 24.36
C LEU A 175 54.46 3.26 25.11
N TRP A 176 55.72 3.05 24.74
CA TRP A 176 56.81 3.88 25.25
C TRP A 176 56.65 5.32 24.82
N GLU A 177 56.14 5.54 23.61
CA GLU A 177 55.96 6.89 23.10
C GLU A 177 54.81 7.60 23.79
N GLU A 178 53.70 6.88 24.04
CA GLU A 178 52.51 7.53 24.58
C GLU A 178 52.60 7.75 26.08
N LEU A 179 53.27 6.87 26.82
CA LEU A 179 53.35 7.05 28.26
C LEU A 179 54.29 8.18 28.66
N SER A 180 55.25 8.55 27.81
CA SER A 180 56.13 9.67 28.12
C SER A 180 55.46 11.01 27.82
N LYS A 181 54.50 11.03 26.90
CA LYS A 181 53.81 12.25 26.52
C LYS A 181 52.49 12.44 27.23
N ALA A 182 52.08 11.49 28.07
CA ALA A 182 50.84 11.58 28.81
C ALA A 182 51.10 11.93 30.26
N LYS A 183 50.13 12.61 30.88
CA LYS A 183 50.24 12.95 32.28
C LYS A 183 50.04 11.71 33.14
N LEU A 184 50.91 11.55 34.15
CA LEU A 184 50.78 10.42 35.07
C LEU A 184 49.59 10.66 35.99
N ARG A 185 48.45 10.11 35.62
CA ARG A 185 47.19 10.41 36.29
C ARG A 185 46.22 9.29 35.94
N SER A 186 45.22 9.09 36.80
CA SER A 186 44.35 7.92 36.70
C SER A 186 43.48 7.97 35.44
N ASP A 187 43.02 9.15 35.06
CA ASP A 187 42.15 9.28 33.89
C ASP A 187 42.92 9.45 32.59
N ARG A 188 44.20 9.83 32.66
CA ARG A 188 44.99 10.05 31.46
C ARG A 188 45.70 8.80 30.98
N LEU A 189 45.82 7.78 31.82
CA LEU A 189 46.41 6.52 31.44
C LEU A 189 45.40 5.51 30.92
N LEU A 190 44.12 5.74 31.15
CA LEU A 190 43.11 4.77 30.70
C LEU A 190 42.86 4.81 29.19
N PRO A 191 42.76 5.95 28.49
CA PRO A 191 42.70 5.87 27.03
C PRO A 191 44.04 5.54 26.39
N VAL A 192 45.14 5.60 27.13
CA VAL A 192 46.40 5.11 26.60
C VAL A 192 46.38 3.58 26.54
N LEU A 193 46.06 2.93 27.65
CA LEU A 193 46.04 1.49 27.70
C LEU A 193 44.83 0.89 26.98
N GLU A 194 43.82 1.70 26.66
CA GLU A 194 42.67 1.17 25.93
C GLU A 194 42.98 1.05 24.45
N LYS A 195 43.63 2.04 23.87
CA LYS A 195 43.90 2.03 22.43
C LYS A 195 44.91 0.97 22.03
N TYR A 196 45.70 0.46 22.96
CA TYR A 196 46.80 -0.40 22.61
C TYR A 196 46.74 -1.78 23.24
N LEU A 197 46.09 -1.94 24.38
CA LEU A 197 46.04 -3.22 25.07
C LEU A 197 44.63 -3.78 25.13
N THR A 198 43.78 -3.42 24.16
CA THR A 198 42.45 -4.00 24.11
C THR A 198 42.51 -5.42 23.55
N PHE A 199 43.27 -5.62 22.48
CA PHE A 199 43.37 -6.91 21.84
C PHE A 199 44.62 -7.66 22.25
N VAL A 200 45.08 -7.46 23.47
CA VAL A 200 46.17 -8.22 24.06
C VAL A 200 45.59 -9.07 25.18
N SER A 201 45.88 -10.36 25.15
CA SER A 201 45.29 -11.27 26.13
C SER A 201 46.02 -11.14 27.46
N SER A 202 45.25 -11.30 28.55
CA SER A 202 45.80 -11.13 29.89
C SER A 202 46.66 -12.31 30.30
N VAL A 203 46.05 -13.49 30.42
CA VAL A 203 46.75 -14.72 30.72
C VAL A 203 46.75 -15.58 29.46
N THR A 204 47.93 -15.85 28.92
CA THR A 204 48.04 -16.67 27.72
C THR A 204 47.70 -18.12 28.03
N SER A 205 46.56 -18.59 27.53
CA SER A 205 46.13 -19.97 27.75
C SER A 205 45.17 -20.36 26.63
N GLU A 206 44.56 -21.52 26.77
CA GLU A 206 43.60 -22.03 25.79
C GLU A 206 42.27 -21.32 26.02
N GLY A 207 41.98 -20.33 25.18
CA GLY A 207 40.69 -19.66 25.24
C GLY A 207 40.58 -18.57 26.30
N ASN A 208 41.57 -17.69 26.35
CA ASN A 208 41.46 -16.49 27.18
C ASN A 208 40.56 -15.49 26.50
N ILE A 209 39.44 -15.17 27.13
CA ILE A 209 38.50 -14.24 26.52
C ILE A 209 38.37 -12.99 27.39
N ILE A 210 39.40 -12.71 28.19
CA ILE A 210 39.47 -11.52 29.04
C ILE A 210 40.68 -10.70 28.58
N SER A 211 40.44 -9.43 28.29
CA SER A 211 41.47 -8.55 27.75
C SER A 211 42.45 -8.09 28.83
N LEU A 212 43.59 -7.54 28.37
CA LEU A 212 44.58 -7.02 29.31
C LEU A 212 44.25 -5.62 29.79
N TYR A 213 43.64 -4.80 28.92
CA TYR A 213 43.10 -3.51 29.36
C TYR A 213 42.02 -3.71 30.40
N ASP A 214 41.09 -4.62 30.13
CA ASP A 214 39.98 -4.84 31.04
C ASP A 214 40.41 -5.55 32.32
N HIS A 215 41.49 -6.32 32.29
CA HIS A 215 41.97 -6.91 33.53
C HIS A 215 42.62 -5.85 34.41
N MET A 216 43.30 -4.88 33.80
CA MET A 216 43.88 -3.80 34.58
C MET A 216 42.84 -2.76 34.95
N ARG A 217 41.80 -2.59 34.14
CA ARG A 217 40.74 -1.65 34.47
C ARG A 217 39.89 -2.16 35.62
N MET A 218 39.85 -3.47 35.85
CA MET A 218 39.12 -4.02 36.97
C MET A 218 40.02 -4.43 38.12
N THR A 219 41.34 -4.36 37.95
CA THR A 219 42.25 -4.48 39.08
C THR A 219 42.40 -3.14 39.78
N SER A 220 42.43 -2.07 39.00
CA SER A 220 42.49 -0.73 39.57
C SER A 220 41.18 -0.35 40.24
N ALA A 221 40.06 -0.92 39.79
CA ALA A 221 38.78 -0.62 40.39
C ALA A 221 38.64 -1.30 41.75
N ILE A 222 39.06 -2.56 41.85
CA ILE A 222 38.93 -3.29 43.10
C ILE A 222 39.97 -2.81 44.11
N ALA A 223 41.14 -2.36 43.64
CA ALA A 223 42.15 -1.83 44.56
C ALA A 223 41.72 -0.51 45.17
N LEU A 224 40.99 0.31 44.43
CA LEU A 224 40.57 1.58 45.00
C LEU A 224 39.39 1.43 45.95
N ALA A 225 38.51 0.46 45.69
CA ALA A 225 37.39 0.21 46.58
C ALA A 225 37.85 -0.42 47.89
N MET A 226 38.97 -1.15 47.87
CA MET A 226 39.54 -1.68 49.10
C MET A 226 40.11 -0.57 49.96
N LEU A 227 40.72 0.44 49.33
CA LEU A 227 41.39 1.49 50.09
C LEU A 227 40.38 2.42 50.75
N ARG A 228 39.27 2.71 50.07
CA ARG A 228 38.21 3.51 50.69
C ARG A 228 37.51 2.75 51.81
N ALA A 229 37.42 1.42 51.69
CA ALA A 229 36.79 0.62 52.72
C ALA A 229 37.64 0.49 53.98
N GLY A 230 38.92 0.85 53.91
CA GLY A 230 39.74 0.95 55.10
C GLY A 230 40.45 -0.31 55.52
N CYS A 231 40.63 -1.27 54.61
CA CYS A 231 41.39 -2.47 54.94
C CYS A 231 42.87 -2.19 54.75
N THR A 232 43.67 -2.63 55.71
CA THR A 232 45.09 -2.33 55.75
C THR A 232 45.90 -3.53 55.29
N ALA A 233 47.22 -3.44 55.46
CA ALA A 233 48.13 -4.46 54.94
C ALA A 233 48.02 -5.77 55.70
N GLU A 234 47.79 -5.72 57.01
CA GLU A 234 47.61 -6.96 57.77
C GLU A 234 46.21 -7.54 57.59
N ASP A 235 45.27 -6.79 57.03
CA ASP A 235 43.97 -7.35 56.68
C ASP A 235 44.06 -8.23 55.45
N VAL A 236 44.99 -7.92 54.55
CA VAL A 236 45.20 -8.74 53.35
C VAL A 236 45.95 -10.01 53.70
N ARG A 237 46.95 -9.90 54.59
CA ARG A 237 47.74 -11.07 55.00
C ARG A 237 46.90 -12.06 55.78
N SER A 238 45.98 -11.58 56.61
CA SER A 238 45.15 -12.45 57.45
C SER A 238 43.97 -13.05 56.70
N GLY A 239 43.76 -12.70 55.45
CA GLY A 239 42.61 -13.21 54.71
C GLY A 239 41.29 -12.66 55.20
N ARG A 240 41.27 -11.43 55.70
CA ARG A 240 40.08 -10.88 56.34
C ARG A 240 39.21 -10.08 55.38
N CYS A 241 39.80 -9.47 54.35
CA CYS A 241 39.02 -8.69 53.40
C CYS A 241 38.12 -9.59 52.55
N ARG A 242 38.56 -10.80 52.26
CA ARG A 242 37.69 -11.78 51.64
C ARG A 242 36.89 -12.49 52.74
N LYS A 243 35.75 -13.08 52.34
CA LYS A 243 34.75 -13.68 53.24
C LYS A 243 34.20 -12.67 54.24
N GLU A 244 34.11 -11.42 53.82
CA GLU A 244 33.53 -10.34 54.62
C GLU A 244 33.05 -9.28 53.64
N LYS A 245 31.77 -8.90 53.75
CA LYS A 245 31.14 -8.06 52.75
C LYS A 245 31.67 -6.63 52.80
N ARG A 246 32.67 -6.33 51.96
CA ARG A 246 33.29 -5.02 51.94
C ARG A 246 33.12 -4.27 50.63
N PHE A 247 32.62 -4.90 49.58
CA PHE A 247 32.32 -4.20 48.35
C PHE A 247 30.83 -3.98 48.23
N LEU A 248 30.43 -3.32 47.15
CA LEU A 248 29.03 -2.95 46.99
C LEU A 248 28.79 -2.68 45.52
N LEU A 249 27.98 -3.52 44.87
CA LEU A 249 27.70 -3.42 43.44
C LEU A 249 26.53 -2.46 43.23
N ILE A 250 26.80 -1.30 42.67
CA ILE A 250 25.79 -0.32 42.34
C ILE A 250 25.31 -0.63 40.92
N GLU A 251 24.01 -0.48 40.67
CA GLU A 251 23.50 -0.62 39.31
C GLU A 251 22.31 0.32 39.13
N GLY A 252 22.26 0.98 37.97
CA GLY A 252 21.17 1.89 37.67
C GLY A 252 20.60 1.60 36.30
N ASP A 253 19.36 2.04 36.08
CA ASP A 253 18.66 1.74 34.83
C ASP A 253 17.54 2.73 34.62
N PHE A 254 17.54 3.42 33.48
CA PHE A 254 16.47 4.35 33.15
C PHE A 254 15.24 3.61 32.66
N SER A 255 14.10 3.92 33.26
CA SER A 255 12.83 3.29 32.91
C SER A 255 11.97 4.33 32.20
N GLY A 256 11.56 4.01 30.98
CA GLY A 256 10.75 4.91 30.19
C GLY A 256 11.48 5.66 29.11
N ILE A 257 12.50 5.05 28.50
CA ILE A 257 13.29 5.74 27.48
C ILE A 257 12.47 5.94 26.21
N GLN A 258 11.79 4.89 25.76
CA GLN A 258 11.12 4.93 24.46
C GLN A 258 9.90 5.85 24.44
N ASP A 259 9.32 6.14 25.60
CA ASP A 259 8.28 7.15 25.70
C ASP A 259 8.84 8.51 26.10
N PHE A 260 10.15 8.69 26.03
CA PHE A 260 10.81 9.96 26.30
C PHE A 260 11.45 10.55 25.05
N ILE A 261 12.04 9.74 24.19
CA ILE A 261 12.70 10.28 23.01
C ILE A 261 11.70 10.51 21.88
N TYR A 262 10.79 9.56 21.67
CA TYR A 262 9.98 9.55 20.46
C TYR A 262 8.59 10.12 20.66
N ARG A 263 8.13 10.28 21.89
CA ARG A 263 6.74 10.66 22.13
C ARG A 263 6.68 12.18 22.07
N VAL A 264 6.73 12.69 20.84
CA VAL A 264 6.47 14.10 20.55
C VAL A 264 5.54 14.16 19.35
N SER A 265 4.86 15.29 19.21
CA SER A 265 3.90 15.47 18.14
C SER A 265 4.63 15.89 16.86
N GLY A 266 3.87 16.30 15.85
CA GLY A 266 4.41 16.60 14.54
C GLY A 266 5.16 17.91 14.42
N LYS A 267 6.11 18.16 15.31
CA LYS A 267 7.00 19.30 15.25
C LYS A 267 8.42 18.80 15.47
N GLY A 268 9.40 19.60 15.08
CA GLY A 268 10.79 19.25 15.31
C GLY A 268 11.27 18.09 14.45
N THR A 269 11.40 18.34 13.15
CA THR A 269 11.69 17.28 12.20
C THR A 269 13.15 16.84 12.36
N LEU A 270 13.35 15.96 13.34
CA LEU A 270 14.48 15.04 13.44
C LEU A 270 15.81 15.71 13.80
N LYS A 271 15.86 17.04 13.78
CA LYS A 271 16.94 17.74 14.44
C LYS A 271 16.74 17.72 15.94
N TYR A 272 15.49 17.66 16.35
CA TYR A 272 15.08 17.66 17.75
C TYR A 272 15.13 16.26 18.35
N LEU A 273 14.80 15.24 17.56
CA LEU A 273 14.88 13.86 18.04
C LEU A 273 16.31 13.46 18.31
N ARG A 274 17.24 13.88 17.46
CA ARG A 274 18.65 13.65 17.69
C ARG A 274 19.18 14.45 18.87
N ALA A 275 18.45 15.48 19.28
CA ALA A 275 18.78 16.23 20.48
C ALA A 275 18.11 15.67 21.73
N ARG A 276 17.00 14.96 21.60
CA ARG A 276 16.45 14.25 22.76
C ARG A 276 17.33 13.08 23.15
N SER A 277 17.96 12.43 22.17
CA SER A 277 18.81 11.28 22.45
C SER A 277 20.16 11.68 23.01
N ALA A 278 20.69 12.83 22.61
CA ALA A 278 21.95 13.29 23.16
C ALA A 278 21.78 13.84 24.57
N TYR A 279 20.58 14.30 24.89
CA TYR A 279 20.27 14.79 26.22
C TYR A 279 19.87 13.69 27.17
N LEU A 280 19.43 12.54 26.67
CA LEU A 280 19.29 11.36 27.52
C LEU A 280 20.64 10.86 28.01
N GLU A 281 21.63 10.79 27.11
CA GLU A 281 22.95 10.32 27.49
C GLU A 281 23.67 11.28 28.41
N LEU A 282 23.28 12.56 28.42
CA LEU A 282 23.86 13.48 29.38
C LEU A 282 23.28 13.32 30.77
N ILE A 283 22.02 12.90 30.88
CA ILE A 283 21.47 12.62 32.20
C ILE A 283 22.10 11.36 32.79
N GLY A 284 22.41 10.38 31.93
CA GLY A 284 23.07 9.18 32.41
C GLY A 284 24.49 9.42 32.89
N TRP A 285 25.24 10.25 32.16
CA TRP A 285 26.59 10.58 32.59
C TRP A 285 26.63 11.53 33.76
N ASP A 286 25.59 12.33 33.99
CA ASP A 286 25.63 13.25 35.11
C ASP A 286 25.44 12.50 36.43
N VAL A 287 24.69 11.40 36.41
CA VAL A 287 24.48 10.64 37.63
C VAL A 287 25.67 9.74 37.93
N VAL A 288 26.26 9.14 36.89
CA VAL A 288 27.39 8.23 37.06
C VAL A 288 28.61 8.96 37.58
N LEU A 289 28.97 10.07 36.93
CA LEU A 289 30.15 10.84 37.33
C LEU A 289 29.96 11.52 38.68
N GLU A 290 28.72 11.68 39.15
CA GLU A 290 28.52 12.20 40.48
C GLU A 290 28.79 11.14 41.53
N ILE A 291 28.51 9.88 41.23
CA ILE A 291 28.82 8.79 42.16
C ILE A 291 30.32 8.61 42.27
N LEU A 292 31.04 8.76 41.17
CA LEU A 292 32.48 8.59 41.18
C LEU A 292 33.16 9.75 41.90
N SER A 293 32.71 10.97 41.65
CA SER A 293 33.37 12.14 42.21
C SER A 293 33.03 12.38 43.67
N ARG A 294 32.09 11.63 44.23
CA ARG A 294 31.67 11.83 45.60
C ARG A 294 32.14 10.71 46.52
N LEU A 295 32.31 9.52 45.99
CA LEU A 295 32.89 8.41 46.76
C LEU A 295 34.40 8.31 46.60
N GLY A 296 35.00 9.11 45.73
CA GLY A 296 36.43 9.04 45.50
C GLY A 296 36.85 8.00 44.51
N LEU A 297 35.98 7.64 43.57
CA LEU A 297 36.25 6.56 42.63
C LEU A 297 36.66 7.12 41.28
N THR A 298 37.50 6.38 40.57
CA THR A 298 37.93 6.79 39.25
C THR A 298 36.92 6.31 38.22
N ARG A 299 37.20 6.56 36.95
CA ARG A 299 36.29 6.08 35.91
C ARG A 299 36.48 4.59 35.65
N ALA A 300 37.53 3.98 36.18
CA ALA A 300 37.71 2.54 36.07
C ALA A 300 36.71 1.77 36.89
N ASN A 301 36.08 2.40 37.89
CA ASN A 301 35.09 1.72 38.70
C ASN A 301 33.78 1.50 37.98
N VAL A 302 33.52 2.25 36.90
CA VAL A 302 32.38 1.98 36.05
C VAL A 302 32.63 0.68 35.33
N VAL A 303 31.83 -0.34 35.62
CA VAL A 303 31.96 -1.60 34.89
C VAL A 303 31.49 -1.41 33.45
N PHE A 304 30.32 -0.81 33.28
CA PHE A 304 29.82 -0.43 31.97
C PHE A 304 28.83 0.71 32.12
N ASN A 305 28.57 1.41 31.02
CA ASN A 305 27.52 2.43 30.97
C ASN A 305 27.02 2.43 29.53
N ALA A 306 25.98 1.64 29.28
CA ALA A 306 25.59 1.30 27.91
C ALA A 306 24.09 1.47 27.76
N GLY A 307 23.67 2.59 27.18
CA GLY A 307 22.28 2.81 26.85
C GLY A 307 21.37 2.99 28.05
N GLY A 308 21.71 3.93 28.92
CA GLY A 308 20.88 4.21 30.07
C GLY A 308 20.89 3.14 31.13
N HIS A 309 22.02 2.48 31.34
CA HIS A 309 22.12 1.37 32.27
C HIS A 309 23.57 1.18 32.65
N PHE A 310 23.91 1.41 33.92
CA PHE A 310 25.29 1.43 34.35
C PHE A 310 25.51 0.50 35.53
N MET A 311 26.78 0.33 35.90
CA MET A 311 27.15 -0.56 36.99
C MET A 311 28.53 -0.16 37.51
N ILE A 312 28.63 0.02 38.82
CA ILE A 312 29.82 0.58 39.47
C ILE A 312 30.20 -0.30 40.66
N ILE A 313 31.48 -0.63 40.78
CA ILE A 313 32.01 -1.26 41.98
C ILE A 313 32.50 -0.19 42.94
N ALA A 314 32.03 -0.25 44.19
CA ALA A 314 32.40 0.73 45.19
C ALA A 314 32.72 0.05 46.51
N GLN A 315 32.85 0.84 47.57
CA GLN A 315 33.14 0.32 48.90
C GLN A 315 31.86 0.19 49.71
N ASN A 316 31.88 -0.71 50.68
CA ASN A 316 30.74 -0.90 51.58
C ASN A 316 31.09 -0.22 52.89
N THR A 317 30.86 1.09 52.93
CA THR A 317 31.07 1.89 54.12
C THR A 317 29.78 2.62 54.48
N PRO A 318 29.57 2.96 55.76
CA PRO A 318 28.42 3.80 56.10
C PRO A 318 28.51 5.21 55.53
N ASP A 319 29.71 5.67 55.19
CA ASP A 319 29.93 6.96 54.56
C ASP A 319 29.67 6.92 53.06
N ALA A 320 29.18 5.80 52.53
CA ALA A 320 28.83 5.69 51.12
C ALA A 320 27.40 5.26 50.89
N VAL A 321 26.86 4.37 51.72
CA VAL A 321 25.44 4.00 51.62
C VAL A 321 24.56 5.20 51.97
N LYS A 322 24.98 5.97 52.97
CA LYS A 322 24.34 7.27 53.22
C LYS A 322 24.59 8.23 52.06
N GLU A 323 25.78 8.17 51.47
CA GLU A 323 26.16 9.16 50.47
C GLU A 323 25.62 8.81 49.08
N LEU A 324 25.31 7.54 48.82
CA LEU A 324 24.58 7.17 47.61
C LEU A 324 23.10 7.49 47.73
N GLU A 325 22.55 7.45 48.94
CA GLU A 325 21.12 7.65 49.09
C GLU A 325 20.74 9.11 48.88
N GLU A 326 21.67 10.02 49.14
CA GLU A 326 21.43 11.43 48.84
C GLU A 326 21.52 11.72 47.35
N ILE A 327 22.27 10.91 46.61
CA ILE A 327 22.36 11.08 45.16
C ILE A 327 21.06 10.61 44.50
N ARG A 328 20.50 9.50 44.97
CA ARG A 328 19.25 8.99 44.42
C ARG A 328 18.08 9.87 44.81
N ALA A 329 18.08 10.40 46.03
CA ALA A 329 16.99 11.26 46.46
C ALA A 329 16.98 12.56 45.68
N LYS A 330 18.15 13.10 45.35
CA LYS A 330 18.20 14.34 44.58
C LYS A 330 17.90 14.10 43.11
N ALA A 331 18.39 13.01 42.53
CA ALA A 331 18.24 12.82 41.09
C ALA A 331 16.82 12.46 40.71
N VAL A 332 16.11 11.73 41.56
CA VAL A 332 14.74 11.37 41.28
C VAL A 332 13.82 12.58 41.43
N GLU A 333 14.09 13.43 42.42
CA GLU A 333 13.33 14.66 42.57
C GLU A 333 13.59 15.64 41.43
N TRP A 334 14.77 15.58 40.83
CA TRP A 334 15.01 16.37 39.63
C TRP A 334 14.25 15.81 38.45
N LEU A 335 14.23 14.48 38.30
CA LEU A 335 13.54 13.86 37.17
C LEU A 335 12.04 14.05 37.26
N TYR A 336 11.50 14.22 38.45
CA TYR A 336 10.05 14.37 38.59
C TYR A 336 9.61 15.80 38.32
N ARG A 337 10.42 16.79 38.70
CA ARG A 337 10.05 18.18 38.42
C ARG A 337 10.12 18.50 36.95
N GLU A 338 11.14 18.03 36.25
CA GLU A 338 11.31 18.44 34.86
C GLU A 338 10.43 17.63 33.92
N PHE A 339 10.58 16.32 33.92
CA PHE A 339 9.82 15.43 33.04
C PHE A 339 8.80 14.72 33.90
N GLU A 340 7.55 15.19 33.88
CA GLU A 340 6.56 14.78 34.87
C GLU A 340 6.16 13.32 34.70
N SER A 341 6.86 12.43 35.42
CA SER A 341 6.64 10.99 35.45
C SER A 341 6.74 10.35 34.08
N ASP A 342 7.67 10.81 33.25
CA ASP A 342 7.92 10.20 31.97
C ASP A 342 9.28 9.53 31.87
N LEU A 343 10.11 9.64 32.90
CA LEU A 343 11.43 9.01 32.91
C LEU A 343 11.83 8.79 34.36
N TYR A 344 12.15 7.55 34.72
CA TYR A 344 12.55 7.21 36.08
C TYR A 344 13.88 6.47 36.05
N LEU A 345 14.70 6.74 37.06
CA LEU A 345 16.03 6.15 37.20
C LEU A 345 16.03 5.29 38.45
N ALA A 346 15.98 3.97 38.27
CA ALA A 346 16.01 3.05 39.38
C ALA A 346 17.46 2.76 39.74
N ILE A 347 17.88 3.17 40.93
CA ILE A 347 19.22 2.91 41.41
C ILE A 347 19.14 2.00 42.61
N GLU A 348 19.91 0.92 42.60
CA GLU A 348 19.99 0.01 43.73
C GLU A 348 21.45 -0.31 44.01
N TRP A 349 21.67 -1.04 45.10
CA TRP A 349 22.98 -1.59 45.40
C TRP A 349 22.83 -2.85 46.23
N GLU A 350 23.91 -3.62 46.27
CA GLU A 350 23.94 -4.92 46.95
C GLU A 350 25.33 -5.12 47.52
N PRO A 351 25.46 -5.37 48.82
CA PRO A 351 26.78 -5.67 49.40
C PRO A 351 27.27 -7.04 48.96
N VAL A 352 28.51 -7.07 48.47
CA VAL A 352 29.15 -8.32 48.08
C VAL A 352 30.48 -8.43 48.81
N SER A 353 31.10 -9.59 48.68
CA SER A 353 32.34 -9.91 49.36
C SER A 353 33.42 -10.25 48.34
N GLY A 354 34.57 -10.71 48.84
CA GLY A 354 35.69 -11.01 47.95
C GLY A 354 35.42 -12.21 47.07
N ARG A 355 35.04 -13.34 47.67
CA ARG A 355 34.73 -14.57 46.95
C ARG A 355 33.50 -14.46 46.07
N GLU A 356 32.69 -13.41 46.24
CA GLU A 356 31.47 -13.25 45.46
C GLU A 356 31.78 -12.83 44.02
N PHE A 357 32.94 -12.21 43.79
CA PHE A 357 33.31 -11.81 42.43
C PHE A 357 33.65 -13.01 41.56
N GLY A 358 34.28 -14.03 42.13
CA GLY A 358 34.79 -15.13 41.35
C GLY A 358 33.89 -16.35 41.41
N ARG A 359 34.17 -17.29 40.49
CA ARG A 359 33.51 -18.58 40.50
C ARG A 359 34.09 -19.43 41.63
N GLU A 360 33.26 -19.72 42.62
CA GLU A 360 33.67 -20.50 43.79
C GLU A 360 33.10 -21.90 43.64
N GLY A 361 33.97 -22.86 43.34
CA GLY A 361 33.54 -24.23 43.19
C GLY A 361 32.78 -24.48 41.90
N GLY A 362 31.53 -24.90 42.03
CA GLY A 362 30.74 -25.24 40.85
C GLY A 362 29.60 -24.30 40.58
N LYS A 363 29.42 -23.33 41.47
CA LYS A 363 28.33 -22.37 41.38
C LYS A 363 28.89 -20.98 41.08
N ASN A 364 28.24 -20.27 40.16
CA ASN A 364 28.66 -18.94 39.75
C ASN A 364 28.08 -17.94 40.74
N LEU A 365 28.95 -17.36 41.58
CA LEU A 365 28.46 -16.42 42.58
C LEU A 365 28.26 -15.02 42.03
N PHE A 366 29.09 -14.61 41.07
CA PHE A 366 28.97 -13.26 40.53
C PHE A 366 27.70 -13.13 39.69
N ALA A 367 27.32 -14.18 38.98
CA ALA A 367 26.04 -14.18 38.30
C ALA A 367 24.86 -14.40 39.23
N GLU A 368 25.11 -14.73 40.49
CA GLU A 368 24.02 -14.82 41.46
C GLU A 368 23.79 -13.53 42.21
N ALA A 369 24.87 -12.88 42.66
CA ALA A 369 24.76 -11.55 43.26
C ALA A 369 24.42 -10.47 42.24
N ARG A 370 24.54 -10.76 40.95
CA ARG A 370 24.02 -9.85 39.93
C ARG A 370 22.53 -10.06 39.72
N LYS A 371 22.04 -11.28 39.87
CA LYS A 371 20.62 -11.56 39.76
C LYS A 371 19.88 -11.41 41.08
N ARG A 372 20.58 -11.18 42.18
CA ARG A 372 19.89 -10.63 43.35
C ARG A 372 19.71 -9.14 43.19
N LEU A 373 20.70 -8.47 42.60
CA LEU A 373 20.62 -7.04 42.38
C LEU A 373 19.61 -6.70 41.29
N LYS A 374 19.51 -7.55 40.27
CA LYS A 374 18.57 -7.31 39.18
C LYS A 374 17.14 -7.50 39.63
N HIS A 375 16.90 -8.30 40.68
CA HIS A 375 15.56 -8.39 41.25
C HIS A 375 15.18 -7.13 42.03
N LYS A 376 16.15 -6.50 42.68
CA LYS A 376 15.87 -5.24 43.38
C LYS A 376 15.64 -4.09 42.42
N LEU A 377 16.17 -4.17 41.19
CA LEU A 377 15.81 -3.21 40.16
C LEU A 377 14.38 -3.43 39.69
N THR A 378 13.96 -4.70 39.58
CA THR A 378 12.65 -5.03 39.06
C THR A 378 11.54 -4.58 39.99
N VAL A 379 11.71 -4.80 41.30
CA VAL A 379 10.70 -4.39 42.26
C VAL A 379 10.77 -2.90 42.54
N ARG A 380 11.87 -2.22 42.17
CA ARG A 380 11.91 -0.77 42.31
C ARG A 380 11.23 -0.08 41.15
N LYS A 381 11.24 -0.66 39.96
CA LYS A 381 10.50 -0.10 38.84
C LYS A 381 9.00 -0.21 39.02
N LEU A 382 8.53 -1.15 39.85
CA LEU A 382 7.12 -1.23 40.16
C LEU A 382 6.70 -0.22 41.21
N LYS A 383 7.64 0.30 41.99
CA LYS A 383 7.40 1.42 42.88
C LYS A 383 8.04 2.65 42.25
N ARG A 384 7.33 3.24 41.29
CA ARG A 384 7.96 4.06 40.27
C ARG A 384 8.37 5.44 40.79
N PHE A 385 7.65 6.04 41.72
CA PHE A 385 8.14 7.25 42.37
C PHE A 385 7.82 7.20 43.86
N GLY A 386 8.23 6.14 44.53
CA GLY A 386 8.01 6.05 45.96
C GLY A 386 8.75 7.11 46.75
N GLU A 387 9.91 7.55 46.26
CA GLU A 387 10.73 8.52 46.98
C GLU A 387 10.43 9.96 46.54
N ILE A 388 9.15 10.32 46.52
CA ILE A 388 8.72 11.70 46.33
C ILE A 388 7.90 12.19 47.51
N LYS A 389 6.91 11.38 47.94
CA LYS A 389 5.98 11.57 49.06
C LYS A 389 4.97 12.67 48.82
N GLY A 390 5.06 13.41 47.71
CA GLY A 390 4.01 14.30 47.28
C GLY A 390 3.55 13.85 45.92
N LEU A 391 3.63 12.54 45.69
CA LEU A 391 3.43 11.96 44.37
C LEU A 391 1.95 11.82 44.06
N PHE A 392 1.20 11.21 44.98
CA PHE A 392 -0.24 11.14 44.87
C PHE A 392 -0.93 12.27 45.60
N GLU A 393 -0.25 13.40 45.76
CA GLU A 393 -0.81 14.58 46.39
C GLU A 393 -1.38 15.49 45.32
N HIS A 394 -2.70 15.68 45.36
CA HIS A 394 -3.37 16.55 44.42
C HIS A 394 -3.13 18.01 44.77
N GLY A 395 -3.38 18.87 43.80
CA GLY A 395 -3.18 20.29 43.99
C GLY A 395 -3.73 21.05 42.80
N HIS A 396 -4.03 22.33 43.02
CA HIS A 396 -4.59 23.14 41.90
C HIS A 396 -3.63 24.29 41.57
N THR A 397 -3.21 24.36 40.32
CA THR A 397 -2.31 25.45 39.84
C THR A 397 -3.06 26.21 38.74
N GLU A 398 -3.11 27.53 38.81
CA GLU A 398 -3.83 28.34 37.80
C GLU A 398 -3.05 28.39 36.47
N ARG A 399 -3.77 28.63 35.38
CA ARG A 399 -3.17 28.77 34.02
C ARG A 399 -2.34 27.56 33.61
N LEU A 400 -2.76 26.33 33.89
CA LEU A 400 -1.96 25.16 33.43
C LEU A 400 -2.05 25.10 31.90
N ALA A 401 -0.95 24.85 31.21
CA ALA A 401 -0.99 24.82 29.72
C ALA A 401 -0.16 23.67 29.15
N GLU A 402 -0.46 23.25 27.93
CA GLU A 402 0.26 22.16 27.24
C GLU A 402 1.16 22.77 26.15
N CYS A 403 2.43 22.33 26.22
CA CYS A 403 3.51 22.68 25.26
C CYS A 403 3.29 21.74 24.07
N PRO A 404 3.03 22.31 22.89
CA PRO A 404 2.59 21.54 21.73
C PRO A 404 3.51 20.39 21.30
N VAL A 405 4.81 20.64 21.24
CA VAL A 405 5.79 19.62 20.74
C VAL A 405 5.87 18.36 21.62
N CYS A 406 5.92 18.46 22.95
CA CYS A 406 6.11 17.21 23.72
C CYS A 406 5.19 17.09 24.95
N GLY A 407 3.91 17.26 24.71
CA GLY A 407 2.88 16.75 25.63
C GLY A 407 3.23 17.04 27.07
N ARG A 408 3.77 18.19 27.28
CA ARG A 408 4.09 18.53 28.67
C ARG A 408 3.30 19.78 28.97
N GLU A 409 2.61 19.73 30.09
CA GLU A 409 1.72 20.82 30.53
C GLU A 409 2.46 21.72 31.49
N LEU A 410 2.34 23.00 31.27
CA LEU A 410 3.08 23.95 32.12
C LEU A 410 2.15 25.01 32.69
N PRO A 411 2.66 25.67 33.67
CA PRO A 411 1.87 26.81 34.15
C PRO A 411 1.77 27.86 33.03
N GLU A 412 0.63 28.53 32.91
CA GLU A 412 0.43 29.52 31.82
C GLU A 412 1.54 30.57 31.84
N GLY A 413 2.12 30.82 30.67
CA GLY A 413 3.19 31.81 30.47
C GLY A 413 4.59 31.23 30.66
N LYS A 414 4.72 30.01 31.19
CA LYS A 414 6.08 29.42 31.34
C LYS A 414 6.67 29.13 29.95
N LEU A 415 5.89 28.57 29.04
CA LEU A 415 6.38 28.31 27.66
C LEU A 415 6.80 29.65 27.04
N GLU A 416 7.96 29.67 26.39
CA GLU A 416 8.51 30.89 25.73
C GLU A 416 8.38 30.73 24.21
N PRO A 417 7.91 31.76 23.50
CA PRO A 417 7.72 31.57 22.06
C PRO A 417 8.93 30.91 21.41
N SER A 418 8.63 29.98 20.50
CA SER A 418 9.64 29.10 19.94
C SER A 418 10.51 29.84 18.93
N ALA A 419 11.61 29.19 18.56
CA ALA A 419 12.49 29.72 17.52
C ALA A 419 12.12 29.21 16.14
N SER A 420 11.30 28.15 16.05
CA SER A 420 10.82 27.68 14.76
C SER A 420 9.73 28.59 14.21
N ASP A 421 8.58 28.60 14.86
CA ASP A 421 7.47 29.49 14.51
C ASP A 421 7.15 30.30 15.76
N PRO A 422 7.40 31.61 15.75
CA PRO A 422 7.21 32.41 16.97
C PRO A 422 5.76 32.62 17.38
N GLU A 423 4.79 32.18 16.60
CA GLU A 423 3.41 32.16 17.08
C GLU A 423 3.18 31.03 18.08
N THR A 424 3.90 29.92 17.94
CA THR A 424 3.75 28.79 18.84
C THR A 424 4.44 29.07 20.16
N LYS A 425 3.96 28.40 21.22
CA LYS A 425 4.37 28.67 22.58
C LYS A 425 4.85 27.35 23.19
N VAL A 426 6.13 27.03 23.00
CA VAL A 426 6.67 25.77 23.48
C VAL A 426 7.20 25.96 24.90
N CYS A 427 7.43 24.84 25.58
CA CYS A 427 8.11 24.87 26.87
C CYS A 427 9.59 25.21 26.68
N PRO A 428 10.23 25.81 27.68
CA PRO A 428 11.61 26.28 27.47
C PRO A 428 12.63 25.17 27.39
N THR A 429 12.31 23.98 27.88
CA THR A 429 13.25 22.87 27.77
C THR A 429 13.30 22.27 26.37
N CYS A 430 12.37 22.65 25.49
CA CYS A 430 12.46 22.27 24.09
C CYS A 430 13.16 23.30 23.22
N ASN A 431 13.22 24.56 23.64
CA ASN A 431 14.06 25.50 22.91
C ASN A 431 15.53 25.31 23.20
N ARG A 432 15.88 24.70 24.34
CA ARG A 432 17.26 24.32 24.58
C ARG A 432 17.68 23.14 23.73
N LEU A 433 16.73 22.41 23.16
CA LEU A 433 17.00 21.25 22.33
C LEU A 433 16.91 21.54 20.84
N VAL A 434 16.10 22.51 20.43
CA VAL A 434 16.15 22.98 19.06
C VAL A 434 17.48 23.70 18.81
N SER A 435 17.91 24.51 19.78
CA SER A 435 19.21 25.15 19.70
C SER A 435 20.34 24.14 19.79
N LEU A 436 20.13 23.04 20.50
CA LEU A 436 21.12 21.98 20.54
C LEU A 436 21.19 21.23 19.22
N GLY A 437 20.06 21.09 18.53
CA GLY A 437 20.04 20.43 17.23
C GLY A 437 20.75 21.20 16.14
N GLY A 438 20.94 22.50 16.31
CA GLY A 438 21.68 23.30 15.36
C GLY A 438 23.17 23.31 15.58
N ASN A 439 23.66 22.65 16.62
CA ASN A 439 25.08 22.63 16.92
C ASN A 439 25.67 21.23 17.00
N LEU A 440 24.84 20.18 16.90
CA LEU A 440 25.37 18.82 16.91
C LEU A 440 26.32 18.46 15.77
N PRO A 441 26.23 18.99 14.54
CA PRO A 441 27.35 18.77 13.61
C PRO A 441 28.63 19.45 14.04
N LYS A 442 28.54 20.64 14.63
CA LYS A 442 29.72 21.39 15.06
C LYS A 442 29.96 21.20 16.55
N LEU A 443 30.16 19.96 16.98
CA LEU A 443 30.29 19.70 18.41
C LEU A 443 31.36 18.64 18.66
N LEU A 444 32.20 18.89 19.66
CA LEU A 444 33.28 17.97 20.01
C LEU A 444 33.14 17.38 21.40
N GLY A 445 31.97 17.48 22.01
CA GLY A 445 31.71 16.98 23.33
C GLY A 445 31.06 18.04 24.18
N PHE A 446 31.00 17.78 25.48
CA PHE A 446 30.41 18.70 26.43
C PHE A 446 31.38 18.98 27.56
N GLY A 447 31.07 20.02 28.31
CA GLY A 447 31.81 20.32 29.52
C GLY A 447 30.89 20.31 30.71
N ARG A 448 31.29 19.63 31.77
CA ARG A 448 30.48 19.53 32.97
C ARG A 448 30.98 20.52 34.01
N THR A 449 30.12 21.46 34.38
CA THR A 449 30.45 22.58 35.26
C THR A 449 29.32 22.70 36.28
N ALA A 450 29.23 23.83 36.96
CA ALA A 450 28.15 24.05 37.91
C ALA A 450 26.83 24.30 37.17
N LYS A 451 25.73 24.24 37.94
CA LYS A 451 24.40 24.51 37.40
C LYS A 451 24.27 25.96 36.94
N ASN A 452 24.70 26.90 37.76
CA ASN A 452 24.41 28.32 37.57
C ASN A 452 25.61 29.04 36.95
N ASP A 453 25.87 28.73 35.69
CA ASP A 453 26.87 29.44 34.91
C ASP A 453 26.28 29.86 33.58
N ALA A 454 27.03 30.69 32.85
CA ALA A 454 26.62 31.15 31.53
C ALA A 454 27.30 30.31 30.46
N GLY A 455 26.64 30.21 29.31
CA GLY A 455 27.03 29.27 28.28
C GLY A 455 26.38 27.92 28.39
N VAL A 456 25.64 27.67 29.46
CA VAL A 456 24.98 26.39 29.68
C VAL A 456 23.70 26.35 28.85
N LEU A 457 23.55 25.32 28.03
CA LEU A 457 22.26 25.08 27.38
C LEU A 457 21.35 24.23 28.26
N VAL A 458 21.75 23.00 28.53
CA VAL A 458 20.91 22.06 29.26
C VAL A 458 21.59 21.70 30.58
N GLU A 459 20.79 21.61 31.63
CA GLU A 459 21.26 21.19 32.94
C GLU A 459 20.80 19.76 33.19
N GLY A 460 21.64 18.99 33.88
CA GLY A 460 21.25 17.67 34.30
C GLY A 460 20.66 17.72 35.69
N PRO A 461 20.72 16.62 36.42
CA PRO A 461 20.24 16.65 37.80
C PRO A 461 21.24 17.27 38.76
N PHE A 462 22.52 17.21 38.42
CA PHE A 462 23.58 17.67 39.31
C PHE A 462 24.46 18.75 38.72
N SER A 463 24.34 19.04 37.44
CA SER A 463 25.30 19.91 36.78
C SER A 463 24.66 20.53 35.55
N GLY A 464 25.33 21.52 35.01
CA GLY A 464 24.98 22.13 33.74
C GLY A 464 26.03 21.74 32.71
N PHE A 465 25.60 21.63 31.46
CA PHE A 465 26.45 21.13 30.39
C PHE A 465 26.67 22.21 29.36
N VAL A 466 27.91 22.63 29.20
CA VAL A 466 28.29 23.61 28.18
C VAL A 466 28.77 22.85 26.94
N PRO A 467 28.24 23.16 25.76
CA PRO A 467 28.74 22.52 24.54
C PRO A 467 30.12 23.04 24.20
N TYR A 468 31.09 22.14 24.20
CA TYR A 468 32.42 22.44 23.67
C TYR A 468 32.35 22.36 22.16
N LEU A 469 32.45 23.52 21.51
CA LEU A 469 32.30 23.64 20.06
C LEU A 469 33.57 23.15 19.37
N GLN A 470 33.65 23.38 18.05
CA GLN A 470 34.81 22.95 17.28
C GLN A 470 36.04 23.79 17.59
N GLY A 471 36.00 25.07 17.21
CA GLY A 471 37.10 25.95 17.49
C GLY A 471 36.83 26.82 18.70
N GLY A 472 37.37 26.42 19.84
CA GLY A 472 37.11 27.14 21.06
C GLY A 472 37.76 26.45 22.23
N ARG A 473 37.57 27.04 23.40
CA ARG A 473 38.19 26.54 24.61
C ARG A 473 37.12 25.93 25.51
N PRO A 474 37.32 24.74 26.02
CA PRO A 474 36.34 24.13 26.91
C PRO A 474 36.39 24.74 28.31
N VAL A 475 35.31 24.55 29.04
CA VAL A 475 35.19 25.03 30.42
C VAL A 475 34.51 23.96 31.25
N GLY A 476 35.07 23.68 32.42
CA GLY A 476 34.54 22.67 33.32
C GLY A 476 35.66 21.86 33.95
N GLU A 477 35.38 21.29 35.11
CA GLU A 477 36.34 20.40 35.74
C GLU A 477 36.41 19.06 35.02
N GLN A 478 35.30 18.66 34.41
CA GLN A 478 35.16 17.36 33.77
C GLN A 478 34.68 17.59 32.35
N ILE A 479 35.39 17.05 31.37
CA ILE A 479 35.10 17.30 29.97
C ILE A 479 34.76 15.98 29.30
N LEU A 480 33.49 15.82 28.91
CA LEU A 480 33.06 14.67 28.14
C LEU A 480 33.41 14.89 26.68
N VAL A 481 34.04 13.91 26.05
CA VAL A 481 34.55 14.04 24.69
C VAL A 481 34.03 12.87 23.85
N LYS A 482 33.38 13.17 22.73
CA LYS A 482 32.67 12.16 21.97
C LYS A 482 33.54 11.54 20.89
N ASN A 483 33.45 10.22 20.78
CA ASN A 483 33.92 9.40 19.65
C ASN A 483 35.42 9.50 19.39
N THR A 484 36.21 9.84 20.41
CA THR A 484 37.65 9.76 20.27
C THR A 484 38.26 9.52 21.63
N LEU A 485 39.55 9.20 21.63
CA LEU A 485 40.27 8.87 22.86
C LEU A 485 41.51 9.73 23.03
N ASN A 486 41.52 10.92 22.43
CA ASN A 486 42.67 11.82 22.46
C ASN A 486 42.26 13.18 23.02
N PRO A 487 42.79 13.58 24.16
CA PRO A 487 42.51 14.92 24.72
C PRO A 487 43.38 16.03 24.13
N GLY A 488 43.02 16.48 22.93
CA GLY A 488 43.85 17.43 22.22
C GLY A 488 43.90 18.82 22.79
N GLU A 489 42.79 19.56 22.69
CA GLU A 489 42.72 20.95 23.08
C GLU A 489 42.23 21.13 24.52
N ILE A 490 42.37 20.11 25.35
CA ILE A 490 41.84 20.08 26.70
C ILE A 490 42.92 20.55 27.67
N PRO A 491 42.58 21.36 28.68
CA PRO A 491 43.57 21.73 29.71
C PRO A 491 44.11 20.52 30.46
N GLU A 492 45.30 20.70 31.02
CA GLU A 492 45.98 19.62 31.72
C GLU A 492 45.34 19.31 33.06
N SER A 493 44.63 20.26 33.65
CA SER A 493 44.02 20.06 34.95
C SER A 493 42.60 19.51 34.87
N ALA A 494 41.98 19.55 33.70
CA ALA A 494 40.61 19.11 33.55
C ALA A 494 40.53 17.60 33.40
N GLN A 495 39.55 17.00 34.07
CA GLN A 495 39.38 15.55 34.02
C GLN A 495 38.82 15.13 32.66
N PHE A 496 39.42 14.11 32.08
CA PHE A 496 39.08 13.64 30.74
C PHE A 496 38.20 12.40 30.85
N VAL A 497 37.01 12.48 30.27
CA VAL A 497 36.06 11.36 30.24
C VAL A 497 35.65 11.14 28.78
N PRO A 498 36.13 10.11 28.11
CA PRO A 498 35.65 9.84 26.75
C PRO A 498 34.38 9.02 26.76
N TYR A 499 33.53 9.29 25.78
CA TYR A 499 32.37 8.45 25.53
C TYR A 499 32.25 8.26 24.03
N PHE A 500 31.32 7.40 23.64
CA PHE A 500 31.11 7.07 22.25
C PHE A 500 29.63 7.16 21.94
N VAL A 501 29.32 7.53 20.71
CA VAL A 501 27.93 7.59 20.26
C VAL A 501 27.90 7.34 18.77
N ALA A 502 26.91 6.55 18.33
CA ALA A 502 26.65 6.42 16.91
C ALA A 502 26.00 7.71 16.46
N ASP A 503 26.68 8.45 15.59
CA ASP A 503 26.28 9.81 15.30
C ASP A 503 26.23 10.09 13.80
N TYR A 504 25.94 9.08 12.99
CA TYR A 504 25.83 9.33 11.55
C TYR A 504 24.55 10.09 11.27
N PHE A 505 24.63 11.03 10.33
CA PHE A 505 23.48 11.83 9.96
C PHE A 505 23.68 12.29 8.52
N LYS A 506 22.61 12.18 7.74
CA LYS A 506 22.60 12.80 6.42
C LYS A 506 22.52 14.31 6.57
N LYS A 507 23.45 15.01 5.92
CA LYS A 507 23.41 16.44 5.98
C LYS A 507 22.45 17.01 4.94
N ASP A 508 21.98 18.21 5.22
CA ASP A 508 21.22 19.03 4.27
C ASP A 508 22.24 19.68 3.32
N PRO A 509 21.80 20.53 2.38
CA PRO A 509 22.79 21.34 1.64
C PRO A 509 23.68 22.24 2.50
N LYS A 510 23.29 22.55 3.72
CA LYS A 510 24.19 23.19 4.69
C LYS A 510 24.88 22.12 5.53
N GLY A 511 25.56 22.51 6.60
CA GLY A 511 26.18 21.53 7.47
C GLY A 511 25.33 21.12 8.65
N GLY A 512 24.14 20.59 8.41
CA GLY A 512 23.21 20.28 9.48
C GLY A 512 22.63 18.89 9.35
N VAL A 513 21.37 18.75 9.79
CA VAL A 513 20.66 17.48 9.80
C VAL A 513 19.49 17.61 8.81
N ALA A 514 19.23 16.55 8.06
CA ALA A 514 18.16 16.55 7.07
C ALA A 514 16.80 16.40 7.75
N THR A 515 15.77 16.16 6.96
CA THR A 515 14.39 16.36 7.37
C THR A 515 13.62 15.06 7.13
N PHE A 516 12.40 14.97 7.67
CA PHE A 516 11.51 13.88 7.26
C PHE A 516 11.04 14.05 5.82
N GLU A 517 11.14 15.26 5.26
CA GLU A 517 10.87 15.46 3.85
C GLU A 517 12.10 15.31 2.97
N GLU A 518 13.28 15.67 3.46
CA GLU A 518 14.48 15.56 2.63
C GLU A 518 14.95 14.12 2.50
N LEU A 519 14.84 13.33 3.58
CA LEU A 519 15.22 11.92 3.52
C LEU A 519 14.26 11.14 2.65
N SER A 520 13.01 11.59 2.57
CA SER A 520 12.00 10.87 1.80
C SER A 520 12.00 11.24 0.33
N MET A 521 12.82 12.21 -0.09
CA MET A 521 12.86 12.58 -1.50
C MET A 521 14.05 12.01 -2.24
N ALA A 522 15.06 11.49 -1.54
CA ALA A 522 16.18 10.86 -2.19
C ALA A 522 16.04 9.34 -2.21
N SER A 523 14.81 8.85 -2.17
CA SER A 523 14.52 7.43 -2.22
C SER A 523 13.99 7.04 -3.59
N THR A 524 14.42 5.89 -4.07
CA THR A 524 14.01 5.37 -5.37
C THR A 524 12.55 4.98 -5.36
N GLY A 525 11.77 5.52 -6.28
CA GLY A 525 10.39 5.10 -6.41
C GLY A 525 9.46 5.92 -5.56
N THR A 526 8.68 5.24 -4.72
CA THR A 526 7.69 5.96 -3.92
C THR A 526 8.37 6.75 -2.81
N ARG A 527 7.75 7.87 -2.45
CA ARG A 527 8.36 8.80 -1.50
C ARG A 527 7.78 8.57 -0.11
N ARG A 528 8.21 7.45 0.47
CA ARG A 528 7.90 7.07 1.83
C ARG A 528 9.14 7.23 2.70
N LEU A 529 8.92 7.18 4.01
CA LEU A 529 9.99 7.31 5.00
C LEU A 529 10.19 5.97 5.67
N GLY A 530 11.42 5.46 5.63
CA GLY A 530 11.73 4.13 6.14
C GLY A 530 12.37 4.19 7.51
N VAL A 531 11.91 3.32 8.39
CA VAL A 531 12.25 3.32 9.81
C VAL A 531 12.63 1.89 10.20
N MET A 532 13.82 1.70 10.75
CA MET A 532 14.13 0.42 11.35
C MET A 532 14.42 0.57 12.84
N LYS A 533 14.08 -0.47 13.58
CA LYS A 533 14.27 -0.51 15.02
C LYS A 533 14.64 -1.93 15.41
N GLY A 534 15.85 -2.11 15.92
CA GLY A 534 16.36 -3.43 16.19
C GLY A 534 17.03 -3.53 17.54
N ASP A 535 17.27 -4.77 17.97
CA ASP A 535 17.99 -5.05 19.20
C ASP A 535 18.52 -6.47 19.16
N VAL A 536 19.53 -6.73 19.97
CA VAL A 536 20.14 -8.06 20.08
C VAL A 536 19.21 -8.95 20.88
N ASP A 537 19.11 -10.21 20.50
CA ASP A 537 18.15 -11.12 21.07
C ASP A 537 18.80 -12.08 22.04
N ARG A 538 18.12 -12.33 23.17
CA ARG A 538 18.59 -13.15 24.28
C ARG A 538 19.94 -12.66 24.79
N LEU A 539 20.04 -11.35 25.00
CA LEU A 539 21.29 -10.73 25.44
C LEU A 539 21.48 -10.81 26.94
N GLY A 540 20.39 -10.84 27.70
CA GLY A 540 20.50 -10.99 29.14
C GLY A 540 21.07 -12.33 29.55
N GLU A 541 20.83 -13.36 28.75
CA GLU A 541 21.46 -14.65 28.98
C GLU A 541 22.95 -14.63 28.65
N PHE A 542 23.37 -13.76 27.73
CA PHE A 542 24.77 -13.70 27.38
C PHE A 542 25.59 -13.07 28.51
N PHE A 543 25.11 -11.94 29.05
CA PHE A 543 25.83 -11.27 30.11
C PHE A 543 25.72 -12.00 31.45
N SER A 544 24.74 -12.88 31.60
CA SER A 544 24.67 -13.71 32.80
C SER A 544 25.68 -14.84 32.77
N SER A 545 26.24 -15.15 31.61
CA SER A 545 27.27 -16.19 31.52
C SER A 545 28.60 -15.74 32.07
N MET A 546 28.85 -14.43 32.14
CA MET A 546 30.10 -13.91 32.63
C MET A 546 30.21 -14.09 34.14
N ASP A 547 31.30 -14.70 34.59
CA ASP A 547 31.45 -15.14 35.97
C ASP A 547 32.40 -14.29 36.79
N SER A 548 33.06 -13.31 36.19
CA SER A 548 34.05 -12.49 36.87
C SER A 548 33.92 -11.08 36.35
N PRO A 549 34.27 -10.07 37.17
CA PRO A 549 34.06 -8.68 36.72
C PRO A 549 34.97 -8.25 35.57
N SER A 550 36.13 -8.88 35.38
CA SER A 550 36.94 -8.58 34.21
C SER A 550 36.34 -9.19 32.96
N LYS A 551 35.59 -10.28 33.11
CA LYS A 551 34.97 -10.91 31.96
C LYS A 551 33.71 -10.19 31.54
N LEU A 552 32.95 -9.64 32.51
CA LEU A 552 31.81 -8.81 32.18
C LEU A 552 32.25 -7.50 31.54
N ALA A 553 33.36 -6.93 32.01
CA ALA A 553 33.86 -5.67 31.48
C ALA A 553 34.40 -5.80 30.07
N THR A 554 34.69 -7.02 29.62
CA THR A 554 35.11 -7.21 28.23
C THR A 554 33.90 -7.40 27.32
N ALA A 555 32.95 -8.23 27.73
CA ALA A 555 31.78 -8.51 26.91
C ALA A 555 30.85 -7.31 26.78
N SER A 556 30.91 -6.37 27.72
CA SER A 556 30.08 -5.19 27.68
C SER A 556 30.76 -4.01 27.02
N ARG A 557 32.06 -4.09 26.74
CA ARG A 557 32.67 -3.10 25.86
C ARG A 557 32.55 -3.50 24.40
N PHE A 558 32.72 -4.79 24.10
CA PHE A 558 32.71 -5.23 22.71
C PHE A 558 31.32 -5.15 22.12
N MET A 559 30.30 -5.47 22.91
CA MET A 559 28.93 -5.29 22.44
C MET A 559 28.59 -3.81 22.32
N ASP A 560 29.16 -2.98 23.20
CA ASP A 560 28.91 -1.55 23.12
C ASP A 560 29.57 -0.95 21.88
N TYR A 561 30.75 -1.45 21.51
CA TYR A 561 31.49 -0.89 20.39
C TYR A 561 30.86 -1.19 19.03
N PHE A 562 30.01 -2.22 18.93
CA PHE A 562 29.41 -2.48 17.62
C PHE A 562 28.34 -1.44 17.30
N PHE A 563 27.59 -1.02 18.30
CA PHE A 563 26.50 -0.09 18.09
C PHE A 563 26.92 1.34 18.34
N LYS A 564 28.20 1.58 18.60
CA LYS A 564 28.73 2.92 18.81
C LYS A 564 29.73 3.32 17.75
N GLY A 565 30.69 2.46 17.45
CA GLY A 565 31.71 2.81 16.49
C GLY A 565 31.60 2.07 15.18
N TYR A 566 31.28 0.79 15.23
CA TYR A 566 31.31 0.00 14.01
C TYR A 566 30.00 0.04 13.25
N ILE A 567 28.93 0.57 13.82
CA ILE A 567 27.74 0.78 13.00
C ILE A 567 27.89 2.02 12.14
N GLY A 568 28.85 2.88 12.44
CA GLY A 568 29.14 3.98 11.55
C GLY A 568 29.86 3.52 10.31
N ALA A 569 30.83 2.62 10.46
CA ALA A 569 31.62 2.11 9.35
C ALA A 569 30.87 1.09 8.51
N ILE A 570 29.68 0.68 8.91
CA ILE A 570 28.83 -0.10 8.01
C ILE A 570 28.10 0.82 7.05
N ILE A 571 27.63 1.97 7.54
CA ILE A 571 26.97 2.94 6.69
C ILE A 571 27.99 3.59 5.76
N GLU A 572 29.25 3.64 6.15
CA GLU A 572 30.33 4.17 5.32
C GLU A 572 30.74 3.24 4.18
N GLY A 573 30.00 2.17 3.92
CA GLY A 573 30.27 1.31 2.78
C GLY A 573 31.47 0.42 2.91
N LYS A 574 32.02 0.26 4.12
CA LYS A 574 33.20 -0.58 4.28
C LYS A 574 32.79 -2.05 4.37
N PHE A 575 33.82 -2.90 4.49
CA PHE A 575 33.72 -4.29 4.96
C PHE A 575 32.98 -5.17 3.94
N GLY A 576 33.36 -5.04 2.67
CA GLY A 576 32.65 -5.72 1.61
C GLY A 576 32.91 -7.21 1.55
N TYR A 577 34.09 -7.65 2.00
CA TYR A 577 34.36 -9.09 2.09
C TYR A 577 33.51 -9.75 3.16
N ILE A 578 33.15 -8.99 4.19
CA ILE A 578 32.44 -9.53 5.34
C ILE A 578 30.93 -9.49 5.11
N ILE A 579 30.44 -8.45 4.44
CA ILE A 579 29.01 -8.31 4.23
C ILE A 579 28.56 -9.12 3.02
N GLY A 580 29.06 -8.79 1.84
CA GLY A 580 28.80 -9.59 0.66
C GLY A 580 27.59 -9.12 -0.10
N ASP A 581 26.71 -10.06 -0.45
CA ASP A 581 25.57 -9.79 -1.32
C ASP A 581 24.31 -9.68 -0.48
N VAL A 582 23.71 -8.50 -0.45
CA VAL A 582 22.53 -8.24 0.37
C VAL A 582 21.45 -7.71 -0.57
N PRO A 583 20.17 -7.86 -0.20
CA PRO A 583 19.11 -7.31 -1.04
C PRO A 583 19.08 -5.79 -1.11
N SER A 584 19.57 -5.29 -2.23
CA SER A 584 19.69 -3.87 -2.51
C SER A 584 18.75 -3.49 -3.62
N LEU A 585 18.01 -2.40 -3.45
CA LEU A 585 17.20 -1.89 -4.54
C LEU A 585 18.06 -1.07 -5.49
N ARG A 586 18.73 -0.05 -4.97
CA ARG A 586 19.70 0.72 -5.72
C ARG A 586 21.09 0.48 -5.17
N ASP A 587 22.09 0.73 -6.01
CA ASP A 587 23.47 0.50 -5.62
C ASP A 587 23.91 1.51 -4.57
N TRP A 588 24.95 1.14 -3.81
CA TRP A 588 25.23 1.77 -2.53
C TRP A 588 25.88 3.12 -2.72
N PRO A 589 25.31 4.19 -2.19
CA PRO A 589 25.85 5.53 -2.45
C PRO A 589 27.09 5.82 -1.64
N GLU A 590 27.82 6.85 -2.08
CA GLU A 590 28.99 7.31 -1.34
C GLU A 590 28.59 8.00 -0.04
N GLU A 591 27.48 8.72 -0.05
CA GLU A 591 26.91 9.33 1.14
C GLU A 591 25.48 8.83 1.34
N PRO A 592 25.25 7.87 2.21
CA PRO A 592 23.88 7.40 2.46
C PRO A 592 23.05 8.43 3.18
N ASP A 593 21.75 8.47 2.85
CA ASP A 593 20.83 9.37 3.52
C ASP A 593 20.16 8.66 4.69
N ILE A 594 20.92 8.56 5.77
CA ILE A 594 20.59 7.79 6.95
C ILE A 594 20.77 8.71 8.14
N VAL A 595 19.79 8.77 9.03
CA VAL A 595 19.90 9.54 10.26
C VAL A 595 19.74 8.57 11.42
N VAL A 596 20.84 8.26 12.09
CA VAL A 596 20.82 7.34 13.23
C VAL A 596 20.26 8.10 14.42
N VAL A 597 18.98 7.88 14.74
CA VAL A 597 18.35 8.58 15.86
C VAL A 597 18.92 8.12 17.18
N TYR A 598 19.16 6.82 17.31
CA TYR A 598 19.59 6.23 18.56
C TYR A 598 20.28 4.92 18.25
N ALA A 599 21.34 4.60 18.98
CA ALA A 599 21.96 3.29 18.93
C ALA A 599 22.67 3.10 20.27
N GLY A 600 22.11 2.26 21.12
CA GLY A 600 22.43 2.32 22.54
C GLY A 600 23.46 1.36 23.07
N GLY A 601 23.57 0.17 22.48
CA GLY A 601 24.39 -0.88 23.05
C GLY A 601 23.78 -2.24 22.77
N ASP A 602 22.47 -2.31 22.73
CA ASP A 602 21.79 -3.36 21.99
C ASP A 602 20.79 -2.79 21.01
N ASP A 603 20.09 -1.75 21.39
CA ASP A 603 18.97 -1.21 20.65
C ASP A 603 19.48 -0.18 19.66
N PHE A 604 18.80 -0.08 18.53
CA PHE A 604 19.10 0.97 17.57
C PHE A 604 17.81 1.32 16.86
N PHE A 605 17.56 2.62 16.70
CA PHE A 605 16.41 3.14 15.99
C PHE A 605 16.95 4.08 14.93
N ILE A 606 16.91 3.64 13.68
CA ILE A 606 17.52 4.38 12.58
C ILE A 606 16.42 4.70 11.57
N VAL A 607 16.34 5.98 11.18
CA VAL A 607 15.44 6.42 10.11
C VAL A 607 16.29 6.91 8.94
N GLY A 608 15.67 6.93 7.77
CA GLY A 608 16.38 7.32 6.56
C GLY A 608 15.51 7.15 5.34
N ALA A 609 16.18 6.97 4.20
CA ALA A 609 15.45 6.65 2.98
C ALA A 609 15.01 5.20 3.03
N TRP A 610 13.78 4.95 2.59
CA TRP A 610 13.18 3.63 2.79
C TRP A 610 13.83 2.55 1.94
N ASP A 611 14.55 2.93 0.89
CA ASP A 611 15.33 1.99 0.11
C ASP A 611 16.66 1.67 0.77
N GLN A 612 17.19 2.58 1.58
CA GLN A 612 18.46 2.32 2.21
C GLN A 612 18.32 1.87 3.65
N ILE A 613 17.17 2.12 4.27
CA ILE A 613 16.84 1.47 5.53
C ILE A 613 16.59 0.00 5.29
N PHE A 614 16.03 -0.34 4.13
CA PHE A 614 15.80 -1.74 3.79
C PHE A 614 17.12 -2.49 3.60
N GLU A 615 18.05 -1.90 2.86
CA GLU A 615 19.31 -2.59 2.59
C GLU A 615 20.19 -2.65 3.83
N LEU A 616 20.17 -1.60 4.66
CA LEU A 616 21.09 -1.53 5.78
C LEU A 616 20.76 -2.56 6.85
N ALA A 617 19.48 -2.94 6.96
CA ALA A 617 19.08 -3.94 7.95
C ALA A 617 19.68 -5.30 7.64
N PHE A 618 19.91 -5.60 6.38
CA PHE A 618 20.63 -6.81 6.00
C PHE A 618 22.13 -6.62 6.06
N ARG A 619 22.57 -5.38 6.05
CA ARG A 619 23.99 -5.04 6.09
C ARG A 619 24.49 -4.91 7.52
N VAL A 620 23.62 -4.50 8.44
CA VAL A 620 23.94 -4.53 9.87
C VAL A 620 23.91 -5.97 10.37
N ARG A 621 22.97 -6.77 9.87
CA ARG A 621 22.81 -8.14 10.33
C ARG A 621 24.00 -9.01 9.95
N ARG A 622 24.51 -8.85 8.74
CA ARG A 622 25.62 -9.69 8.30
C ARG A 622 26.91 -9.32 9.01
N ALA A 623 27.12 -8.04 9.31
CA ALA A 623 28.32 -7.64 10.01
C ALA A 623 28.26 -8.03 11.47
N PHE A 624 27.06 -7.98 12.07
CA PHE A 624 26.91 -8.44 13.46
C PHE A 624 27.01 -9.95 13.54
N ASN A 625 26.68 -10.65 12.45
CA ASN A 625 26.88 -12.09 12.36
C ASN A 625 28.35 -12.44 12.42
N ALA A 626 29.21 -11.59 11.89
CA ALA A 626 30.63 -11.88 11.85
C ALA A 626 31.44 -11.14 12.89
N TYR A 627 30.91 -10.07 13.47
CA TYR A 627 31.57 -9.45 14.62
C TYR A 627 31.54 -10.39 15.81
N THR A 628 30.43 -11.10 15.99
CA THR A 628 30.38 -12.20 16.92
C THR A 628 30.90 -13.45 16.22
N GLY A 629 30.77 -14.60 16.86
CA GLY A 629 31.15 -15.82 16.20
C GLY A 629 29.96 -16.55 15.61
N GLY A 630 28.99 -15.80 15.13
CA GLY A 630 27.76 -16.40 14.67
C GLY A 630 26.84 -16.89 15.76
N LYS A 631 26.97 -16.36 16.97
CA LYS A 631 26.21 -16.85 18.11
C LYS A 631 25.07 -15.94 18.53
N LEU A 632 25.18 -14.65 18.28
CA LEU A 632 24.14 -13.71 18.64
C LEU A 632 23.42 -13.22 17.39
N THR A 633 22.14 -12.94 17.53
CA THR A 633 21.24 -12.64 16.43
C THR A 633 20.76 -11.19 16.54
N LEU A 634 20.01 -10.76 15.55
CA LEU A 634 19.25 -9.51 15.59
C LEU A 634 17.79 -9.79 15.32
N SER A 635 17.00 -8.73 15.39
CA SER A 635 15.60 -8.75 14.97
C SER A 635 15.25 -7.32 14.63
N VAL A 636 14.69 -7.09 13.45
CA VAL A 636 14.47 -5.76 12.95
C VAL A 636 13.01 -5.64 12.53
N GLY A 637 12.33 -4.63 13.05
CA GLY A 637 11.06 -4.20 12.47
C GLY A 637 11.33 -3.12 11.43
N LEU A 638 10.53 -3.12 10.37
CA LEU A 638 10.68 -2.14 9.31
C LEU A 638 9.32 -1.56 8.97
N GLY A 639 9.25 -0.25 8.91
CA GLY A 639 8.03 0.44 8.53
C GLY A 639 8.31 1.37 7.38
N TYR A 640 7.26 1.65 6.62
CA TYR A 640 7.33 2.60 5.51
C TYR A 640 6.14 3.52 5.68
N PHE A 641 6.41 4.80 5.89
CA PHE A 641 5.41 5.72 6.40
C PHE A 641 5.31 6.94 5.51
N ASP A 642 4.22 7.67 5.68
CA ASP A 642 4.12 9.00 5.09
C ASP A 642 5.08 9.93 5.81
N GLU A 643 5.46 11.00 5.11
CA GLU A 643 6.35 12.01 5.68
C GLU A 643 5.68 12.72 6.86
N ARG A 644 4.45 13.17 6.58
CA ARG A 644 3.61 13.95 7.52
C ARG A 644 2.85 13.02 8.46
N THR A 645 3.56 12.12 9.11
CA THR A 645 3.06 11.26 10.16
C THR A 645 3.71 11.68 11.47
N PRO A 646 2.96 11.76 12.56
CA PRO A 646 3.57 12.07 13.85
C PRO A 646 4.54 10.98 14.27
N ILE A 647 5.70 11.39 14.76
CA ILE A 647 6.80 10.47 15.03
C ILE A 647 6.50 9.54 16.19
N TYR A 648 5.62 9.92 17.12
CA TYR A 648 5.24 8.98 18.17
C TYR A 648 4.38 7.85 17.62
N ARG A 649 3.81 8.02 16.43
CA ARG A 649 3.08 6.98 15.76
C ARG A 649 3.99 6.09 14.92
N MET A 650 5.04 6.66 14.31
CA MET A 650 6.03 5.82 13.63
C MET A 650 6.86 5.00 14.61
N ALA A 651 6.98 5.42 15.86
CA ALA A 651 7.64 4.57 16.82
C ALA A 651 6.72 3.47 17.32
N ASP A 652 5.45 3.80 17.59
CA ASP A 652 4.53 2.80 18.14
C ASP A 652 4.14 1.74 17.12
N VAL A 653 4.34 1.99 15.82
CA VAL A 653 4.08 0.96 14.82
C VAL A 653 5.28 0.02 14.70
N VAL A 654 6.48 0.60 14.57
CA VAL A 654 7.68 -0.21 14.37
C VAL A 654 8.07 -0.92 15.67
N SER A 655 7.68 -0.40 16.82
CA SER A 655 7.86 -1.15 18.06
C SER A 655 6.94 -2.36 18.11
N GLU A 656 5.81 -2.31 17.41
CA GLU A 656 4.96 -3.48 17.31
C GLU A 656 5.47 -4.43 16.23
N ARG A 657 6.02 -3.88 15.15
CA ARG A 657 6.63 -4.74 14.13
C ARG A 657 7.94 -5.35 14.58
N LEU A 658 8.60 -4.76 15.58
CA LEU A 658 9.75 -5.39 16.20
C LEU A 658 9.32 -6.49 17.15
N ASP A 659 8.28 -6.26 17.94
CA ASP A 659 7.86 -7.26 18.91
C ASP A 659 7.12 -8.42 18.25
N THR A 660 6.58 -8.20 17.06
CA THR A 660 6.01 -9.30 16.29
C THR A 660 7.12 -10.21 15.75
N ALA A 661 8.25 -9.64 15.36
CA ALA A 661 9.40 -10.46 14.99
C ALA A 661 10.10 -11.07 16.19
N LYS A 662 9.80 -10.60 17.40
CA LYS A 662 10.53 -11.00 18.58
C LYS A 662 9.89 -12.13 19.34
N ASP A 663 8.57 -12.26 19.30
CA ASP A 663 7.91 -13.38 19.94
C ASP A 663 7.76 -14.59 19.03
N GLU A 664 8.38 -14.58 17.86
CA GLU A 664 8.27 -15.68 16.91
C GLU A 664 9.54 -16.52 16.83
N GLY A 665 10.68 -15.91 16.54
CA GLY A 665 11.89 -16.69 16.47
C GLY A 665 13.17 -16.08 16.99
N ARG A 666 13.19 -14.76 17.18
CA ARG A 666 14.34 -13.96 17.61
C ARG A 666 15.57 -14.12 16.72
N ASN A 667 15.41 -14.48 15.45
CA ASN A 667 16.47 -14.31 14.46
C ASN A 667 15.82 -13.94 13.13
N ARG A 668 14.89 -13.00 13.16
CA ARG A 668 14.04 -12.81 12.00
C ARG A 668 13.63 -11.35 11.86
N VAL A 669 13.38 -10.95 10.62
CA VAL A 669 13.12 -9.57 10.25
C VAL A 669 11.64 -9.41 9.88
N PHE A 670 11.07 -8.27 10.24
CA PHE A 670 9.76 -7.86 9.75
C PHE A 670 10.05 -6.91 8.60
N VAL A 671 9.56 -7.22 7.40
CA VAL A 671 9.98 -6.42 6.26
C VAL A 671 8.89 -5.45 5.81
N VAL A 672 7.72 -5.96 5.49
CA VAL A 672 6.65 -5.13 4.97
C VAL A 672 5.34 -5.63 5.57
N GLY A 673 4.41 -4.71 5.79
CA GLY A 673 3.12 -5.10 6.33
C GLY A 673 2.37 -5.98 5.35
N ARG A 674 1.75 -7.04 5.85
CA ARG A 674 1.37 -8.11 4.96
C ARG A 674 0.10 -8.77 5.45
N SER A 675 -0.74 -9.19 4.52
CA SER A 675 -1.98 -9.88 4.82
C SER A 675 -1.74 -11.39 4.93
N ARG A 676 -2.36 -12.01 5.92
CA ARG A 676 -2.23 -13.43 6.15
C ARG A 676 -3.46 -13.92 6.91
N PRO A 677 -3.84 -15.19 6.73
CA PRO A 677 -5.03 -15.68 7.42
C PRO A 677 -4.79 -15.92 8.90
N LEU A 678 -5.87 -15.85 9.67
CA LEU A 678 -5.82 -15.94 11.13
C LEU A 678 -5.79 -17.37 11.66
N ASP A 679 -5.39 -18.34 10.84
CA ASP A 679 -5.36 -19.74 11.24
C ASP A 679 -4.20 -20.09 12.15
N GLY A 680 -3.25 -19.17 12.35
CA GLY A 680 -2.11 -19.42 13.20
C GLY A 680 -0.97 -20.15 12.53
N LYS A 681 -1.13 -20.55 11.27
CA LYS A 681 -0.10 -21.28 10.55
C LYS A 681 0.80 -20.38 9.74
N HIS A 682 0.49 -19.08 9.66
CA HIS A 682 1.23 -18.15 8.82
C HIS A 682 1.75 -17.03 9.70
N LYS A 683 3.02 -16.65 9.50
CA LYS A 683 3.63 -15.61 10.32
C LYS A 683 4.19 -14.51 9.43
N LEU A 684 4.02 -13.26 9.86
CA LEU A 684 4.22 -12.11 9.00
C LEU A 684 5.69 -11.81 8.74
N SER A 685 6.58 -12.32 9.57
CA SER A 685 7.98 -11.94 9.56
C SER A 685 8.85 -13.02 8.94
N TYR A 686 9.85 -12.59 8.17
CA TYR A 686 10.78 -13.49 7.53
C TYR A 686 12.00 -13.75 8.41
N GLU A 687 12.48 -14.98 8.40
CA GLU A 687 13.79 -15.27 8.94
C GLU A 687 14.84 -14.66 8.01
N TRP A 688 16.04 -14.39 8.56
CA TRP A 688 17.04 -13.66 7.79
C TRP A 688 17.55 -14.47 6.61
N ASN A 689 17.92 -15.73 6.82
CA ASN A 689 18.42 -16.51 5.69
C ASN A 689 17.32 -16.93 4.74
N HIS A 690 16.07 -16.92 5.18
CA HIS A 690 14.97 -17.25 4.28
C HIS A 690 14.73 -16.11 3.30
N TYR A 691 14.62 -14.87 3.80
CA TYR A 691 14.36 -13.74 2.91
C TYR A 691 15.54 -13.45 2.01
N GLU A 692 16.75 -13.64 2.52
CA GLU A 692 17.94 -13.36 1.74
C GLU A 692 18.22 -14.45 0.71
N GLU A 693 17.56 -15.60 0.83
CA GLU A 693 17.56 -16.61 -0.23
C GLU A 693 16.38 -16.44 -1.17
N LEU A 694 15.23 -15.97 -0.68
CA LEU A 694 14.14 -15.56 -1.55
C LEU A 694 14.52 -14.39 -2.44
N TRP A 695 15.48 -13.57 -2.03
CA TRP A 695 15.89 -12.47 -2.88
C TRP A 695 16.88 -12.91 -3.95
N ARG A 696 17.73 -13.89 -3.67
CA ARG A 696 18.67 -14.32 -4.69
C ARG A 696 18.03 -15.19 -5.76
N THR A 697 16.81 -15.65 -5.55
CA THR A 697 16.10 -16.38 -6.59
C THR A 697 15.18 -15.46 -7.39
N TYR A 698 14.34 -14.67 -6.70
CA TYR A 698 13.24 -14.01 -7.37
C TYR A 698 13.56 -12.61 -7.86
N ALA A 699 14.53 -11.95 -7.26
CA ALA A 699 14.89 -10.61 -7.71
C ALA A 699 15.80 -10.51 -8.94
N PRO A 700 16.83 -11.34 -9.16
CA PRO A 700 17.61 -11.19 -10.40
C PRO A 700 16.88 -11.56 -11.68
N ARG A 701 15.67 -12.12 -11.60
CA ARG A 701 14.91 -12.43 -12.80
C ARG A 701 13.86 -11.38 -13.13
N ILE A 702 13.46 -10.54 -12.19
CA ILE A 702 12.45 -9.52 -12.44
C ILE A 702 12.96 -8.11 -12.21
N TYR A 703 14.17 -7.94 -11.69
CA TYR A 703 14.64 -6.62 -11.27
C TYR A 703 16.07 -6.43 -11.75
N ALA A 704 16.36 -5.25 -12.29
CA ALA A 704 17.64 -5.00 -12.94
C ALA A 704 18.58 -4.12 -12.14
N GLY A 705 18.06 -3.38 -11.16
CA GLY A 705 18.87 -2.45 -10.41
C GLY A 705 18.44 -1.03 -10.74
N ASN A 706 18.44 -0.17 -9.71
CA ASN A 706 18.19 1.28 -9.83
C ASN A 706 16.79 1.58 -10.39
N GLY A 707 15.79 0.92 -9.83
CA GLY A 707 14.42 1.32 -10.09
C GLY A 707 13.85 0.94 -11.43
N ARG A 708 14.48 0.03 -12.16
CA ARG A 708 13.99 -0.43 -13.45
C ARG A 708 13.82 -1.95 -13.42
N LEU A 709 12.91 -2.44 -14.24
CA LEU A 709 12.65 -3.87 -14.33
C LEU A 709 13.57 -4.49 -15.37
N LYS A 710 13.35 -5.76 -15.69
CA LYS A 710 14.17 -6.45 -16.67
C LYS A 710 13.57 -6.30 -18.06
N GLY A 711 14.19 -6.96 -19.03
CA GLY A 711 13.56 -7.12 -20.32
C GLY A 711 12.36 -8.04 -20.22
N LYS A 712 11.40 -7.84 -21.13
CA LYS A 712 10.13 -8.55 -21.28
C LYS A 712 9.21 -8.39 -20.08
N LEU A 713 9.49 -7.46 -19.17
CA LEU A 713 8.58 -7.13 -18.07
C LEU A 713 8.38 -5.62 -17.96
N GLU A 714 9.08 -4.85 -18.79
CA GLU A 714 8.81 -3.41 -18.89
C GLU A 714 7.40 -3.19 -19.40
N SER A 715 6.69 -2.24 -18.77
CA SER A 715 5.27 -1.97 -19.01
C SER A 715 4.43 -3.22 -18.80
N LYS A 716 4.76 -3.99 -17.76
CA LYS A 716 4.02 -5.20 -17.44
C LYS A 716 3.81 -5.32 -15.93
N LYS A 717 3.61 -4.18 -15.25
CA LYS A 717 3.26 -4.21 -13.84
C LYS A 717 1.87 -4.79 -13.64
N GLY A 718 1.02 -4.71 -14.67
CA GLY A 718 -0.31 -5.29 -14.60
C GLY A 718 -0.28 -6.79 -14.45
N LEU A 719 0.80 -7.43 -14.88
CA LEU A 719 1.08 -8.80 -14.45
C LEU A 719 1.26 -8.88 -12.94
N LEU A 720 1.99 -7.93 -12.36
CA LEU A 720 2.50 -8.11 -11.01
C LEU A 720 1.47 -7.72 -9.96
N TRP A 721 0.67 -6.69 -10.23
CA TRP A 721 -0.38 -6.32 -9.28
C TRP A 721 -1.49 -7.36 -9.24
N LYS A 722 -1.81 -7.95 -10.40
CA LYS A 722 -2.78 -9.03 -10.42
C LYS A 722 -2.21 -10.29 -9.82
N LEU A 723 -0.88 -10.45 -9.88
CA LEU A 723 -0.22 -11.57 -9.23
C LEU A 723 -0.37 -11.48 -7.72
N LEU A 724 -0.43 -10.27 -7.17
CA LEU A 724 -0.75 -10.12 -5.76
C LEU A 724 -2.22 -10.34 -5.49
N GLU A 725 -3.09 -10.13 -6.48
CA GLU A 725 -4.50 -10.41 -6.28
C GLU A 725 -4.79 -11.91 -6.30
N ILE A 726 -4.00 -12.65 -7.07
CA ILE A 726 -4.02 -14.10 -6.98
C ILE A 726 -3.48 -14.55 -5.63
N ARG A 727 -2.52 -13.80 -5.08
CA ARG A 727 -2.04 -14.07 -3.73
C ARG A 727 -3.11 -13.75 -2.69
N GLU A 728 -4.03 -12.85 -3.00
CA GLU A 728 -5.14 -12.59 -2.11
C GLU A 728 -6.16 -13.71 -2.08
N LEU A 729 -6.22 -14.52 -3.14
CA LEU A 729 -7.12 -15.67 -3.10
C LEU A 729 -6.56 -16.78 -2.21
N TYR A 730 -5.24 -16.84 -2.06
CA TYR A 730 -4.65 -17.70 -1.05
C TYR A 730 -4.98 -17.20 0.35
N VAL A 731 -5.09 -15.87 0.51
CA VAL A 731 -5.34 -15.28 1.81
C VAL A 731 -6.79 -15.50 2.22
N ARG A 732 -7.73 -15.46 1.27
CA ARG A 732 -9.14 -15.59 1.61
C ARG A 732 -9.49 -17.02 2.00
N ASP A 733 -8.91 -18.00 1.30
CA ASP A 733 -9.06 -19.40 1.67
C ASP A 733 -7.83 -20.16 1.19
N PRO A 734 -6.93 -20.55 2.10
CA PRO A 734 -5.75 -21.31 1.67
C PRO A 734 -6.07 -22.72 1.21
N ASN A 735 -7.25 -23.24 1.54
CA ASN A 735 -7.63 -24.57 1.09
C ASN A 735 -8.13 -24.59 -0.34
N ASP A 736 -8.63 -23.46 -0.83
CA ASP A 736 -9.04 -23.37 -2.22
C ASP A 736 -7.80 -23.36 -3.11
N VAL A 737 -7.85 -24.11 -4.19
CA VAL A 737 -6.70 -24.29 -5.07
C VAL A 737 -6.85 -23.43 -6.32
N ARG A 738 -7.76 -22.46 -6.29
CA ARG A 738 -8.08 -21.64 -7.45
C ARG A 738 -6.90 -20.76 -7.87
N TRP A 739 -6.03 -20.40 -6.93
CA TRP A 739 -4.87 -19.59 -7.23
C TRP A 739 -3.83 -20.33 -8.08
N ALA A 740 -3.90 -21.66 -8.15
CA ALA A 740 -2.83 -22.43 -8.76
C ALA A 740 -2.86 -22.33 -10.28
N TYR A 741 -4.04 -22.39 -10.87
CA TYR A 741 -4.13 -22.33 -12.33
C TYR A 741 -4.29 -20.92 -12.85
N LEU A 742 -4.86 -20.01 -12.05
CA LEU A 742 -4.93 -18.60 -12.43
C LEU A 742 -3.53 -18.01 -12.57
N THR A 743 -2.61 -18.46 -11.73
CA THR A 743 -1.20 -18.15 -11.92
C THR A 743 -0.69 -18.72 -13.23
N ALA A 744 -1.10 -19.96 -13.56
CA ALA A 744 -0.61 -20.61 -14.77
C ALA A 744 -1.19 -19.99 -16.02
N TYR A 745 -2.41 -19.48 -15.95
CA TYR A 745 -2.98 -18.81 -17.10
C TYR A 745 -2.41 -17.41 -17.29
N LEU A 746 -2.20 -16.69 -16.19
CA LEU A 746 -1.71 -15.31 -16.30
C LEU A 746 -0.24 -15.27 -16.67
N LEU A 747 0.56 -16.18 -16.13
CA LEU A 747 1.91 -16.37 -16.66
C LEU A 747 1.90 -16.99 -18.04
N GLY A 748 0.82 -17.67 -18.41
CA GLY A 748 0.80 -18.39 -19.68
C GLY A 748 0.58 -17.48 -20.86
N ARG A 749 -0.47 -16.66 -20.80
CA ARG A 749 -0.84 -15.84 -21.96
C ARG A 749 0.14 -14.70 -22.22
N HIS A 750 0.91 -14.29 -21.22
CA HIS A 750 2.00 -13.36 -21.43
C HIS A 750 3.28 -14.03 -21.90
N GLY A 751 3.27 -15.34 -22.09
CA GLY A 751 4.46 -16.06 -22.52
C GLY A 751 5.51 -16.27 -21.45
N LEU A 752 5.20 -15.93 -20.21
CA LEU A 752 6.17 -16.02 -19.12
C LEU A 752 5.98 -17.30 -18.31
N SER A 753 6.11 -18.42 -19.00
CA SER A 753 6.13 -19.71 -18.31
C SER A 753 7.47 -20.01 -17.68
N ASP A 754 8.52 -19.26 -18.04
CA ASP A 754 9.83 -19.44 -17.45
C ASP A 754 9.92 -18.74 -16.10
N LEU A 755 9.34 -17.55 -16.00
CA LEU A 755 9.29 -16.85 -14.72
C LEU A 755 8.36 -17.56 -13.75
N PHE A 756 8.81 -17.66 -12.52
CA PHE A 756 8.08 -18.26 -11.41
C PHE A 756 7.57 -19.69 -11.68
N PRO A 757 8.47 -20.66 -11.87
CA PRO A 757 8.00 -22.01 -12.22
C PRO A 757 7.49 -22.82 -11.04
N GLU A 758 7.38 -22.23 -9.84
CA GLU A 758 6.82 -22.93 -8.69
C GLU A 758 5.61 -22.24 -8.09
N LEU A 759 5.14 -21.14 -8.66
CA LEU A 759 3.85 -20.61 -8.27
C LEU A 759 2.71 -21.22 -9.05
N VAL A 760 3.00 -22.10 -10.01
CA VAL A 760 1.95 -22.75 -10.78
C VAL A 760 1.54 -24.10 -10.19
N GLY A 761 2.48 -24.83 -9.58
CA GLY A 761 2.21 -26.17 -9.06
C GLY A 761 2.26 -26.16 -7.54
N ILE A 762 1.25 -26.79 -6.93
CA ILE A 762 1.14 -26.79 -5.48
C ILE A 762 2.18 -27.73 -4.88
N ASP A 763 2.79 -27.30 -3.79
CA ASP A 763 3.80 -28.10 -3.11
C ASP A 763 3.09 -29.04 -2.16
N THR A 764 3.15 -30.34 -2.48
CA THR A 764 2.55 -31.34 -1.59
C THR A 764 3.38 -31.54 -0.34
N LYS A 765 4.71 -31.39 -0.45
CA LYS A 765 5.58 -31.55 0.70
C LYS A 765 5.37 -30.42 1.72
N ALA A 766 5.01 -29.23 1.24
CA ALA A 766 4.68 -28.15 2.16
C ALA A 766 3.37 -28.41 2.89
N VAL A 767 2.42 -29.07 2.25
CA VAL A 767 1.20 -29.48 2.95
C VAL A 767 1.52 -30.65 3.87
N GLU A 768 2.49 -31.49 3.49
CA GLU A 768 2.97 -32.54 4.38
C GLU A 768 3.69 -31.97 5.60
N ARG A 769 4.61 -31.04 5.37
CA ARG A 769 5.39 -30.45 6.46
C ARG A 769 4.64 -29.38 7.23
N LYS A 770 3.42 -29.02 6.79
CA LYS A 770 2.58 -27.98 7.39
C LYS A 770 3.30 -26.64 7.47
N GLU A 771 3.76 -26.20 6.30
CA GLU A 771 4.39 -24.91 6.08
C GLU A 771 3.67 -24.28 4.90
N PRO A 772 3.66 -22.95 4.79
CA PRO A 772 2.85 -22.29 3.76
C PRO A 772 3.37 -22.53 2.34
N GLN A 773 2.48 -22.26 1.38
CA GLN A 773 2.81 -22.38 -0.03
C GLN A 773 3.78 -21.29 -0.44
N PRO A 774 4.55 -21.50 -1.52
CA PRO A 774 5.44 -20.44 -2.01
C PRO A 774 4.74 -19.23 -2.59
N VAL A 775 3.42 -19.26 -2.80
CA VAL A 775 2.72 -18.05 -3.18
C VAL A 775 2.62 -17.09 -2.00
N TYR A 776 2.77 -17.59 -0.78
CA TYR A 776 2.60 -16.76 0.40
C TYR A 776 3.83 -15.91 0.69
N TRP A 777 5.02 -16.47 0.48
CA TRP A 777 6.25 -15.74 0.80
C TRP A 777 6.75 -14.89 -0.34
N VAL A 778 6.11 -14.93 -1.51
CA VAL A 778 6.57 -14.11 -2.63
C VAL A 778 6.13 -12.67 -2.48
N ASP A 779 5.26 -12.39 -1.50
CA ASP A 779 4.78 -11.03 -1.29
C ASP A 779 5.87 -10.11 -0.80
N GLY A 780 6.77 -10.60 0.05
CA GLY A 780 7.82 -9.76 0.56
C GLY A 780 8.91 -9.43 -0.42
N VAL A 781 8.94 -10.08 -1.58
CA VAL A 781 9.91 -9.80 -2.61
C VAL A 781 9.30 -8.96 -3.73
N LEU A 782 8.03 -9.21 -4.05
CA LEU A 782 7.38 -8.45 -5.11
C LEU A 782 7.04 -7.04 -4.66
N LYS A 783 6.37 -6.92 -3.51
CA LYS A 783 5.84 -5.66 -3.02
C LYS A 783 6.94 -4.65 -2.71
N ILE A 784 8.16 -5.12 -2.44
CA ILE A 784 9.29 -4.20 -2.32
C ILE A 784 9.68 -3.67 -3.70
N VAL A 785 9.61 -4.50 -4.73
CA VAL A 785 9.98 -4.06 -6.07
C VAL A 785 8.89 -3.17 -6.66
N LEU A 786 7.62 -3.45 -6.33
CA LEU A 786 6.53 -2.61 -6.83
C LEU A 786 6.52 -1.24 -6.17
N MET A 787 7.12 -1.16 -4.99
CA MET A 787 7.28 0.13 -4.25
C MET A 787 8.53 0.82 -4.81
N ALA A 788 9.53 0.02 -5.20
CA ALA A 788 10.79 0.53 -5.79
C ALA A 788 10.47 1.25 -7.11
N VAL A 789 9.53 0.71 -7.89
CA VAL A 789 9.04 1.29 -9.18
C VAL A 789 8.11 2.47 -8.88
N ARG A 790 7.80 3.31 -9.86
CA ARG A 790 6.97 4.53 -9.60
C ARG A 790 5.63 4.13 -8.98
N ARG A 791 4.98 3.09 -9.48
CA ARG A 791 3.69 2.61 -8.90
C ARG A 791 2.72 3.79 -8.78
N VAL B 24 9.15 -43.25 -17.65
CA VAL B 24 9.67 -41.92 -17.40
C VAL B 24 8.53 -40.90 -17.29
N ASP B 25 7.61 -40.96 -18.25
CA ASP B 25 6.51 -40.01 -18.26
C ASP B 25 5.49 -40.34 -17.18
N ALA B 26 5.30 -41.63 -16.89
CA ALA B 26 4.35 -42.02 -15.86
C ALA B 26 4.87 -41.69 -14.47
N SER B 27 6.19 -41.74 -14.29
CA SER B 27 6.78 -41.34 -13.02
C SER B 27 6.78 -39.82 -12.88
N ARG B 28 6.90 -39.09 -13.99
CA ARG B 28 6.76 -37.65 -13.96
C ARG B 28 5.31 -37.24 -13.70
N LEU B 29 4.37 -37.91 -14.37
CA LEU B 29 2.95 -37.67 -14.14
C LEU B 29 2.52 -38.38 -12.87
N PHE B 30 2.80 -37.75 -11.72
CA PHE B 30 2.48 -38.30 -10.41
C PHE B 30 1.07 -37.90 -10.01
N GLY B 31 0.75 -38.13 -8.73
CA GLY B 31 -0.61 -38.13 -8.21
C GLY B 31 -1.24 -36.74 -8.31
N GLU B 32 -0.75 -35.73 -7.60
CA GLU B 32 -1.48 -34.46 -7.48
C GLU B 32 -0.96 -33.35 -8.38
N SER B 33 0.29 -32.96 -8.15
CA SER B 33 1.02 -32.00 -9.02
C SER B 33 2.41 -32.61 -9.26
N PRO B 34 2.47 -33.71 -10.01
CA PRO B 34 3.75 -34.44 -10.21
C PRO B 34 4.81 -33.60 -10.93
N ASP B 35 4.50 -32.92 -12.02
CA ASP B 35 5.57 -32.14 -12.70
C ASP B 35 4.97 -30.98 -13.51
N VAL B 36 4.46 -29.93 -12.89
CA VAL B 36 3.93 -28.81 -13.69
C VAL B 36 5.09 -28.21 -14.49
N VAL B 37 6.26 -28.09 -13.87
CA VAL B 37 7.44 -27.54 -14.53
C VAL B 37 8.10 -28.59 -15.42
N GLY B 38 7.87 -29.86 -15.13
CA GLY B 38 8.54 -30.93 -15.86
C GLY B 38 7.80 -31.35 -17.11
N ILE B 39 6.48 -31.39 -17.04
CA ILE B 39 5.69 -31.77 -18.20
C ILE B 39 5.67 -30.68 -19.26
N LYS B 40 5.84 -29.42 -18.86
CA LYS B 40 5.91 -28.33 -19.83
C LYS B 40 7.19 -28.36 -20.64
N LYS B 41 8.25 -28.96 -20.12
CA LYS B 41 9.47 -29.14 -20.88
C LYS B 41 9.39 -30.34 -21.79
N MET B 42 8.73 -31.42 -21.33
CA MET B 42 8.60 -32.62 -22.16
C MET B 42 7.57 -32.43 -23.28
N LEU B 43 6.57 -31.59 -23.06
CA LEU B 43 5.59 -31.31 -24.11
C LEU B 43 6.10 -30.31 -25.13
N GLU B 44 7.29 -29.75 -24.92
CA GLU B 44 7.93 -28.90 -25.92
C GLU B 44 8.99 -29.73 -26.65
N LYS B 46 8.20 -37.36 -25.59
CA LYS B 46 7.15 -36.45 -26.03
C LYS B 46 6.07 -37.20 -26.81
N GLY B 47 6.47 -37.82 -27.92
CA GLY B 47 5.49 -38.51 -28.77
C GLY B 47 5.06 -39.83 -28.15
N LYS B 48 6.00 -40.76 -27.98
CA LYS B 48 5.65 -42.11 -27.56
C LYS B 48 5.43 -42.22 -26.05
N GLN B 49 6.08 -41.36 -25.26
CA GLN B 49 5.94 -41.46 -23.81
C GLN B 49 4.61 -40.87 -23.32
N TRP B 50 4.09 -39.84 -24.00
CA TRP B 50 2.86 -39.21 -23.59
C TRP B 50 1.63 -39.74 -24.32
N GLU B 51 1.82 -40.55 -25.36
CA GLU B 51 0.69 -41.19 -26.02
C GLU B 51 0.14 -42.37 -25.23
N ALA B 52 0.85 -42.82 -24.20
CA ALA B 52 0.44 -43.95 -23.39
C ALA B 52 0.12 -43.58 -21.95
N ILE B 53 1.02 -42.84 -21.28
CA ILE B 53 0.84 -42.55 -19.86
C ILE B 53 -0.25 -41.52 -19.63
N GLN B 54 -0.42 -40.58 -20.56
CA GLN B 54 -1.56 -39.67 -20.49
C GLN B 54 -2.83 -40.33 -20.98
N PRO B 55 -2.72 -41.37 -21.80
CA PRO B 55 -3.91 -42.13 -22.22
C PRO B 55 -4.51 -42.89 -21.05
N TYR B 56 -3.67 -43.36 -20.13
CA TYR B 56 -4.17 -44.01 -18.91
C TYR B 56 -4.83 -42.99 -18.00
N PHE B 57 -4.28 -41.78 -17.93
CA PHE B 57 -4.89 -40.72 -17.13
C PHE B 57 -6.09 -40.09 -17.81
N ASP B 58 -6.17 -40.17 -19.14
CA ASP B 58 -7.42 -39.83 -19.81
C ASP B 58 -8.48 -40.88 -19.53
N ASN B 59 -8.08 -42.16 -19.49
CA ASN B 59 -9.00 -43.21 -19.10
C ASN B 59 -9.32 -43.14 -17.61
N VAL B 60 -8.40 -42.62 -16.81
CA VAL B 60 -8.69 -42.40 -15.39
C VAL B 60 -9.67 -41.25 -15.20
N VAL B 61 -9.63 -40.26 -16.09
CA VAL B 61 -10.61 -39.18 -16.03
C VAL B 61 -11.99 -39.67 -16.44
N ARG B 62 -12.05 -40.53 -17.46
CA ARG B 62 -13.33 -41.07 -17.89
C ARG B 62 -13.88 -42.09 -16.90
N GLU B 63 -13.00 -42.82 -16.21
CA GLU B 63 -13.47 -43.75 -15.18
C GLU B 63 -14.01 -43.03 -13.96
N ALA B 64 -13.58 -41.79 -13.71
CA ALA B 64 -14.22 -40.94 -12.71
C ALA B 64 -15.41 -40.28 -13.38
N LYS B 65 -16.50 -41.04 -13.48
CA LYS B 65 -17.68 -40.57 -14.20
C LYS B 65 -18.42 -39.50 -13.43
N ASN B 66 -18.42 -39.58 -12.10
CA ASN B 66 -19.04 -38.55 -11.28
C ASN B 66 -18.19 -37.29 -11.32
N PHE B 67 -18.84 -36.14 -11.54
CA PHE B 67 -18.12 -34.88 -11.54
C PHE B 67 -17.64 -34.52 -10.15
N LEU B 68 -18.40 -34.89 -9.12
CA LEU B 68 -18.00 -34.67 -7.73
C LEU B 68 -17.15 -35.82 -7.21
N GLU B 69 -16.12 -36.18 -7.97
CA GLU B 69 -15.20 -37.23 -7.57
C GLU B 69 -13.95 -36.70 -6.92
N TRP B 70 -13.83 -35.38 -6.77
CA TRP B 70 -12.56 -34.79 -6.37
C TRP B 70 -12.84 -33.50 -5.60
N SER B 71 -12.90 -33.60 -4.28
CA SER B 71 -12.93 -32.41 -3.44
C SER B 71 -11.53 -31.86 -3.20
N PRO B 72 -10.51 -32.67 -3.42
CA PRO B 72 -9.11 -32.32 -3.19
C PRO B 72 -8.51 -31.73 -4.47
N ASN B 73 -7.18 -31.75 -4.55
CA ASN B 73 -6.38 -31.36 -5.70
C ASN B 73 -6.57 -32.26 -6.93
N LYS B 74 -7.46 -33.25 -6.89
CA LYS B 74 -7.54 -34.20 -7.99
C LYS B 74 -8.24 -33.59 -9.21
N ARG B 75 -9.10 -32.59 -9.01
CA ARG B 75 -9.55 -31.77 -10.14
C ARG B 75 -8.37 -31.02 -10.76
N LEU B 76 -7.49 -30.50 -9.91
CA LEU B 76 -6.26 -29.88 -10.39
C LEU B 76 -5.25 -30.92 -10.86
N ALA B 77 -5.45 -32.19 -10.52
CA ALA B 77 -4.57 -33.25 -11.01
C ALA B 77 -5.05 -33.82 -12.33
N ASN B 78 -6.36 -33.97 -12.50
CA ASN B 78 -6.89 -34.48 -13.76
C ASN B 78 -6.66 -33.48 -14.88
N ALA B 79 -6.88 -32.19 -14.60
CA ALA B 79 -6.83 -31.16 -15.63
C ALA B 79 -5.42 -30.91 -16.14
N VAL B 80 -4.40 -31.16 -15.31
CA VAL B 80 -3.03 -31.11 -15.80
C VAL B 80 -2.78 -32.30 -16.73
N THR B 81 -3.29 -33.48 -16.38
CA THR B 81 -3.14 -34.63 -17.26
C THR B 81 -3.99 -34.51 -18.51
N VAL B 82 -5.13 -33.81 -18.41
CA VAL B 82 -5.95 -33.55 -19.59
C VAL B 82 -5.24 -32.57 -20.52
N ALA B 83 -4.85 -31.41 -19.99
CA ALA B 83 -4.26 -30.36 -20.80
C ALA B 83 -2.83 -30.65 -21.23
N ALA B 84 -2.20 -31.71 -20.71
CA ALA B 84 -0.94 -32.15 -21.28
C ALA B 84 -1.17 -33.06 -22.47
N TYR B 85 -2.25 -33.85 -22.43
CA TYR B 85 -2.56 -34.75 -23.54
C TYR B 85 -3.21 -33.99 -24.68
N LEU B 86 -3.92 -32.91 -24.40
CA LEU B 86 -4.51 -32.10 -25.46
C LEU B 86 -3.50 -31.18 -26.11
N THR B 87 -2.46 -30.78 -25.38
CA THR B 87 -1.42 -29.92 -25.96
C THR B 87 -0.53 -30.72 -26.90
N SER B 88 -0.47 -32.05 -26.73
CA SER B 88 0.20 -32.90 -27.71
C SER B 88 -0.52 -32.86 -29.06
N GLN B 89 -1.84 -32.69 -29.04
CA GLN B 89 -2.62 -32.44 -30.24
C GLN B 89 -2.65 -30.93 -30.49
N GLY B 90 -3.55 -30.47 -31.35
CA GLY B 90 -3.67 -29.05 -31.57
C GLY B 90 -4.43 -28.32 -30.49
N LEU B 91 -5.75 -28.54 -30.43
CA LEU B 91 -6.70 -27.86 -29.55
C LEU B 91 -6.59 -26.34 -29.67
N LYS B 92 -7.06 -25.85 -30.82
CA LYS B 92 -7.29 -24.43 -30.97
C LYS B 92 -8.35 -23.97 -29.99
N THR B 93 -8.05 -22.95 -29.20
CA THR B 93 -9.03 -22.41 -28.27
C THR B 93 -10.14 -21.67 -29.03
N ASN B 94 -9.83 -21.19 -30.24
CA ASN B 94 -10.78 -20.42 -31.04
C ASN B 94 -11.98 -21.26 -31.45
N GLN B 95 -11.76 -22.56 -31.70
CA GLN B 95 -12.84 -23.47 -32.04
C GLN B 95 -13.78 -23.71 -30.87
N VAL B 96 -13.26 -23.63 -29.65
CA VAL B 96 -13.98 -24.03 -28.44
C VAL B 96 -14.71 -22.84 -27.80
N ARG B 97 -14.43 -21.61 -28.25
CA ARG B 97 -14.92 -20.39 -27.61
C ARG B 97 -16.45 -20.31 -27.56
N LYS B 98 -17.12 -20.94 -28.54
CA LYS B 98 -18.57 -20.99 -28.51
C LYS B 98 -19.08 -21.82 -27.34
N ILE B 99 -18.32 -22.83 -26.92
CA ILE B 99 -18.64 -23.58 -25.72
C ILE B 99 -18.16 -22.83 -24.49
N LEU B 100 -16.98 -22.21 -24.59
CA LEU B 100 -16.35 -21.59 -23.44
C LEU B 100 -17.08 -20.32 -23.01
N ASP B 101 -17.52 -19.52 -23.97
CA ASP B 101 -18.35 -18.37 -23.63
C ASP B 101 -19.73 -18.80 -23.17
N MET B 102 -20.22 -19.93 -23.66
CA MET B 102 -21.50 -20.44 -23.21
C MET B 102 -21.43 -20.91 -21.77
N ALA B 103 -20.28 -21.45 -21.36
CA ALA B 103 -20.10 -21.81 -19.96
C ALA B 103 -20.00 -20.57 -19.08
N ARG B 104 -19.54 -19.45 -19.64
CA ARG B 104 -19.46 -18.21 -18.88
C ARG B 104 -20.85 -17.64 -18.62
N THR B 105 -21.74 -17.70 -19.62
CA THR B 105 -23.05 -17.11 -19.47
C THR B 105 -23.95 -17.93 -18.55
N THR B 106 -23.81 -19.25 -18.56
CA THR B 106 -24.62 -20.09 -17.68
C THR B 106 -24.20 -19.95 -16.23
N GLU B 107 -22.92 -19.72 -15.97
CA GLU B 107 -22.48 -19.43 -14.61
C GLU B 107 -22.96 -18.05 -14.17
N LEU B 108 -23.12 -17.13 -15.13
CA LEU B 108 -23.63 -15.80 -14.83
C LEU B 108 -25.11 -15.84 -14.48
N LYS B 109 -25.83 -16.85 -14.97
CA LYS B 109 -27.25 -17.01 -14.62
C LYS B 109 -27.42 -17.50 -13.19
N VAL B 110 -26.42 -18.22 -12.65
CA VAL B 110 -26.53 -18.81 -11.32
C VAL B 110 -26.56 -17.72 -10.26
N LYS B 111 -26.00 -16.54 -10.55
CA LYS B 111 -26.08 -15.39 -9.66
C LYS B 111 -27.49 -14.82 -9.60
N ARG B 112 -28.41 -15.56 -8.97
CA ARG B 112 -29.80 -15.21 -8.70
C ARG B 112 -30.65 -14.97 -9.94
N GLY B 113 -30.16 -15.32 -11.13
CA GLY B 113 -30.94 -15.08 -12.34
C GLY B 113 -31.78 -16.27 -12.76
N GLU B 114 -31.14 -17.41 -12.94
CA GLU B 114 -31.81 -18.67 -13.23
C GLU B 114 -31.21 -19.78 -12.38
N GLY B 115 -31.90 -20.92 -12.38
CA GLY B 115 -31.46 -22.07 -11.62
C GLY B 115 -31.53 -23.36 -12.40
N ASP B 116 -32.07 -23.30 -13.62
CA ASP B 116 -32.19 -24.45 -14.48
C ASP B 116 -31.38 -24.21 -15.76
N ILE B 117 -30.27 -24.93 -15.88
CA ILE B 117 -29.44 -24.88 -17.08
C ILE B 117 -29.80 -26.02 -18.04
N LYS B 118 -30.72 -26.91 -17.63
CA LYS B 118 -31.11 -28.07 -18.43
C LYS B 118 -31.70 -27.69 -19.77
N ASP B 119 -32.36 -26.53 -19.86
CA ASP B 119 -32.83 -26.03 -21.14
C ASP B 119 -31.68 -25.52 -22.01
N ASP B 120 -30.50 -25.27 -21.44
CA ASP B 120 -29.37 -24.76 -22.20
C ASP B 120 -28.12 -25.62 -22.12
N LEU B 121 -28.04 -26.57 -21.17
CA LEU B 121 -26.98 -27.58 -21.20
C LEU B 121 -27.10 -28.45 -22.44
N VAL B 122 -28.33 -28.73 -22.87
CA VAL B 122 -28.58 -29.47 -24.10
C VAL B 122 -28.04 -28.69 -25.30
N LYS B 123 -28.19 -27.36 -25.27
CA LYS B 123 -27.53 -26.52 -26.26
C LYS B 123 -26.02 -26.61 -26.15
N MET B 124 -25.51 -26.61 -24.91
CA MET B 124 -24.07 -26.72 -24.71
C MET B 124 -23.55 -28.11 -25.05
N ARG B 125 -24.38 -29.14 -24.87
CA ARG B 125 -24.05 -30.45 -25.42
C ARG B 125 -24.11 -30.43 -26.94
N TYR B 126 -25.11 -29.72 -27.50
CA TYR B 126 -25.24 -29.65 -28.96
C TYR B 126 -24.12 -28.83 -29.57
N LEU B 127 -23.72 -27.73 -28.93
CA LEU B 127 -22.57 -26.97 -29.41
C LEU B 127 -21.28 -27.75 -29.25
N LEU B 128 -21.21 -28.65 -28.27
CA LEU B 128 -20.08 -29.57 -28.20
C LEU B 128 -20.19 -30.62 -29.30
N ALA B 129 -21.41 -31.05 -29.61
CA ALA B 129 -21.63 -32.02 -30.68
C ALA B 129 -21.49 -31.39 -32.05
N TYR B 130 -21.89 -30.13 -32.21
CA TYR B 130 -21.71 -29.44 -33.48
C TYR B 130 -20.24 -29.18 -33.77
N THR B 131 -19.44 -28.96 -32.73
CA THR B 131 -18.03 -28.63 -32.93
C THR B 131 -17.26 -29.83 -33.45
N VAL B 132 -17.50 -31.02 -32.90
CA VAL B 132 -16.86 -32.22 -33.41
C VAL B 132 -17.48 -32.67 -34.72
N GLY B 133 -18.70 -32.22 -35.02
CA GLY B 133 -19.30 -32.44 -36.33
C GLY B 133 -18.76 -31.52 -37.41
N LYS B 134 -17.99 -30.52 -37.01
CA LYS B 134 -17.29 -29.61 -37.92
C LYS B 134 -15.80 -29.89 -38.00
N ALA B 135 -15.17 -30.20 -36.87
CA ALA B 135 -13.72 -30.29 -36.75
C ALA B 135 -13.22 -31.54 -37.49
N THR B 136 -12.83 -31.35 -38.74
CA THR B 136 -12.43 -32.45 -39.61
C THR B 136 -11.04 -32.17 -40.18
N GLY B 137 -10.22 -33.20 -40.21
CA GLY B 137 -8.89 -33.10 -40.77
C GLY B 137 -7.83 -33.66 -39.84
N GLN B 138 -6.71 -32.94 -39.71
CA GLN B 138 -5.68 -33.32 -38.75
C GLN B 138 -6.09 -33.00 -37.32
N SER B 139 -7.08 -32.15 -37.12
CA SER B 139 -7.54 -31.74 -35.81
C SER B 139 -8.74 -32.54 -35.32
N LYS B 140 -8.95 -33.76 -35.84
CA LYS B 140 -10.00 -34.61 -35.30
C LYS B 140 -9.64 -35.09 -33.90
N TYR B 141 -8.41 -35.55 -33.70
CA TYR B 141 -7.98 -36.10 -32.43
C TYR B 141 -7.87 -35.03 -31.35
N SER B 142 -7.66 -33.78 -31.75
CA SER B 142 -7.66 -32.66 -30.81
C SER B 142 -9.05 -32.37 -30.28
N LEU B 143 -10.09 -32.78 -31.00
CA LEU B 143 -11.46 -32.64 -30.54
C LEU B 143 -12.11 -33.96 -30.16
N ASP B 144 -11.51 -35.09 -30.54
CA ASP B 144 -12.06 -36.38 -30.11
C ASP B 144 -11.76 -36.62 -28.64
N ALA B 145 -10.53 -36.32 -28.20
CA ALA B 145 -10.20 -36.46 -26.79
C ALA B 145 -10.91 -35.41 -25.96
N PHE B 146 -11.15 -34.22 -26.53
CA PHE B 146 -11.93 -33.20 -25.84
C PHE B 146 -13.39 -33.62 -25.74
N HIS B 147 -13.89 -34.36 -26.72
CA HIS B 147 -15.24 -34.91 -26.68
C HIS B 147 -15.38 -36.01 -25.64
N ARG B 148 -14.28 -36.71 -25.37
CA ARG B 148 -14.33 -37.88 -24.52
C ARG B 148 -14.51 -37.52 -23.05
N ILE B 149 -14.09 -36.31 -22.67
CA ILE B 149 -13.92 -36.00 -21.25
C ILE B 149 -15.13 -35.26 -20.70
N LEU B 150 -15.58 -34.21 -21.38
CA LEU B 150 -16.60 -33.35 -20.78
C LEU B 150 -17.98 -33.99 -20.81
N ASP B 151 -18.24 -34.88 -21.75
CA ASP B 151 -19.58 -35.47 -21.88
C ASP B 151 -20.00 -36.45 -20.78
N PRO B 152 -19.13 -37.30 -20.21
CA PRO B 152 -19.57 -38.01 -18.99
C PRO B 152 -19.81 -37.10 -17.81
N MET B 153 -19.20 -35.93 -17.77
CA MET B 153 -19.58 -34.94 -16.77
C MET B 153 -20.84 -34.19 -17.17
N LEU B 154 -21.08 -34.01 -18.47
CA LEU B 154 -22.35 -33.43 -18.89
C LEU B 154 -23.49 -34.45 -18.82
N GLU B 155 -23.18 -35.74 -18.76
CA GLU B 155 -24.20 -36.73 -18.41
C GLU B 155 -24.65 -36.57 -16.96
N VAL B 156 -23.71 -36.32 -16.06
CA VAL B 156 -24.04 -36.14 -14.65
C VAL B 156 -24.79 -34.83 -14.44
N LEU B 157 -24.36 -33.77 -15.12
CA LEU B 157 -24.95 -32.44 -14.95
C LEU B 157 -26.36 -32.32 -15.48
N MET B 158 -26.85 -33.30 -16.23
CA MET B 158 -28.25 -33.28 -16.65
C MET B 158 -29.16 -33.41 -15.44
N GLY B 159 -29.00 -34.48 -14.66
CA GLY B 159 -29.72 -34.64 -13.42
C GLY B 159 -28.94 -34.21 -12.19
N SER B 160 -28.67 -32.93 -12.05
CA SER B 160 -27.89 -32.41 -10.93
C SER B 160 -28.43 -31.05 -10.52
N PRO B 161 -28.08 -30.58 -9.32
CA PRO B 161 -28.25 -29.15 -9.02
C PRO B 161 -27.25 -28.31 -9.82
N LYS B 162 -27.46 -26.99 -9.75
CA LYS B 162 -26.66 -26.08 -10.55
C LYS B 162 -25.85 -25.07 -9.74
N LYS B 163 -26.20 -24.83 -8.48
CA LYS B 163 -25.29 -24.08 -7.62
C LYS B 163 -24.19 -25.01 -7.10
N GLU B 164 -24.55 -26.23 -6.72
CA GLU B 164 -23.59 -27.26 -6.37
C GLU B 164 -23.60 -28.34 -7.44
N ASN B 165 -22.43 -28.98 -7.61
CA ASN B 165 -22.04 -30.02 -8.58
C ASN B 165 -21.89 -29.44 -9.99
N PHE B 166 -22.33 -28.20 -10.21
CA PHE B 166 -21.93 -27.44 -11.38
C PHE B 166 -20.82 -26.45 -11.05
N GLU B 167 -20.74 -26.04 -9.78
CA GLU B 167 -19.58 -25.30 -9.29
C GLU B 167 -18.29 -26.07 -9.50
N LYS B 168 -18.31 -27.38 -9.24
CA LYS B 168 -17.12 -28.19 -9.44
C LYS B 168 -16.87 -28.50 -10.91
N PHE B 169 -17.88 -28.37 -11.76
CA PHE B 169 -17.68 -28.58 -13.18
C PHE B 169 -16.95 -27.40 -13.81
N TYR B 170 -17.44 -26.19 -13.56
CA TYR B 170 -16.92 -25.02 -14.25
C TYR B 170 -15.53 -24.67 -13.77
N ASP B 171 -15.20 -25.02 -12.52
CA ASP B 171 -13.83 -24.86 -12.04
C ASP B 171 -12.90 -25.89 -12.66
N PHE B 172 -13.41 -27.08 -12.97
CA PHE B 172 -12.61 -28.06 -13.68
C PHE B 172 -12.35 -27.62 -15.11
N LEU B 173 -13.35 -27.03 -15.75
CA LEU B 173 -13.22 -26.64 -17.14
C LEU B 173 -12.33 -25.41 -17.30
N GLN B 174 -12.22 -24.58 -16.27
CA GLN B 174 -11.27 -23.48 -16.31
C GLN B 174 -9.84 -24.00 -16.26
N ALA B 175 -9.57 -24.95 -15.37
CA ALA B 175 -8.21 -25.47 -15.20
C ALA B 175 -7.71 -26.24 -16.41
N VAL B 176 -8.62 -26.76 -17.23
CA VAL B 176 -8.22 -27.37 -18.49
C VAL B 176 -7.68 -26.32 -19.44
N VAL B 177 -8.41 -25.22 -19.61
CA VAL B 177 -8.00 -24.16 -20.51
C VAL B 177 -6.80 -23.41 -19.96
N ALA B 178 -6.74 -23.26 -18.63
CA ALA B 178 -5.70 -22.46 -18.00
C ALA B 178 -4.33 -23.11 -18.15
N TYR B 179 -4.22 -24.40 -17.86
CA TYR B 179 -2.94 -25.06 -18.07
C TYR B 179 -2.64 -25.25 -19.54
N HIS B 180 -3.66 -25.25 -20.40
CA HIS B 180 -3.43 -25.33 -21.83
C HIS B 180 -2.68 -24.11 -22.38
N LYS B 181 -2.90 -22.93 -21.78
CA LYS B 181 -2.07 -21.78 -22.13
C LYS B 181 -0.67 -21.90 -21.57
N PHE B 182 -0.53 -22.53 -20.40
CA PHE B 182 0.78 -22.66 -19.79
C PHE B 182 1.63 -23.66 -20.54
N PHE B 183 1.03 -24.75 -21.01
CA PHE B 183 1.75 -25.74 -21.79
C PHE B 183 2.03 -25.30 -23.22
N GLY B 184 1.43 -24.21 -23.68
CA GLY B 184 1.85 -23.61 -24.93
C GLY B 184 0.96 -23.85 -26.12
N GLY B 185 -0.35 -23.77 -25.92
CA GLY B 185 -1.29 -23.89 -27.01
C GLY B 185 -2.20 -22.70 -27.12
N GLY B 186 -3.17 -22.76 -28.03
CA GLY B 186 -4.11 -21.67 -28.20
C GLY B 186 -3.88 -20.88 -29.47
N ARG C 5 -30.60 21.05 27.43
CA ARG C 5 -31.63 20.15 27.95
C ARG C 5 -31.95 19.09 26.90
N PHE C 6 -32.28 17.88 27.35
CA PHE C 6 -32.48 16.72 26.48
C PHE C 6 -33.95 16.35 26.46
N TYR C 7 -34.49 16.15 25.25
CA TYR C 7 -35.88 15.75 25.08
C TYR C 7 -36.06 14.41 24.38
N GLY C 8 -35.11 13.99 23.58
CA GLY C 8 -35.25 12.77 22.81
C GLY C 8 -34.24 12.77 21.68
N LYS C 9 -34.26 11.68 20.91
CA LYS C 9 -33.30 11.52 19.82
C LYS C 9 -33.99 10.97 18.58
N ILE C 10 -34.23 11.83 17.60
CA ILE C 10 -34.80 11.41 16.33
C ILE C 10 -33.79 10.57 15.57
N VAL C 11 -34.16 9.35 15.23
CA VAL C 11 -33.25 8.35 14.69
C VAL C 11 -33.67 8.04 13.27
N ILE C 12 -32.72 8.12 12.34
CA ILE C 12 -32.98 7.99 10.90
C ILE C 12 -32.19 6.78 10.40
N LYS C 13 -32.90 5.71 10.05
CA LYS C 13 -32.31 4.50 9.52
C LYS C 13 -32.69 4.34 8.06
N GLY C 14 -31.86 3.62 7.31
CA GLY C 14 -32.16 3.37 5.91
C GLY C 14 -31.04 2.65 5.22
N LYS C 15 -30.95 2.86 3.90
CA LYS C 15 -29.90 2.25 3.10
C LYS C 15 -29.31 3.25 2.12
N ILE C 16 -28.02 3.08 1.84
CA ILE C 16 -27.31 3.82 0.82
C ILE C 16 -27.10 2.88 -0.36
N LYS C 17 -27.57 3.29 -1.53
CA LYS C 17 -27.48 2.49 -2.74
C LYS C 17 -26.45 3.12 -3.67
N ALA C 18 -25.36 2.41 -3.91
CA ALA C 18 -24.33 2.88 -4.83
C ALA C 18 -24.78 2.47 -6.22
N VAL C 19 -25.50 3.36 -6.90
CA VAL C 19 -26.03 3.08 -8.22
C VAL C 19 -24.89 3.01 -9.24
N THR C 20 -23.83 3.76 -8.97
CA THR C 20 -22.60 3.78 -9.82
C THR C 20 -21.40 3.45 -8.92
N GLY C 21 -20.25 3.05 -9.47
CA GLY C 21 -19.12 2.67 -8.60
C GLY C 21 -18.75 3.79 -7.66
N LEU C 22 -18.67 3.51 -6.36
CA LEU C 22 -18.34 4.56 -5.37
C LEU C 22 -16.90 4.39 -4.92
N HIS C 23 -16.09 5.44 -4.99
CA HIS C 23 -14.66 5.35 -4.59
C HIS C 23 -14.35 6.33 -3.48
N ILE C 24 -13.91 5.84 -2.33
CA ILE C 24 -13.45 6.68 -1.22
C ILE C 24 -12.06 6.19 -0.89
N GLY C 25 -11.04 6.90 -1.36
CA GLY C 25 -9.68 6.39 -1.31
C GLY C 25 -9.07 6.41 0.08
N SER C 26 -7.89 5.79 0.17
CA SER C 26 -7.06 5.83 1.37
C SER C 26 -5.62 6.22 1.12
N GLN C 27 -5.09 5.96 -0.09
CA GLN C 27 -3.71 6.21 -0.50
C GLN C 27 -2.70 5.57 0.46
N ARG C 28 -2.62 4.26 0.37
CA ARG C 28 -1.59 3.51 1.07
C ARG C 28 -0.68 2.78 0.09
N GLY C 35 -4.07 -5.94 -4.22
CA GLY C 35 -3.04 -5.00 -4.63
C GLY C 35 -3.46 -4.14 -5.80
N ILE C 36 -4.15 -3.05 -5.51
CA ILE C 36 -4.60 -2.10 -6.51
C ILE C 36 -3.97 -0.75 -6.15
N ALA C 37 -3.68 0.05 -7.18
CA ALA C 37 -2.86 1.24 -7.00
C ALA C 37 -3.58 2.35 -6.24
N ASN C 38 -4.91 2.36 -6.23
CA ASN C 38 -5.67 3.38 -5.51
C ASN C 38 -6.79 2.67 -4.77
N PRO C 39 -6.55 2.26 -3.52
CA PRO C 39 -7.56 1.45 -2.82
C PRO C 39 -8.62 2.27 -2.11
N VAL C 40 -9.87 1.82 -2.25
CA VAL C 40 -10.94 2.27 -1.38
C VAL C 40 -10.67 1.79 0.04
N ILE C 41 -11.19 2.53 1.03
CA ILE C 41 -10.90 2.15 2.42
C ILE C 41 -11.68 0.89 2.78
N LYS C 42 -11.18 0.20 3.81
CA LYS C 42 -11.68 -1.11 4.18
C LYS C 42 -11.56 -1.29 5.68
N ASP C 43 -12.51 -2.04 6.23
CA ASP C 43 -12.42 -2.58 7.57
C ASP C 43 -11.21 -3.50 7.66
N PRO C 44 -10.29 -3.30 8.61
CA PRO C 44 -9.06 -4.10 8.60
C PRO C 44 -9.25 -5.54 9.02
N HIS C 45 -10.36 -5.87 9.67
CA HIS C 45 -10.57 -7.22 10.15
C HIS C 45 -11.33 -8.08 9.16
N THR C 46 -12.28 -7.49 8.44
CA THR C 46 -13.00 -8.24 7.42
C THR C 46 -12.41 -8.05 6.03
N GLY C 47 -11.85 -6.89 5.74
CA GLY C 47 -11.46 -6.59 4.39
C GLY C 47 -12.57 -6.05 3.52
N LEU C 48 -13.73 -5.80 4.09
CA LEU C 48 -14.87 -5.25 3.38
C LEU C 48 -14.76 -3.73 3.33
N PRO C 49 -15.24 -3.10 2.25
CA PRO C 49 -15.28 -1.64 2.20
C PRO C 49 -16.42 -1.12 3.07
N TYR C 50 -16.37 0.18 3.36
CA TYR C 50 -17.46 0.84 4.06
C TYR C 50 -17.43 2.32 3.69
N ILE C 51 -18.54 2.99 3.94
CA ILE C 51 -18.62 4.44 3.83
C ILE C 51 -18.47 5.01 5.23
N PRO C 52 -17.52 5.91 5.47
CA PRO C 52 -17.35 6.48 6.80
C PRO C 52 -18.52 7.35 7.20
N GLY C 53 -18.53 7.69 8.47
CA GLY C 53 -19.46 8.70 8.92
C GLY C 53 -18.95 10.09 8.75
N SER C 54 -17.66 10.19 8.43
CA SER C 54 -17.04 11.48 8.26
C SER C 54 -16.89 11.88 6.80
N SER C 55 -16.88 10.92 5.89
CA SER C 55 -17.00 11.25 4.47
C SER C 55 -18.44 11.51 4.09
N LEU C 56 -19.38 10.98 4.84
CA LEU C 56 -20.78 11.27 4.57
C LEU C 56 -21.18 12.61 5.15
N LYS C 57 -20.63 12.98 6.31
CA LYS C 57 -21.06 14.20 6.98
C LYS C 57 -20.44 15.44 6.35
N GLY C 58 -19.16 15.37 5.99
CA GLY C 58 -18.55 16.49 5.32
C GLY C 58 -19.02 16.70 3.91
N ARG C 59 -19.67 15.71 3.32
CA ARG C 59 -20.31 15.89 2.03
C ARG C 59 -21.75 16.34 2.17
N LEU C 60 -22.43 15.98 3.25
CA LEU C 60 -23.69 16.64 3.54
C LEU C 60 -23.49 18.10 3.93
N ARG C 61 -22.34 18.42 4.51
CA ARG C 61 -22.12 19.80 4.96
C ARG C 61 -21.61 20.68 3.83
N SER C 62 -20.69 20.17 3.01
CA SER C 62 -20.17 20.95 1.90
C SER C 62 -21.24 21.26 0.87
N LEU C 63 -22.22 20.38 0.70
CA LEU C 63 -23.34 20.71 -0.17
C LEU C 63 -24.26 21.73 0.48
N PHE C 64 -24.41 21.67 1.80
CA PHE C 64 -25.36 22.57 2.44
C PHE C 64 -24.76 23.94 2.70
N GLU C 65 -23.43 24.05 2.81
CA GLU C 65 -22.83 25.37 3.01
C GLU C 65 -22.87 26.21 1.75
N ILE C 66 -22.79 25.59 0.58
CA ILE C 66 -22.89 26.32 -0.67
C ILE C 66 -24.36 26.69 -0.93
N LEU C 67 -25.27 25.90 -0.36
CA LEU C 67 -26.72 26.19 -0.41
C LEU C 67 -27.02 27.45 0.41
N VAL C 68 -26.44 27.57 1.61
CA VAL C 68 -26.60 28.75 2.45
C VAL C 68 -25.88 29.95 1.87
N ASN C 69 -24.73 29.71 1.23
CA ASN C 69 -23.93 30.77 0.62
C ASN C 69 -24.68 31.51 -0.47
N SER C 70 -25.55 30.82 -1.20
CA SER C 70 -26.36 31.48 -2.20
C SER C 70 -27.53 32.22 -1.59
N ARG C 71 -27.98 31.80 -0.41
CA ARG C 71 -29.14 32.37 0.22
C ARG C 71 -28.81 33.08 1.53
N LEU C 72 -27.72 33.87 1.53
CA LEU C 72 -27.42 34.69 2.71
C LEU C 72 -28.42 35.82 2.86
N GLY C 73 -28.72 36.52 1.76
CA GLY C 73 -29.61 37.67 1.84
C GLY C 73 -31.05 37.28 2.10
N GLU C 74 -31.51 36.18 1.52
CA GLU C 74 -32.89 35.76 1.67
C GLU C 74 -33.17 35.12 3.03
N TRP C 75 -32.14 34.78 3.81
CA TRP C 75 -32.34 34.12 5.09
C TRP C 75 -31.83 34.96 6.26
N ARG C 76 -31.82 36.28 6.14
CA ARG C 76 -31.34 37.11 7.24
C ARG C 76 -32.34 37.19 8.38
N GLU C 77 -33.61 36.87 8.14
CA GLU C 77 -34.66 37.06 9.13
C GLU C 77 -35.33 35.76 9.53
N LYS C 78 -34.90 34.62 9.00
CA LYS C 78 -35.22 33.32 9.57
C LYS C 78 -34.09 32.78 10.42
N TYR C 79 -32.86 32.99 9.97
CA TYR C 79 -31.68 32.63 10.74
C TYR C 79 -30.86 33.89 10.94
N PRO C 80 -30.71 34.39 12.17
CA PRO C 80 -29.74 35.47 12.41
C PRO C 80 -28.30 34.98 12.28
N SER C 81 -27.34 35.88 12.39
CA SER C 81 -25.91 35.65 12.21
C SER C 81 -25.54 35.13 10.83
N LEU C 82 -26.46 35.13 9.88
CA LEU C 82 -26.16 35.16 8.46
C LEU C 82 -26.10 36.58 7.96
N ALA C 83 -26.36 37.55 8.86
CA ALA C 83 -26.22 38.95 8.54
C ALA C 83 -24.79 39.43 8.70
N ASN C 84 -23.94 38.65 9.36
CA ASN C 84 -22.51 39.02 9.55
C ASN C 84 -21.66 38.40 8.44
N TYR C 85 -22.25 37.71 7.47
CA TYR C 85 -21.46 37.04 6.39
C TYR C 85 -21.81 37.56 4.99
N SER C 86 -20.79 37.76 4.16
CA SER C 86 -20.92 38.22 2.75
C SER C 86 -20.64 37.01 1.85
N PRO C 87 -21.41 36.82 0.76
CA PRO C 87 -21.16 35.57 0.03
C PRO C 87 -19.78 35.59 -0.62
N GLY C 88 -19.03 34.52 -0.40
CA GLY C 88 -17.67 34.45 -0.89
C GLY C 88 -16.73 33.86 0.12
N SER C 89 -15.46 33.74 -0.24
CA SER C 89 -14.45 33.19 0.63
C SER C 89 -13.54 34.28 1.16
N CYS C 90 -12.88 33.98 2.27
CA CYS C 90 -11.82 34.84 2.79
C CYS C 90 -10.45 34.43 2.29
N ARG C 91 -10.38 33.70 1.18
CA ARG C 91 -9.09 33.21 0.67
C ARG C 91 -8.12 34.30 0.23
N PRO C 92 -8.49 35.35 -0.61
CA PRO C 92 -7.47 36.31 -1.05
C PRO C 92 -6.80 37.10 0.07
N ASP C 93 -7.60 37.80 0.85
CA ASP C 93 -7.09 38.48 2.05
C ASP C 93 -6.99 37.47 3.18
N ASN C 94 -5.77 37.03 3.49
CA ASN C 94 -5.56 35.96 4.45
C ASN C 94 -5.86 36.36 5.88
N GLN C 95 -7.13 36.67 6.17
CA GLN C 95 -7.56 37.08 7.49
C GLN C 95 -8.82 36.30 7.83
N GLU C 96 -8.74 35.47 8.87
CA GLU C 96 -9.89 34.68 9.28
C GLU C 96 -10.95 35.58 9.92
N ASN C 97 -12.11 34.97 10.17
CA ASN C 97 -13.39 35.51 10.66
C ASN C 97 -13.70 36.91 10.14
N CYS C 98 -13.42 37.13 8.86
CA CYS C 98 -13.60 38.41 8.20
C CYS C 98 -15.06 38.58 7.79
N GLY C 99 -15.33 39.49 6.85
CA GLY C 99 -16.70 39.72 6.45
C GLY C 99 -17.31 38.63 5.61
N LYS C 100 -16.50 37.86 4.88
CA LYS C 100 -17.01 36.86 3.97
C LYS C 100 -17.45 35.61 4.74
N PHE C 101 -18.00 34.64 4.00
CA PHE C 101 -18.72 33.53 4.61
C PHE C 101 -17.80 32.41 5.06
N PHE C 102 -17.00 31.86 4.16
CA PHE C 102 -16.16 30.72 4.47
C PHE C 102 -14.98 31.23 5.28
N ASN C 103 -15.18 31.33 6.59
CA ASN C 103 -14.43 32.26 7.41
C ASN C 103 -13.27 31.64 8.19
N ARG C 104 -13.21 30.33 8.34
CA ARG C 104 -12.16 29.71 9.15
C ARG C 104 -11.23 28.92 8.24
N LYS C 105 -9.94 29.25 8.30
CA LYS C 105 -8.91 28.48 7.63
C LYS C 105 -8.44 27.38 8.56
N ILE C 106 -8.39 26.15 8.07
CA ILE C 106 -7.94 25.07 8.94
C ILE C 106 -6.44 24.86 8.74
N ASN C 107 -6.06 24.34 7.59
CA ASN C 107 -4.65 24.31 7.18
C ASN C 107 -4.45 25.07 5.88
N ARG C 108 -5.20 24.74 4.86
CA ARG C 108 -5.15 25.43 3.59
C ARG C 108 -6.56 25.57 3.00
N GLY C 109 -7.59 25.12 3.71
CA GLY C 109 -8.95 25.15 3.22
C GLY C 109 -9.82 26.03 4.10
N TRP C 110 -10.81 26.64 3.48
CA TRP C 110 -11.67 27.61 4.15
C TRP C 110 -13.05 27.02 4.31
N ILE C 111 -13.54 26.97 5.55
CA ILE C 111 -14.83 26.39 5.90
C ILE C 111 -15.63 27.43 6.66
N HIS C 112 -16.93 27.50 6.42
CA HIS C 112 -17.82 28.20 7.32
C HIS C 112 -17.88 27.48 8.66
N VAL C 113 -17.24 28.03 9.68
CA VAL C 113 -17.45 27.63 11.07
C VAL C 113 -17.67 28.90 11.87
N CYS C 114 -18.79 28.99 12.57
CA CYS C 114 -19.11 30.22 13.29
C CYS C 114 -18.23 30.36 14.53
N PRO C 115 -17.83 31.59 14.89
CA PRO C 115 -16.76 31.76 15.88
C PRO C 115 -17.21 31.68 17.33
N ASP C 116 -18.51 31.71 17.62
CA ASP C 116 -18.95 31.74 19.01
C ASP C 116 -20.20 30.89 19.17
N TYR C 117 -20.48 30.50 20.42
CA TYR C 117 -21.72 29.81 20.76
C TYR C 117 -22.92 30.68 20.48
N GLU C 118 -22.81 31.98 20.74
CA GLU C 118 -23.93 32.90 20.61
C GLU C 118 -24.33 33.11 19.15
N THR C 119 -23.46 32.79 18.21
CA THR C 119 -23.76 32.89 16.80
C THR C 119 -24.08 31.56 16.15
N ALA C 120 -23.51 30.47 16.64
CA ALA C 120 -23.77 29.15 16.07
C ALA C 120 -25.15 28.61 16.43
N LEU C 121 -25.82 29.19 17.42
CA LEU C 121 -27.19 28.83 17.72
C LEU C 121 -28.17 29.45 16.72
N ALA C 122 -27.70 30.36 15.88
CA ALA C 122 -28.53 30.97 14.85
C ALA C 122 -28.21 30.54 13.44
N CYS C 123 -26.94 30.21 13.14
CA CYS C 123 -26.56 29.77 11.81
C CYS C 123 -27.18 28.41 11.52
N PRO C 124 -27.75 28.20 10.32
CA PRO C 124 -28.36 26.89 10.04
C PRO C 124 -27.36 25.78 9.81
N VAL C 125 -26.15 26.10 9.37
CA VAL C 125 -25.12 25.08 9.22
C VAL C 125 -24.61 24.63 10.58
N CYS C 126 -24.12 25.58 11.37
CA CYS C 126 -23.42 25.25 12.61
C CYS C 126 -24.36 24.80 13.72
N ARG C 127 -25.63 25.16 13.68
CA ARG C 127 -26.57 24.60 14.65
C ARG C 127 -26.80 23.13 14.40
N LEU C 128 -26.77 22.71 13.15
CA LEU C 128 -26.98 21.32 12.80
C LEU C 128 -25.68 20.54 12.75
N PHE C 129 -24.57 21.19 12.39
CA PHE C 129 -23.33 20.47 12.14
C PHE C 129 -22.18 20.82 13.08
N GLY C 130 -22.25 21.90 13.83
CA GLY C 130 -21.29 22.10 14.89
C GLY C 130 -20.29 23.19 14.57
N ALA C 131 -19.64 23.70 15.63
CA ALA C 131 -18.70 24.80 15.51
C ALA C 131 -17.61 24.64 16.56
N SER C 132 -16.42 25.15 16.25
CA SER C 132 -15.26 25.00 17.15
C SER C 132 -15.12 26.22 18.04
N GLY C 133 -14.91 27.38 17.44
CA GLY C 133 -14.78 28.63 18.18
C GLY C 133 -13.62 28.78 19.14
N LYS C 134 -13.49 29.97 19.69
CA LYS C 134 -12.66 30.21 20.88
C LYS C 134 -13.59 30.63 22.00
N GLU C 135 -13.51 29.91 23.12
CA GLU C 135 -14.45 29.98 24.25
C GLU C 135 -15.88 29.67 23.79
N SER C 136 -16.03 28.86 22.74
CA SER C 136 -17.37 28.52 22.24
C SER C 136 -17.68 27.04 22.34
N ASN C 137 -17.04 26.20 21.52
CA ASN C 137 -17.28 24.77 21.39
C ASN C 137 -18.77 24.43 21.31
N PHE C 138 -19.36 24.73 20.15
CA PHE C 138 -20.74 24.29 19.93
C PHE C 138 -20.75 22.86 19.39
N PRO C 139 -21.23 21.88 20.15
CA PRO C 139 -21.26 20.51 19.62
C PRO C 139 -22.40 20.35 18.63
N SER C 140 -22.21 19.42 17.71
CA SER C 140 -23.22 19.20 16.68
C SER C 140 -24.43 18.50 17.26
N ARG C 141 -25.48 18.41 16.46
CA ARG C 141 -26.68 17.73 16.87
C ARG C 141 -26.94 16.44 16.11
N ILE C 142 -26.15 16.12 15.10
CA ILE C 142 -26.34 14.88 14.39
C ILE C 142 -25.13 13.99 14.59
N ILE C 143 -25.38 12.70 14.56
CA ILE C 143 -24.36 11.66 14.63
C ILE C 143 -24.51 10.83 13.38
N VAL C 144 -23.46 10.75 12.58
CA VAL C 144 -23.51 10.05 11.30
C VAL C 144 -22.64 8.81 11.43
N ARG C 145 -23.25 7.64 11.39
CA ARG C 145 -22.49 6.42 11.59
C ARG C 145 -21.85 5.95 10.30
N ASP C 146 -20.91 5.02 10.44
CA ASP C 146 -20.22 4.43 9.31
C ASP C 146 -21.16 3.44 8.64
N ALA C 147 -21.39 3.62 7.35
CA ALA C 147 -22.27 2.72 6.62
C ALA C 147 -21.48 1.49 6.21
N PHE C 148 -22.00 0.32 6.59
CA PHE C 148 -21.38 -0.99 6.27
C PHE C 148 -22.30 -1.75 5.30
N LEU C 149 -21.76 -2.74 4.59
CA LEU C 149 -22.54 -3.53 3.59
C LEU C 149 -23.69 -4.27 4.28
N THR C 150 -24.84 -4.36 3.60
CA THR C 150 -26.05 -5.04 4.13
C THR C 150 -25.84 -6.56 4.20
N LYS C 151 -26.54 -7.24 5.11
CA LYS C 151 -26.39 -8.67 5.29
C LYS C 151 -26.46 -9.41 3.96
N GLU C 152 -27.24 -8.91 3.01
CA GLU C 152 -27.33 -9.55 1.70
C GLU C 152 -26.04 -9.42 0.91
N TRP C 153 -25.25 -8.39 1.19
CA TRP C 153 -24.01 -8.17 0.47
C TRP C 153 -22.79 -8.68 1.22
N GLU C 154 -22.91 -8.96 2.51
CA GLU C 154 -21.87 -9.71 3.19
C GLU C 154 -21.93 -11.19 2.82
N GLU C 155 -23.12 -11.68 2.44
CA GLU C 155 -23.25 -13.07 2.03
C GLU C 155 -22.68 -13.31 0.64
N LYS C 156 -22.71 -12.30 -0.23
CA LYS C 156 -22.06 -12.41 -1.53
C LYS C 156 -20.55 -12.41 -1.38
N TRP C 157 -20.04 -11.79 -0.33
CA TRP C 157 -18.64 -11.95 0.04
C TRP C 157 -18.33 -13.37 0.49
N ARG C 158 -19.32 -14.04 1.10
CA ARG C 158 -19.15 -15.43 1.50
C ARG C 158 -19.24 -16.36 0.30
N ALA C 159 -20.04 -15.99 -0.70
CA ALA C 159 -20.25 -16.82 -1.88
C ALA C 159 -19.16 -16.65 -2.93
N GLY C 160 -18.07 -15.95 -2.62
CA GLY C 160 -16.93 -15.87 -3.49
C GLY C 160 -16.96 -14.82 -4.56
N GLU C 161 -17.91 -13.89 -4.52
CA GLU C 161 -17.97 -12.84 -5.53
C GLU C 161 -16.91 -11.78 -5.28
N ALA C 162 -16.81 -10.86 -6.23
CA ALA C 162 -16.00 -9.65 -6.08
C ALA C 162 -16.90 -8.53 -5.62
N ILE C 163 -16.47 -7.83 -4.57
CA ILE C 163 -17.24 -6.71 -4.04
C ILE C 163 -16.64 -5.37 -4.46
N THR C 164 -15.37 -5.34 -4.85
CA THR C 164 -14.72 -4.11 -5.31
C THR C 164 -13.98 -4.43 -6.61
N GLU C 165 -14.44 -3.84 -7.72
CA GLU C 165 -13.76 -3.97 -8.98
C GLU C 165 -12.52 -3.07 -9.01
N ALA C 166 -11.82 -3.12 -10.12
CA ALA C 166 -10.69 -2.25 -10.38
C ALA C 166 -10.85 -1.71 -11.78
N LYS C 167 -10.90 -0.39 -11.91
CA LYS C 167 -11.20 0.25 -13.17
C LYS C 167 -9.97 0.98 -13.69
N ILE C 168 -9.69 0.82 -14.98
CA ILE C 168 -8.54 1.42 -15.62
C ILE C 168 -9.01 2.60 -16.45
N GLU C 169 -8.43 3.77 -16.19
CA GLU C 169 -8.56 4.92 -17.08
C GLU C 169 -7.26 5.15 -17.81
N VAL C 170 -7.22 6.22 -18.59
CA VAL C 170 -6.06 6.53 -19.41
C VAL C 170 -6.04 8.04 -19.63
N GLY C 171 -4.86 8.57 -19.89
CA GLY C 171 -4.72 9.97 -20.24
C GLY C 171 -4.13 10.05 -21.63
N ILE C 172 -4.74 10.83 -22.52
CA ILE C 172 -4.39 10.80 -23.93
C ILE C 172 -4.04 12.20 -24.40
N ASP C 173 -2.89 12.31 -25.06
CA ASP C 173 -2.43 13.58 -25.62
C ASP C 173 -3.41 14.07 -26.68
N ARG C 174 -3.56 15.38 -26.76
CA ARG C 174 -4.52 15.99 -27.67
C ARG C 174 -4.02 16.08 -29.10
N VAL C 175 -2.78 15.68 -29.34
CA VAL C 175 -2.15 15.80 -30.65
C VAL C 175 -1.66 14.45 -31.15
N THR C 176 -0.85 13.76 -30.36
CA THR C 176 -0.19 12.54 -30.80
C THR C 176 -0.82 11.27 -30.25
N SER C 177 -1.84 11.41 -29.39
CA SER C 177 -2.60 10.29 -28.80
C SER C 177 -1.71 9.31 -28.03
N GLN C 178 -0.77 9.83 -27.24
CA GLN C 178 0.01 9.01 -26.33
C GLN C 178 -0.85 8.67 -25.13
N ALA C 179 -1.12 7.39 -24.93
CA ALA C 179 -1.96 6.92 -23.84
C ALA C 179 -1.15 6.78 -22.56
N ASN C 180 -1.74 7.16 -21.43
CA ASN C 180 -1.04 7.18 -20.14
C ASN C 180 -1.97 6.70 -19.04
N PRO C 181 -2.06 5.39 -18.83
CA PRO C 181 -3.09 4.84 -17.94
C PRO C 181 -2.75 4.77 -16.46
N ARG C 182 -3.80 4.66 -15.66
CA ARG C 182 -3.70 4.40 -14.22
C ARG C 182 -4.92 3.59 -13.80
N THR C 183 -4.85 2.97 -12.62
CA THR C 183 -5.96 2.17 -12.13
C THR C 183 -6.57 2.80 -10.87
N ASN C 184 -7.89 2.62 -10.72
CA ASN C 184 -8.62 3.10 -9.55
C ASN C 184 -9.57 2.01 -9.08
N GLU C 185 -9.32 1.46 -7.90
CA GLU C 185 -10.26 0.54 -7.30
C GLU C 185 -11.53 1.28 -6.93
N ARG C 186 -12.68 0.69 -7.25
CA ARG C 186 -13.92 1.27 -6.77
C ARG C 186 -14.93 0.16 -6.53
N VAL C 187 -15.88 0.47 -5.64
CA VAL C 187 -16.90 -0.48 -5.20
C VAL C 187 -17.77 -0.85 -6.39
N VAL C 188 -18.11 -2.14 -6.49
CA VAL C 188 -18.97 -2.62 -7.56
C VAL C 188 -20.33 -1.95 -7.48
N ALA C 189 -20.80 -1.42 -8.60
CA ALA C 189 -22.04 -0.68 -8.65
C ALA C 189 -23.23 -1.57 -8.32
N GLY C 190 -24.16 -1.04 -7.55
CA GLY C 190 -25.32 -1.79 -7.14
C GLY C 190 -25.36 -2.11 -5.67
N ALA C 191 -24.28 -1.88 -4.93
CA ALA C 191 -24.16 -2.29 -3.53
C ALA C 191 -25.15 -1.53 -2.65
N GLU C 192 -25.44 -2.14 -1.51
CA GLU C 192 -26.41 -1.64 -0.54
C GLU C 192 -25.69 -1.49 0.78
N PHE C 193 -25.61 -0.27 1.28
CA PHE C 193 -25.05 0.00 2.60
C PHE C 193 -26.19 0.23 3.59
N GLU C 194 -25.83 0.39 4.86
CA GLU C 194 -26.81 0.58 5.91
C GLU C 194 -26.41 1.81 6.71
N PHE C 195 -27.15 2.91 6.58
CA PHE C 195 -26.73 4.11 7.26
C PHE C 195 -27.57 4.34 8.50
N GLU C 196 -27.19 5.40 9.24
CA GLU C 196 -27.78 5.70 10.54
C GLU C 196 -27.44 7.14 10.86
N ILE C 197 -28.45 7.96 11.13
CA ILE C 197 -28.24 9.35 11.53
C ILE C 197 -29.13 9.63 12.72
N ILE C 198 -28.52 10.02 13.83
CA ILE C 198 -29.23 10.21 15.09
C ILE C 198 -29.21 11.69 15.43
N TYR C 199 -30.32 12.36 15.20
CA TYR C 199 -30.42 13.78 15.55
C TYR C 199 -30.72 13.92 17.03
N ASN C 200 -30.15 14.95 17.66
CA ASN C 200 -30.24 15.18 19.09
C ASN C 200 -31.17 16.35 19.35
N VAL C 201 -32.35 16.07 19.90
CA VAL C 201 -33.33 17.12 20.13
C VAL C 201 -32.93 17.89 21.39
N GLU C 202 -32.14 18.95 21.20
CA GLU C 202 -31.80 19.83 22.31
C GLU C 202 -32.90 20.84 22.56
N ASN C 203 -33.16 21.70 21.58
CA ASN C 203 -34.28 22.63 21.66
C ASN C 203 -35.50 22.01 21.00
N THR C 204 -36.66 22.27 21.59
CA THR C 204 -37.90 21.71 21.11
C THR C 204 -38.60 22.58 20.08
N THR C 205 -38.08 23.77 19.80
CA THR C 205 -38.70 24.65 18.81
C THR C 205 -38.10 24.42 17.43
N HIS C 206 -36.81 24.67 17.27
CA HIS C 206 -36.17 24.52 15.97
C HIS C 206 -35.49 23.16 15.86
N TRP C 207 -36.32 22.15 15.65
CA TRP C 207 -35.87 20.87 15.14
C TRP C 207 -36.49 20.52 13.80
N ARG C 208 -37.63 21.10 13.46
CA ARG C 208 -38.19 20.90 12.12
C ARG C 208 -37.29 21.52 11.08
N ASP C 209 -36.77 22.71 11.36
CA ASP C 209 -35.81 23.33 10.46
C ASP C 209 -34.49 22.59 10.42
N ASP C 210 -34.16 21.83 11.47
CA ASP C 210 -32.96 21.00 11.44
C ASP C 210 -33.18 19.65 10.79
N ILE C 211 -34.41 19.14 10.74
CA ILE C 211 -34.63 17.93 9.97
C ILE C 211 -34.78 18.27 8.50
N LYS C 212 -35.53 19.34 8.19
CA LYS C 212 -35.75 19.73 6.81
C LYS C 212 -34.50 20.27 6.15
N ASN C 213 -33.51 20.73 6.92
CA ASN C 213 -32.23 21.06 6.32
C ASN C 213 -31.37 19.83 6.10
N LEU C 214 -31.53 18.80 6.94
CA LEU C 214 -30.74 17.59 6.76
C LEU C 214 -31.23 16.81 5.55
N LEU C 215 -32.54 16.84 5.30
CA LEU C 215 -33.07 16.17 4.12
C LEU C 215 -32.74 16.93 2.85
N THR C 216 -32.55 18.25 2.96
CA THR C 216 -32.11 19.03 1.82
C THR C 216 -30.67 18.71 1.46
N ALA C 217 -29.83 18.47 2.48
CA ALA C 217 -28.46 18.05 2.22
C ALA C 217 -28.39 16.67 1.59
N MET C 218 -29.34 15.79 1.92
CA MET C 218 -29.39 14.49 1.29
C MET C 218 -29.98 14.55 -0.10
N ALA C 219 -30.91 15.48 -0.34
CA ALA C 219 -31.50 15.62 -1.66
C ALA C 219 -30.52 16.21 -2.66
N LEU C 220 -29.63 17.09 -2.19
CA LEU C 220 -28.52 17.53 -3.02
C LEU C 220 -27.47 16.45 -3.21
N LEU C 221 -27.40 15.48 -2.30
CA LEU C 221 -26.44 14.41 -2.45
C LEU C 221 -26.90 13.36 -3.44
N GLU C 222 -28.20 13.23 -3.67
CA GLU C 222 -28.67 12.31 -4.69
C GLU C 222 -28.50 12.85 -6.10
N ASP C 223 -28.20 14.14 -6.26
CA ASP C 223 -27.88 14.71 -7.55
C ASP C 223 -26.44 15.18 -7.68
N SER C 224 -25.69 15.24 -6.59
CA SER C 224 -24.24 15.26 -6.64
C SER C 224 -23.73 13.85 -6.37
N TYR C 225 -22.45 13.74 -6.06
CA TYR C 225 -21.79 12.47 -5.88
C TYR C 225 -21.30 12.32 -4.45
N LEU C 226 -20.83 11.12 -4.12
CA LEU C 226 -20.26 10.85 -2.80
C LEU C 226 -18.82 10.42 -2.96
N GLY C 227 -17.89 11.32 -2.69
CA GLY C 227 -16.49 10.99 -2.69
C GLY C 227 -15.94 10.74 -4.09
N GLY C 228 -14.64 10.48 -4.13
CA GLY C 228 -14.03 9.89 -5.30
C GLY C 228 -13.94 10.80 -6.50
N SER C 229 -14.00 10.19 -7.68
CA SER C 229 -13.81 10.97 -8.90
C SER C 229 -15.08 11.70 -9.27
N GLY C 230 -16.21 11.03 -9.30
CA GLY C 230 -17.49 11.70 -9.27
C GLY C 230 -17.89 12.43 -10.54
N SER C 231 -17.08 13.39 -10.95
CA SER C 231 -17.34 14.11 -12.19
C SER C 231 -17.13 13.21 -13.40
N ARG C 232 -16.36 12.15 -13.25
CA ARG C 232 -16.26 11.09 -14.23
C ARG C 232 -17.18 9.92 -13.90
N GLY C 233 -18.23 10.17 -13.13
CA GLY C 233 -19.22 9.16 -12.81
C GLY C 233 -18.87 8.12 -11.78
N TYR C 234 -18.34 8.50 -10.63
CA TYR C 234 -18.07 7.55 -9.57
C TYR C 234 -18.92 7.79 -8.33
N GLY C 235 -20.02 8.50 -8.43
CA GLY C 235 -20.79 8.70 -7.23
C GLY C 235 -22.12 8.01 -7.37
N LYS C 236 -23.15 8.81 -7.63
CA LYS C 236 -24.50 8.37 -8.00
C LYS C 236 -25.06 7.47 -6.90
N VAL C 237 -25.35 8.13 -5.81
CA VAL C 237 -25.78 7.51 -4.60
C VAL C 237 -27.29 7.64 -4.52
N LYS C 238 -27.91 6.87 -3.63
CA LYS C 238 -29.35 6.91 -3.51
C LYS C 238 -29.76 6.54 -2.09
N PHE C 239 -30.53 7.41 -1.44
CA PHE C 239 -31.00 7.17 -0.09
C PHE C 239 -32.32 6.41 -0.12
N ILE C 240 -32.35 5.27 0.57
CA ILE C 240 -33.52 4.41 0.63
C ILE C 240 -33.91 4.32 2.10
N PHE C 241 -34.91 5.09 2.52
CA PHE C 241 -35.23 5.14 3.93
C PHE C 241 -36.04 3.93 4.36
N ASP C 242 -35.84 3.52 5.61
CA ASP C 242 -36.59 2.42 6.22
C ASP C 242 -37.54 2.90 7.31
N SER C 243 -37.05 3.64 8.30
CA SER C 243 -37.86 4.01 9.44
C SER C 243 -37.27 5.22 10.13
N PHE C 244 -38.14 6.08 10.65
CA PHE C 244 -37.75 7.17 11.53
C PHE C 244 -38.34 6.89 12.90
N GLU C 245 -37.53 7.02 13.95
CA GLU C 245 -38.00 6.74 15.30
C GLU C 245 -37.69 7.92 16.20
N PHE C 246 -38.48 8.09 17.26
CA PHE C 246 -38.37 9.30 18.05
C PHE C 246 -37.54 9.14 19.32
N ARG C 247 -37.62 8.00 20.01
CA ARG C 247 -36.89 7.69 21.24
C ARG C 247 -37.11 8.79 22.29
N PRO C 248 -38.28 8.87 22.91
CA PRO C 248 -38.58 10.02 23.78
C PRO C 248 -37.76 10.08 25.06
N LEU C 249 -37.97 11.13 25.85
CA LEU C 249 -37.26 11.24 27.12
C LEU C 249 -37.79 10.22 28.11
N ASP C 250 -39.06 9.84 27.98
CA ASP C 250 -39.63 8.80 28.83
C ASP C 250 -39.08 7.42 28.48
N TYR C 251 -38.54 7.24 27.29
CA TYR C 251 -37.91 5.97 26.93
C TYR C 251 -36.66 5.72 27.74
N TYR C 252 -35.88 6.76 28.01
CA TYR C 252 -34.58 6.53 28.61
C TYR C 252 -34.66 6.35 30.12
N ARG C 253 -35.66 6.95 30.77
CA ARG C 253 -35.78 6.79 32.22
C ARG C 253 -36.30 5.41 32.59
N THR C 254 -37.49 5.07 32.12
CA THR C 254 -38.12 3.82 32.57
C THR C 254 -37.81 2.64 31.68
N GLY C 255 -37.39 2.86 30.44
CA GLY C 255 -36.97 1.77 29.59
C GLY C 255 -38.06 1.05 28.84
N LYS C 256 -39.33 1.37 29.10
CA LYS C 256 -40.43 0.70 28.42
C LYS C 256 -40.52 1.19 26.98
N ASP C 257 -40.85 0.27 26.08
CA ASP C 257 -40.73 0.54 24.64
C ASP C 257 -42.00 1.22 24.14
N GLU C 258 -42.04 2.55 24.33
CA GLU C 258 -43.07 3.36 23.71
C GLU C 258 -42.46 4.51 22.92
N ASP C 259 -41.56 4.19 22.00
CA ASP C 259 -41.11 5.21 21.07
C ASP C 259 -42.08 5.33 19.90
N ILE C 260 -42.02 6.46 19.22
CA ILE C 260 -42.90 6.77 18.10
C ILE C 260 -42.16 6.45 16.81
N VAL C 261 -42.69 5.55 16.01
CA VAL C 261 -42.00 5.03 14.84
C VAL C 261 -42.77 5.43 13.60
N SER C 262 -42.10 6.15 12.70
CA SER C 262 -42.65 6.42 11.38
C SER C 262 -42.47 5.20 10.50
N ILE C 263 -43.35 5.06 9.50
CA ILE C 263 -43.32 3.92 8.59
C ILE C 263 -43.11 4.47 7.18
N ASP C 264 -41.92 4.23 6.62
CA ASP C 264 -41.65 4.54 5.23
C ASP C 264 -40.71 3.49 4.65
N ALA C 265 -41.30 2.41 4.11
CA ALA C 265 -40.49 1.33 3.58
C ALA C 265 -39.87 1.70 2.23
N ARG C 266 -40.68 2.20 1.30
CA ARG C 266 -40.21 2.58 -0.04
C ARG C 266 -40.65 4.00 -0.33
N GLU C 267 -39.88 4.97 0.19
CA GLU C 267 -40.09 6.37 -0.13
C GLU C 267 -38.75 7.00 -0.43
N LYS C 268 -38.78 8.07 -1.20
CA LYS C 268 -37.56 8.73 -1.67
C LYS C 268 -37.08 9.72 -0.62
N SER C 269 -36.11 10.55 -0.99
CA SER C 269 -35.75 11.70 -0.20
C SER C 269 -36.57 12.92 -0.54
N VAL C 270 -37.38 12.86 -1.59
CA VAL C 270 -38.28 13.95 -1.94
C VAL C 270 -39.74 13.59 -1.78
N SER C 271 -40.08 12.31 -1.67
CA SER C 271 -41.40 11.91 -1.20
C SER C 271 -41.47 11.92 0.32
N ASP C 272 -40.38 12.26 0.98
CA ASP C 272 -40.30 12.29 2.43
C ASP C 272 -40.17 13.70 2.98
N ILE C 273 -39.59 14.61 2.19
CA ILE C 273 -39.37 16.02 2.67
C ILE C 273 -40.71 16.77 2.80
N LEU C 274 -41.58 16.73 1.79
CA LEU C 274 -42.87 17.46 1.89
C LEU C 274 -44.04 16.56 1.48
N SER C 275 -43.77 15.41 0.89
CA SER C 275 -44.85 14.49 0.44
C SER C 275 -45.62 14.00 1.67
N GLY C 276 -44.91 13.71 2.75
CA GLY C 276 -45.49 13.20 3.97
C GLY C 276 -45.01 13.91 5.21
N PHE C 277 -44.42 15.12 5.08
CA PHE C 277 -43.79 15.74 6.25
C PHE C 277 -44.82 16.16 7.29
N ASP C 278 -45.96 16.68 6.84
CA ASP C 278 -47.05 16.94 7.76
C ASP C 278 -47.69 15.65 8.26
N SER C 279 -47.54 14.57 7.49
CA SER C 279 -48.19 13.29 7.78
C SER C 279 -47.31 12.34 8.57
N LEU C 280 -46.03 12.21 8.20
CA LEU C 280 -45.17 11.22 8.84
C LEU C 280 -44.74 11.66 10.23
N PHE C 281 -44.53 12.95 10.44
CA PHE C 281 -44.15 13.47 11.74
C PHE C 281 -45.35 13.97 12.55
N SER C 282 -46.52 13.35 12.37
CA SER C 282 -47.73 13.87 12.98
C SER C 282 -47.75 13.65 14.48
N GLU C 283 -47.27 12.49 14.94
CA GLU C 283 -47.23 12.23 16.37
C GLU C 283 -46.02 12.87 17.03
N VAL C 284 -44.91 12.99 16.31
CA VAL C 284 -43.71 13.61 16.87
C VAL C 284 -43.92 15.10 17.10
N GLU C 285 -44.59 15.78 16.16
CA GLU C 285 -44.97 17.17 16.34
C GLU C 285 -46.08 17.37 17.36
N GLY C 286 -46.74 16.29 17.79
CA GLY C 286 -47.77 16.38 18.82
C GLY C 286 -47.22 16.19 20.22
N LYS C 287 -46.34 15.20 20.38
CA LYS C 287 -45.73 14.96 21.68
C LYS C 287 -44.60 15.95 21.97
N LEU C 288 -43.97 16.49 20.93
CA LEU C 288 -42.88 17.50 21.00
C LEU C 288 -41.68 16.97 21.77
N MET D 2 -12.81 31.96 -4.25
CA MET D 2 -13.58 33.19 -4.24
C MET D 2 -14.96 33.03 -4.86
N ASP D 3 -15.98 33.07 -3.99
CA ASP D 3 -17.39 33.24 -4.36
C ASP D 3 -17.91 32.09 -5.24
N ARG D 4 -18.08 30.93 -4.60
CA ARG D 4 -18.82 29.82 -5.20
C ARG D 4 -20.27 29.87 -4.74
N ARG D 5 -21.21 29.88 -5.69
CA ARG D 5 -22.63 29.96 -5.38
C ARG D 5 -23.34 28.78 -6.03
N PHE D 6 -24.66 28.71 -5.84
CA PHE D 6 -25.43 27.57 -6.32
C PHE D 6 -26.84 28.03 -6.65
N TYR D 7 -27.29 27.78 -7.88
CA TYR D 7 -28.65 28.09 -8.26
C TYR D 7 -29.47 26.88 -8.66
N GLY D 8 -28.85 25.80 -9.12
CA GLY D 8 -29.59 24.64 -9.55
C GLY D 8 -28.71 23.75 -10.40
N LYS D 9 -29.34 22.71 -10.96
CA LYS D 9 -28.62 21.68 -11.69
C LYS D 9 -29.32 21.37 -13.01
N ILE D 10 -28.84 21.92 -14.13
CA ILE D 10 -29.42 21.57 -15.42
C ILE D 10 -29.05 20.14 -15.77
N VAL D 11 -30.07 19.28 -15.84
CA VAL D 11 -29.90 17.85 -16.01
C VAL D 11 -30.23 17.49 -17.45
N ILE D 12 -29.33 16.77 -18.11
CA ILE D 12 -29.47 16.41 -19.52
C ILE D 12 -29.49 14.90 -19.59
N LYS D 13 -30.68 14.31 -19.74
CA LYS D 13 -30.84 12.87 -19.84
C LYS D 13 -30.99 12.46 -21.30
N GLY D 14 -31.32 11.20 -21.50
CA GLY D 14 -31.50 10.73 -22.85
C GLY D 14 -30.91 9.34 -23.02
N LYS D 15 -30.56 9.04 -24.27
CA LYS D 15 -30.05 7.73 -24.66
C LYS D 15 -28.93 7.91 -25.67
N ILE D 16 -28.02 6.95 -25.73
CA ILE D 16 -26.90 6.95 -26.66
C ILE D 16 -27.08 5.76 -27.59
N LYS D 17 -27.27 6.03 -28.87
CA LYS D 17 -27.51 5.02 -29.88
C LYS D 17 -26.20 4.66 -30.56
N ALA D 18 -25.78 3.40 -30.43
CA ALA D 18 -24.57 2.94 -31.10
C ALA D 18 -24.96 2.51 -32.50
N VAL D 19 -24.95 3.47 -33.43
CA VAL D 19 -25.36 3.21 -34.80
C VAL D 19 -24.39 2.26 -35.49
N THR D 20 -23.10 2.42 -35.23
CA THR D 20 -22.11 1.40 -35.54
C THR D 20 -21.65 0.81 -34.21
N GLY D 21 -21.16 -0.43 -34.26
CA GLY D 21 -20.88 -1.17 -33.04
C GLY D 21 -19.75 -0.58 -32.23
N LEU D 22 -20.02 -0.43 -30.94
CA LEU D 22 -19.11 0.26 -29.98
C LEU D 22 -18.19 -0.72 -29.24
N HIS D 23 -16.95 -0.29 -29.01
CA HIS D 23 -15.94 -1.08 -28.29
C HIS D 23 -15.18 -0.20 -27.32
N ILE D 24 -15.59 -0.22 -26.05
CA ILE D 24 -14.80 0.42 -24.98
C ILE D 24 -14.04 -0.71 -24.30
N GLY D 25 -12.75 -0.77 -24.56
CA GLY D 25 -11.97 -1.94 -24.14
C GLY D 25 -11.62 -1.89 -22.67
N SER D 26 -11.40 -3.06 -22.09
CA SER D 26 -10.89 -3.18 -20.73
C SER D 26 -9.54 -3.84 -20.79
N GLN D 27 -9.10 -4.25 -19.61
CA GLN D 27 -8.20 -5.38 -19.53
C GLN D 27 -8.93 -6.57 -18.93
N ARG D 28 -8.38 -7.75 -19.22
CA ARG D 28 -8.88 -9.07 -18.74
C ARG D 28 -8.06 -9.48 -17.52
N ASP D 29 -8.03 -10.79 -17.21
CA ASP D 29 -7.26 -11.45 -16.11
C ASP D 29 -7.99 -11.36 -14.77
N ILE D 30 -9.22 -10.83 -14.74
CA ILE D 30 -9.98 -10.75 -13.45
C ILE D 30 -10.67 -12.11 -13.24
N SER D 31 -9.92 -13.12 -12.79
CA SER D 31 -10.48 -14.47 -12.61
C SER D 31 -11.31 -14.94 -13.80
N GLU D 32 -10.87 -14.59 -15.01
CA GLU D 32 -11.54 -14.98 -16.24
C GLU D 32 -10.56 -15.78 -17.10
N ILE D 33 -11.06 -16.86 -17.70
CA ILE D 33 -10.19 -17.84 -18.32
C ILE D 33 -10.36 -17.89 -19.84
N GLY D 34 -11.56 -18.22 -20.30
CA GLY D 34 -11.78 -18.38 -21.72
C GLY D 34 -12.68 -17.31 -22.29
N GLY D 35 -12.12 -16.42 -23.11
CA GLY D 35 -12.91 -15.32 -23.62
C GLY D 35 -12.31 -14.72 -24.87
N ILE D 36 -13.10 -13.82 -25.48
CA ILE D 36 -12.63 -13.05 -26.62
C ILE D 36 -11.51 -12.13 -26.16
N ALA D 37 -10.43 -12.09 -26.93
CA ALA D 37 -9.38 -11.11 -26.68
C ALA D 37 -9.92 -9.71 -26.93
N ASN D 38 -9.36 -8.74 -26.19
CA ASN D 38 -9.83 -7.36 -26.15
C ASN D 38 -11.31 -7.23 -25.82
N PRO D 39 -11.70 -7.42 -24.55
CA PRO D 39 -13.12 -7.42 -24.22
C PRO D 39 -13.65 -6.02 -23.96
N VAL D 40 -14.94 -5.84 -24.23
CA VAL D 40 -15.65 -4.65 -23.80
C VAL D 40 -15.74 -4.67 -22.29
N ILE D 41 -15.66 -3.48 -21.65
CA ILE D 41 -15.78 -3.41 -20.20
C ILE D 41 -17.19 -3.79 -19.80
N LYS D 42 -17.36 -4.27 -18.58
CA LYS D 42 -18.63 -4.84 -18.16
C LYS D 42 -18.91 -4.47 -16.71
N ASP D 43 -20.19 -4.28 -16.42
CA ASP D 43 -20.66 -4.16 -15.05
C ASP D 43 -20.48 -5.49 -14.34
N PRO D 44 -19.67 -5.59 -13.28
CA PRO D 44 -19.40 -6.89 -12.67
C PRO D 44 -20.58 -7.51 -11.96
N HIS D 45 -21.58 -6.72 -11.58
CA HIS D 45 -22.73 -7.26 -10.88
C HIS D 45 -23.81 -7.79 -11.83
N THR D 46 -24.11 -7.06 -12.90
CA THR D 46 -25.13 -7.50 -13.84
C THR D 46 -24.56 -8.24 -15.04
N GLY D 47 -23.28 -8.05 -15.35
CA GLY D 47 -22.63 -8.76 -16.43
C GLY D 47 -22.61 -8.04 -17.75
N LEU D 48 -23.33 -7.00 -17.90
CA LEU D 48 -23.58 -6.29 -19.14
C LEU D 48 -22.52 -5.21 -19.37
N PRO D 49 -22.29 -4.81 -20.62
CA PRO D 49 -21.37 -3.71 -20.88
C PRO D 49 -21.98 -2.37 -20.54
N TYR D 50 -21.14 -1.35 -20.50
CA TYR D 50 -21.58 0.01 -20.23
C TYR D 50 -20.56 0.97 -20.82
N ILE D 51 -20.83 2.26 -20.68
CA ILE D 51 -19.96 3.34 -21.09
C ILE D 51 -19.60 4.13 -19.84
N PRO D 52 -18.33 4.27 -19.50
CA PRO D 52 -17.97 5.08 -18.34
C PRO D 52 -18.21 6.56 -18.57
N GLY D 53 -18.51 7.26 -17.48
CA GLY D 53 -18.52 8.71 -17.55
C GLY D 53 -17.15 9.29 -17.80
N SER D 54 -16.11 8.56 -17.41
CA SER D 54 -14.76 9.01 -17.71
C SER D 54 -14.47 8.94 -19.19
N SER D 55 -15.02 7.94 -19.88
CA SER D 55 -14.79 7.80 -21.30
C SER D 55 -15.59 8.81 -22.10
N LEU D 56 -16.66 9.35 -21.53
CA LEU D 56 -17.49 10.32 -22.24
C LEU D 56 -17.15 11.77 -21.86
N LYS D 57 -16.79 12.03 -20.61
CA LYS D 57 -16.39 13.38 -20.22
C LYS D 57 -15.03 13.73 -20.82
N GLY D 58 -14.16 12.74 -20.95
CA GLY D 58 -12.86 13.00 -21.55
C GLY D 58 -12.92 13.13 -23.06
N ARG D 59 -13.79 12.36 -23.70
CA ARG D 59 -13.92 12.45 -25.15
C ARG D 59 -14.59 13.75 -25.57
N LEU D 60 -15.53 14.26 -24.78
CA LEU D 60 -16.05 15.59 -25.04
C LEU D 60 -15.02 16.66 -24.74
N ARG D 61 -14.13 16.41 -23.78
CA ARG D 61 -13.07 17.37 -23.53
C ARG D 61 -12.04 17.34 -24.65
N SER D 62 -11.77 16.16 -25.19
CA SER D 62 -10.77 16.02 -26.25
C SER D 62 -11.20 16.73 -27.51
N LEU D 63 -12.49 16.70 -27.84
CA LEU D 63 -12.96 17.33 -29.07
C LEU D 63 -13.14 18.83 -28.94
N PHE D 64 -13.43 19.30 -27.73
CA PHE D 64 -13.68 20.71 -27.52
C PHE D 64 -12.41 21.51 -27.30
N GLU D 65 -11.38 20.91 -26.68
CA GLU D 65 -10.08 21.55 -26.57
C GLU D 65 -9.43 21.72 -27.94
N ILE D 66 -9.66 20.79 -28.85
CA ILE D 66 -9.13 20.94 -30.20
C ILE D 66 -9.95 21.96 -30.99
N LEU D 67 -11.24 22.09 -30.68
CA LEU D 67 -12.07 23.10 -31.31
C LEU D 67 -11.66 24.51 -30.89
N VAL D 68 -11.20 24.67 -29.65
CA VAL D 68 -10.77 25.98 -29.19
C VAL D 68 -9.38 26.31 -29.70
N ASN D 69 -8.51 25.30 -29.85
CA ASN D 69 -7.17 25.51 -30.40
C ASN D 69 -7.21 25.96 -31.85
N SER D 70 -8.28 25.63 -32.58
CA SER D 70 -8.43 26.12 -33.94
C SER D 70 -8.62 27.63 -33.97
N ARG D 71 -9.25 28.20 -32.95
CA ARG D 71 -9.61 29.62 -32.91
C ARG D 71 -9.11 30.22 -31.61
N LEU D 72 -7.85 30.66 -31.57
CA LEU D 72 -7.37 31.42 -30.43
C LEU D 72 -7.30 32.91 -30.74
N GLY D 73 -7.88 33.35 -31.84
CA GLY D 73 -7.97 34.75 -32.16
C GLY D 73 -9.41 35.19 -32.29
N GLU D 74 -10.33 34.22 -32.20
CA GLU D 74 -11.74 34.48 -32.40
C GLU D 74 -12.57 34.31 -31.15
N TRP D 75 -12.16 33.46 -30.22
CA TRP D 75 -12.83 33.36 -28.93
C TRP D 75 -12.29 34.36 -27.91
N ARG D 76 -11.10 34.92 -28.15
CA ARG D 76 -10.47 35.81 -27.17
C ARG D 76 -11.14 37.17 -27.09
N GLU D 77 -11.93 37.55 -28.10
CA GLU D 77 -12.76 38.74 -27.96
C GLU D 77 -13.96 38.49 -27.05
N LYS D 78 -14.28 37.23 -26.77
CA LYS D 78 -15.43 36.89 -25.96
C LYS D 78 -15.05 36.27 -24.62
N TYR D 79 -13.88 35.66 -24.52
CA TYR D 79 -13.38 35.15 -23.25
C TYR D 79 -12.00 35.73 -22.99
N PRO D 80 -11.74 36.23 -21.79
CA PRO D 80 -10.36 36.57 -21.44
C PRO D 80 -9.53 35.32 -21.18
N SER D 81 -8.24 35.52 -20.92
CA SER D 81 -7.25 34.51 -20.51
C SER D 81 -6.92 33.49 -21.59
N LEU D 82 -7.58 33.51 -22.75
CA LEU D 82 -7.08 32.79 -23.91
C LEU D 82 -5.99 33.57 -24.62
N ALA D 83 -5.83 34.86 -24.29
CA ALA D 83 -4.71 35.63 -24.79
C ALA D 83 -3.40 35.22 -24.13
N ASN D 84 -3.46 34.49 -23.01
CA ASN D 84 -2.26 33.90 -22.43
C ASN D 84 -1.73 32.76 -23.28
N TYR D 85 -2.56 32.17 -24.13
CA TYR D 85 -2.19 30.97 -24.85
C TYR D 85 -2.13 31.22 -26.35
N SER D 86 -1.18 30.57 -27.01
CA SER D 86 -0.90 30.54 -28.43
C SER D 86 -1.18 29.13 -28.96
N PRO D 87 -1.55 28.98 -30.23
CA PRO D 87 -1.84 27.64 -30.75
C PRO D 87 -0.59 26.78 -30.85
N GLY D 88 -0.65 25.60 -30.24
CA GLY D 88 0.47 24.68 -30.29
C GLY D 88 0.42 23.70 -29.13
N SER D 89 1.58 23.13 -28.84
CA SER D 89 1.76 22.18 -27.75
C SER D 89 3.12 22.42 -27.11
N CYS D 90 3.27 21.92 -25.89
CA CYS D 90 4.56 21.97 -25.20
C CYS D 90 5.39 20.73 -25.47
N ARG D 91 5.14 20.04 -26.56
CA ARG D 91 5.96 18.91 -27.00
C ARG D 91 7.33 19.34 -27.55
N PRO D 92 7.48 20.42 -28.36
CA PRO D 92 8.85 20.81 -28.74
C PRO D 92 9.67 21.45 -27.63
N ASP D 93 9.12 21.68 -26.45
CA ASP D 93 9.87 22.27 -25.34
C ASP D 93 9.26 21.77 -24.04
N ASN D 94 9.96 20.86 -23.36
CA ASN D 94 9.35 20.16 -22.22
C ASN D 94 9.23 21.04 -20.98
N GLN D 95 8.43 22.11 -21.09
CA GLN D 95 8.16 23.02 -19.99
C GLN D 95 6.65 23.13 -19.87
N GLU D 96 6.15 23.08 -18.64
CA GLU D 96 4.73 22.91 -18.37
C GLU D 96 3.90 24.10 -18.82
N ASN D 97 4.09 25.24 -18.18
CA ASN D 97 3.18 26.36 -18.35
C ASN D 97 3.91 27.47 -19.09
N CYS D 98 3.56 27.65 -20.36
CA CYS D 98 4.08 28.71 -21.19
C CYS D 98 2.96 29.13 -22.14
N GLY D 99 3.32 29.75 -23.25
CA GLY D 99 2.31 30.26 -24.16
C GLY D 99 1.57 29.22 -24.96
N LYS D 100 1.96 27.96 -24.89
CA LYS D 100 1.30 26.94 -25.69
C LYS D 100 0.03 26.45 -25.02
N PHE D 101 -0.96 26.10 -25.85
CA PHE D 101 -2.31 25.90 -25.35
C PHE D 101 -2.49 24.54 -24.66
N PHE D 102 -1.71 23.53 -25.04
CA PHE D 102 -1.74 22.27 -24.32
C PHE D 102 -0.57 22.29 -23.36
N ASN D 103 -0.87 22.36 -22.06
CA ASN D 103 0.13 22.74 -21.07
C ASN D 103 0.40 21.73 -19.97
N ARG D 104 -0.48 20.78 -19.69
CA ARG D 104 -0.18 19.82 -18.63
C ARG D 104 0.28 18.49 -19.19
N LYS D 105 1.53 18.15 -18.91
CA LYS D 105 2.01 16.79 -19.07
C LYS D 105 1.36 15.94 -18.00
N ILE D 106 0.42 15.08 -18.38
CA ILE D 106 -0.22 14.19 -17.42
C ILE D 106 0.77 13.13 -16.97
N ASN D 107 1.17 12.26 -17.89
CA ASN D 107 2.36 11.46 -17.67
C ASN D 107 3.29 11.74 -18.83
N ARG D 108 2.77 11.64 -20.04
CA ARG D 108 3.49 12.01 -21.24
C ARG D 108 2.66 12.81 -22.22
N GLY D 109 1.38 13.04 -21.94
CA GLY D 109 0.47 13.63 -22.91
C GLY D 109 0.00 15.00 -22.46
N TRP D 110 0.00 15.94 -23.40
CA TRP D 110 -0.24 17.34 -23.08
C TRP D 110 -1.71 17.69 -23.27
N ILE D 111 -2.32 18.22 -22.22
CA ILE D 111 -3.76 18.42 -22.13
C ILE D 111 -4.00 19.81 -21.58
N HIS D 112 -4.90 20.56 -22.22
CA HIS D 112 -5.18 21.94 -21.79
C HIS D 112 -5.91 21.96 -20.47
N VAL D 113 -5.16 22.22 -19.40
CA VAL D 113 -5.73 22.44 -18.08
C VAL D 113 -5.11 23.72 -17.55
N CYS D 114 -5.95 24.68 -17.15
CA CYS D 114 -5.42 25.96 -16.68
C CYS D 114 -4.85 25.81 -15.27
N PRO D 115 -3.76 26.52 -14.94
CA PRO D 115 -3.07 26.28 -13.66
C PRO D 115 -3.62 27.03 -12.46
N ASP D 116 -4.58 27.92 -12.65
CA ASP D 116 -5.04 28.81 -11.58
C ASP D 116 -6.56 28.81 -11.58
N TYR D 117 -7.14 29.30 -10.48
CA TYR D 117 -8.59 29.47 -10.39
C TYR D 117 -9.08 30.51 -11.39
N GLU D 118 -8.62 31.75 -11.24
CA GLU D 118 -9.22 32.85 -11.99
C GLU D 118 -8.73 32.92 -13.43
N THR D 119 -7.66 32.22 -13.78
CA THR D 119 -7.39 32.02 -15.19
C THR D 119 -8.39 31.04 -15.78
N ALA D 120 -8.69 29.96 -15.04
CA ALA D 120 -9.67 28.99 -15.49
C ALA D 120 -11.10 29.49 -15.36
N LEU D 121 -11.34 30.52 -14.56
CA LEU D 121 -12.69 31.06 -14.46
C LEU D 121 -13.08 31.84 -15.70
N ALA D 122 -12.11 32.26 -16.52
CA ALA D 122 -12.40 32.92 -17.78
C ALA D 122 -12.08 32.05 -18.99
N CYS D 123 -11.75 30.78 -18.77
CA CYS D 123 -11.46 29.86 -19.87
C CYS D 123 -12.73 29.11 -20.26
N PRO D 124 -13.04 29.01 -21.55
CA PRO D 124 -14.25 28.31 -21.96
C PRO D 124 -14.17 26.80 -21.78
N VAL D 125 -12.97 26.24 -21.75
CA VAL D 125 -12.84 24.82 -21.49
C VAL D 125 -12.88 24.53 -20.01
N CYS D 126 -11.96 25.12 -19.25
CA CYS D 126 -11.76 24.76 -17.86
C CYS D 126 -12.79 25.34 -16.91
N ARG D 127 -13.81 26.04 -17.38
CA ARG D 127 -14.93 26.28 -16.49
C ARG D 127 -16.06 25.28 -16.70
N LEU D 128 -16.05 24.57 -17.82
CA LEU D 128 -17.06 23.56 -18.08
C LEU D 128 -16.57 22.18 -17.65
N PHE D 129 -15.29 21.90 -17.85
CA PHE D 129 -14.71 20.61 -17.50
C PHE D 129 -13.83 20.65 -16.27
N GLY D 130 -13.42 21.83 -15.80
CA GLY D 130 -12.70 21.95 -14.56
C GLY D 130 -11.21 21.81 -14.74
N ALA D 131 -10.50 22.02 -13.63
CA ALA D 131 -9.05 22.12 -13.69
C ALA D 131 -8.42 21.73 -12.36
N SER D 132 -7.16 21.35 -12.43
CA SER D 132 -6.34 21.11 -11.25
C SER D 132 -5.24 22.15 -11.25
N GLY D 133 -4.69 22.44 -10.09
CA GLY D 133 -3.61 23.44 -10.01
C GLY D 133 -2.95 23.43 -8.65
N LYS D 134 -1.88 24.19 -8.46
CA LYS D 134 -1.29 24.26 -7.11
C LYS D 134 -1.86 25.53 -6.43
N GLU D 135 -2.71 25.37 -5.44
CA GLU D 135 -3.28 26.52 -4.69
C GLU D 135 -4.56 27.04 -5.35
N SER D 136 -4.95 26.58 -6.53
CA SER D 136 -6.21 27.08 -7.15
C SER D 136 -7.19 25.91 -7.31
N ASN D 137 -6.80 24.88 -8.05
CA ASN D 137 -7.62 23.64 -8.17
C ASN D 137 -9.07 23.93 -8.58
N PHE D 138 -9.36 24.74 -9.59
CA PHE D 138 -10.78 24.97 -9.93
C PHE D 138 -11.46 23.61 -10.20
N PRO D 139 -12.67 23.39 -9.65
CA PRO D 139 -13.36 22.11 -9.87
C PRO D 139 -14.39 22.24 -10.97
N SER D 140 -14.91 21.09 -11.41
CA SER D 140 -15.75 21.12 -12.60
C SER D 140 -17.16 21.57 -12.28
N ARG D 141 -17.91 21.80 -13.35
CA ARG D 141 -19.32 22.14 -13.27
C ARG D 141 -20.21 21.16 -13.98
N ILE D 142 -19.65 20.17 -14.69
CA ILE D 142 -20.45 19.08 -15.23
C ILE D 142 -19.98 17.81 -14.54
N ILE D 143 -20.94 16.90 -14.32
CA ILE D 143 -20.63 15.53 -13.93
C ILE D 143 -21.32 14.61 -14.92
N VAL D 144 -20.57 13.67 -15.46
CA VAL D 144 -21.08 12.73 -16.46
C VAL D 144 -21.07 11.34 -15.85
N ARG D 145 -22.23 10.72 -15.73
CA ARG D 145 -22.32 9.45 -15.02
C ARG D 145 -22.14 8.27 -15.97
N ASP D 146 -22.07 7.07 -15.41
CA ASP D 146 -21.89 5.89 -16.24
C ASP D 146 -23.21 5.51 -16.89
N ALA D 147 -23.14 5.03 -18.12
CA ALA D 147 -24.32 4.74 -18.94
C ALA D 147 -24.44 3.25 -19.13
N PHE D 148 -25.39 2.63 -18.46
CA PHE D 148 -25.67 1.21 -18.60
C PHE D 148 -26.66 1.02 -19.74
N LEU D 149 -26.96 -0.24 -20.08
CA LEU D 149 -27.98 -0.51 -21.08
C LEU D 149 -29.34 -0.02 -20.60
N THR D 150 -30.15 0.43 -21.53
CA THR D 150 -31.50 0.86 -21.18
C THR D 150 -32.34 -0.36 -20.82
N LYS D 151 -33.52 -0.09 -20.27
CA LYS D 151 -34.31 -1.16 -19.66
C LYS D 151 -34.86 -2.15 -20.68
N GLU D 152 -35.03 -1.74 -21.93
CA GLU D 152 -35.48 -2.70 -22.93
C GLU D 152 -34.35 -3.59 -23.42
N TRP D 153 -33.10 -3.10 -23.40
CA TRP D 153 -31.98 -3.93 -23.80
C TRP D 153 -31.48 -4.79 -22.65
N GLU D 154 -31.92 -4.52 -21.42
CA GLU D 154 -31.85 -5.51 -20.36
C GLU D 154 -32.66 -6.73 -20.73
N GLU D 155 -33.87 -6.50 -21.26
CA GLU D 155 -34.81 -7.58 -21.52
C GLU D 155 -34.43 -8.40 -22.75
N LYS D 156 -33.69 -7.81 -23.68
CA LYS D 156 -33.20 -8.57 -24.82
C LYS D 156 -32.07 -9.51 -24.42
N TRP D 157 -31.35 -9.15 -23.37
CA TRP D 157 -30.36 -10.06 -22.79
C TRP D 157 -31.05 -11.25 -22.11
N ARG D 158 -32.20 -11.03 -21.51
CA ARG D 158 -32.98 -12.13 -20.94
C ARG D 158 -33.53 -13.02 -22.03
N ALA D 159 -33.95 -12.43 -23.15
CA ALA D 159 -34.52 -13.18 -24.26
C ALA D 159 -33.48 -13.96 -25.04
N GLY D 160 -32.19 -13.73 -24.79
CA GLY D 160 -31.14 -14.49 -25.44
C GLY D 160 -30.53 -13.83 -26.65
N GLU D 161 -30.95 -12.62 -27.00
CA GLU D 161 -30.34 -11.92 -28.12
C GLU D 161 -28.94 -11.48 -27.76
N ALA D 162 -28.08 -11.44 -28.77
CA ALA D 162 -26.67 -11.15 -28.57
C ALA D 162 -26.50 -9.67 -28.25
N ILE D 163 -26.00 -9.36 -27.06
CA ILE D 163 -25.74 -7.97 -26.72
C ILE D 163 -24.31 -7.60 -27.13
N THR D 164 -23.44 -8.58 -27.33
CA THR D 164 -22.13 -8.36 -27.91
C THR D 164 -21.99 -9.25 -29.13
N GLU D 165 -20.85 -9.13 -29.79
CA GLU D 165 -20.50 -9.97 -30.93
C GLU D 165 -19.00 -9.92 -31.07
N ALA D 166 -18.47 -10.73 -31.97
CA ALA D 166 -17.03 -10.81 -32.18
C ALA D 166 -16.73 -10.52 -33.63
N LYS D 167 -16.07 -9.41 -33.90
CA LYS D 167 -15.71 -9.04 -35.29
C LYS D 167 -14.25 -9.42 -35.47
N ILE D 168 -13.90 -10.18 -36.50
CA ILE D 168 -12.48 -10.54 -36.70
C ILE D 168 -11.90 -9.62 -37.79
N GLU D 169 -10.83 -8.91 -37.46
CA GLU D 169 -10.17 -7.99 -38.40
C GLU D 169 -8.78 -8.57 -38.70
N VAL D 170 -8.36 -8.64 -39.96
CA VAL D 170 -7.04 -9.26 -40.25
C VAL D 170 -6.10 -8.21 -40.86
N GLY D 171 -4.90 -8.05 -40.31
CA GLY D 171 -3.91 -7.11 -40.88
C GLY D 171 -3.06 -7.85 -41.90
N ILE D 172 -2.95 -7.36 -43.13
CA ILE D 172 -2.20 -8.10 -44.18
C ILE D 172 -0.91 -7.37 -44.56
N ASP D 173 0.23 -8.04 -44.48
CA ASP D 173 1.48 -7.40 -44.94
C ASP D 173 1.32 -7.23 -46.45
N ARG D 174 1.66 -6.08 -47.00
CA ARG D 174 1.47 -5.86 -48.46
C ARG D 174 2.41 -6.74 -49.30
N VAL D 175 3.69 -6.84 -48.94
CA VAL D 175 4.67 -7.61 -49.76
C VAL D 175 4.36 -9.12 -49.79
N THR D 176 4.06 -9.77 -48.67
CA THR D 176 3.85 -11.25 -48.71
C THR D 176 2.38 -11.62 -48.62
N SER D 177 1.45 -10.68 -48.47
CA SER D 177 0.01 -11.00 -48.36
C SER D 177 -0.23 -12.05 -47.27
N GLN D 178 0.37 -11.87 -46.09
CA GLN D 178 0.21 -12.85 -44.98
C GLN D 178 -0.69 -12.24 -43.90
N ALA D 179 -1.80 -12.89 -43.59
CA ALA D 179 -2.77 -12.40 -42.58
C ALA D 179 -2.23 -12.56 -41.16
N ASN D 180 -2.61 -11.65 -40.27
CA ASN D 180 -2.23 -11.67 -38.84
C ASN D 180 -3.51 -11.41 -38.04
N PRO D 181 -4.44 -12.38 -38.03
CA PRO D 181 -5.79 -12.34 -37.44
C PRO D 181 -5.91 -12.20 -35.92
N ARG D 182 -6.87 -11.38 -35.51
CA ARG D 182 -7.22 -11.16 -34.08
C ARG D 182 -8.74 -10.96 -33.98
N THR D 183 -9.35 -11.22 -32.84
CA THR D 183 -10.83 -11.07 -32.74
C THR D 183 -11.16 -9.95 -31.76
N ASN D 184 -11.99 -9.00 -32.15
CA ASN D 184 -12.34 -7.86 -31.26
C ASN D 184 -13.82 -7.94 -30.85
N GLU D 185 -14.09 -8.11 -29.57
CA GLU D 185 -15.45 -8.04 -29.08
C GLU D 185 -15.96 -6.63 -29.30
N ARG D 186 -17.24 -6.48 -29.60
CA ARG D 186 -17.83 -5.16 -29.73
C ARG D 186 -19.29 -5.29 -29.31
N VAL D 187 -19.83 -4.19 -28.79
CA VAL D 187 -21.26 -4.12 -28.59
C VAL D 187 -21.95 -4.15 -29.96
N VAL D 188 -23.07 -4.86 -30.05
CA VAL D 188 -23.83 -4.95 -31.29
C VAL D 188 -24.30 -3.56 -31.69
N ALA D 189 -24.27 -3.30 -32.99
CA ALA D 189 -24.77 -2.03 -33.50
C ALA D 189 -26.26 -1.92 -33.26
N GLY D 190 -26.71 -0.70 -32.98
CA GLY D 190 -28.08 -0.47 -32.68
C GLY D 190 -28.42 -0.51 -31.21
N ALA D 191 -27.46 -0.88 -30.36
CA ALA D 191 -27.69 -0.93 -28.93
C ALA D 191 -27.81 0.48 -28.36
N GLU D 192 -28.28 0.57 -27.13
CA GLU D 192 -28.74 1.86 -26.65
C GLU D 192 -28.44 1.95 -25.16
N PHE D 193 -27.84 3.06 -24.75
CA PHE D 193 -27.34 3.24 -23.39
C PHE D 193 -27.93 4.51 -22.82
N GLU D 194 -28.41 4.47 -21.58
CA GLU D 194 -29.06 5.61 -20.97
C GLU D 194 -28.03 6.44 -20.19
N PHE D 195 -27.83 7.69 -20.60
CA PHE D 195 -26.74 8.52 -20.10
C PHE D 195 -27.28 9.63 -19.22
N GLU D 196 -26.36 10.47 -18.74
CA GLU D 196 -26.68 11.46 -17.70
C GLU D 196 -25.58 12.50 -17.66
N ILE D 197 -25.92 13.75 -17.98
CA ILE D 197 -24.99 14.87 -17.83
C ILE D 197 -25.68 15.94 -17.00
N ILE D 198 -25.08 16.28 -15.87
CA ILE D 198 -25.62 17.23 -14.92
C ILE D 198 -24.72 18.46 -14.95
N TYR D 199 -25.23 19.57 -15.44
CA TYR D 199 -24.51 20.84 -15.36
C TYR D 199 -24.88 21.53 -14.06
N ASN D 200 -23.90 22.10 -13.39
CA ASN D 200 -24.09 22.74 -12.09
C ASN D 200 -24.04 24.24 -12.27
N VAL D 201 -25.19 24.90 -12.15
CA VAL D 201 -25.32 26.33 -12.45
C VAL D 201 -24.73 27.13 -11.29
N GLU D 202 -23.58 27.73 -11.51
CA GLU D 202 -22.92 28.53 -10.47
C GLU D 202 -23.04 30.03 -10.70
N ASN D 203 -22.70 30.51 -11.89
CA ASN D 203 -22.79 31.93 -12.20
C ASN D 203 -23.84 32.12 -13.28
N THR D 204 -24.86 32.91 -12.96
CA THR D 204 -25.97 33.17 -13.88
C THR D 204 -25.62 34.15 -14.98
N THR D 205 -24.42 34.73 -14.95
CA THR D 205 -23.96 35.56 -16.07
C THR D 205 -23.55 34.69 -17.25
N HIS D 206 -22.77 33.65 -17.00
CA HIS D 206 -22.35 32.72 -18.04
C HIS D 206 -22.86 31.32 -17.72
N TRP D 207 -24.07 31.04 -18.16
CA TRP D 207 -24.59 29.68 -18.25
C TRP D 207 -25.18 29.37 -19.61
N ARG D 208 -25.53 30.39 -20.40
CA ARG D 208 -25.87 30.18 -21.80
C ARG D 208 -24.71 29.54 -22.55
N ASP D 209 -23.51 30.04 -22.29
CA ASP D 209 -22.33 29.60 -23.04
C ASP D 209 -21.96 28.18 -22.67
N ASP D 210 -22.05 27.83 -21.40
CA ASP D 210 -21.66 26.51 -20.94
C ASP D 210 -22.63 25.43 -21.39
N ILE D 211 -23.86 25.79 -21.75
CA ILE D 211 -24.71 24.83 -22.43
C ILE D 211 -24.50 24.89 -23.94
N LYS D 212 -24.20 26.08 -24.49
CA LYS D 212 -23.89 26.17 -25.90
C LYS D 212 -22.52 25.60 -26.24
N ASN D 213 -21.65 25.40 -25.25
CA ASN D 213 -20.39 24.72 -25.49
C ASN D 213 -20.47 23.23 -25.21
N LEU D 214 -21.35 22.81 -24.33
CA LEU D 214 -21.55 21.39 -24.13
C LEU D 214 -22.32 20.79 -25.30
N LEU D 215 -23.29 21.53 -25.84
CA LEU D 215 -23.99 21.08 -27.03
C LEU D 215 -23.16 21.24 -28.29
N THR D 216 -22.08 22.04 -28.24
CA THR D 216 -21.14 22.08 -29.35
C THR D 216 -20.27 20.84 -29.37
N ALA D 217 -19.79 20.42 -28.20
CA ALA D 217 -18.97 19.23 -28.14
C ALA D 217 -19.78 17.97 -28.37
N MET D 218 -21.07 17.98 -28.05
CA MET D 218 -21.93 16.85 -28.41
C MET D 218 -22.08 16.72 -29.91
N ALA D 219 -22.28 17.84 -30.60
CA ALA D 219 -22.41 17.80 -32.05
C ALA D 219 -21.10 17.48 -32.72
N LEU D 220 -19.97 17.80 -32.08
CA LEU D 220 -18.68 17.34 -32.58
C LEU D 220 -18.47 15.86 -32.35
N LEU D 221 -19.15 15.27 -31.37
CA LEU D 221 -19.00 13.84 -31.10
C LEU D 221 -19.84 12.98 -32.02
N GLU D 222 -21.01 13.46 -32.45
CA GLU D 222 -21.75 12.74 -33.47
C GLU D 222 -21.12 12.87 -34.85
N ASP D 223 -20.18 13.79 -35.03
CA ASP D 223 -19.39 13.87 -36.24
C ASP D 223 -18.12 13.04 -36.13
N SER D 224 -17.60 12.92 -34.91
CA SER D 224 -16.44 12.08 -34.60
C SER D 224 -16.93 10.72 -34.11
N TYR D 225 -16.07 9.99 -33.41
CA TYR D 225 -16.36 8.65 -32.94
C TYR D 225 -16.11 8.55 -31.44
N LEU D 226 -16.73 7.55 -30.81
CA LEU D 226 -16.62 7.29 -29.38
C LEU D 226 -15.99 5.92 -29.13
N GLY D 227 -14.97 5.88 -28.27
CA GLY D 227 -14.27 4.66 -27.95
C GLY D 227 -13.54 4.12 -29.15
N GLY D 228 -13.12 2.86 -29.01
CA GLY D 228 -12.92 1.97 -30.15
C GLY D 228 -11.84 2.36 -31.11
N SER D 229 -11.93 1.81 -32.30
CA SER D 229 -11.02 2.13 -33.39
C SER D 229 -11.91 2.78 -34.44
N GLY D 230 -12.19 4.07 -34.27
CA GLY D 230 -13.26 4.68 -35.03
C GLY D 230 -12.85 5.05 -36.44
N SER D 231 -11.55 5.11 -36.69
CA SER D 231 -11.08 5.29 -38.05
C SER D 231 -11.29 4.03 -38.88
N ARG D 232 -11.58 2.90 -38.24
CA ARG D 232 -11.96 1.67 -38.90
C ARG D 232 -13.42 1.29 -38.68
N GLY D 233 -14.29 2.24 -38.36
CA GLY D 233 -15.70 1.90 -38.27
C GLY D 233 -16.35 2.04 -36.91
N TYR D 234 -15.66 1.66 -35.83
CA TYR D 234 -16.30 1.37 -34.55
C TYR D 234 -16.96 2.50 -33.77
N GLY D 235 -17.07 3.70 -34.32
CA GLY D 235 -17.64 4.73 -33.48
C GLY D 235 -19.11 4.97 -33.66
N LYS D 236 -19.44 6.15 -34.21
CA LYS D 236 -20.77 6.53 -34.69
C LYS D 236 -21.81 6.44 -33.57
N VAL D 237 -21.59 7.32 -32.62
CA VAL D 237 -22.53 7.59 -31.54
C VAL D 237 -23.61 8.54 -32.04
N LYS D 238 -24.84 8.37 -31.56
CA LYS D 238 -25.91 9.31 -31.87
C LYS D 238 -26.70 9.58 -30.60
N PHE D 239 -26.78 10.85 -30.21
CA PHE D 239 -27.44 11.26 -28.97
C PHE D 239 -28.93 11.47 -29.19
N ILE D 240 -29.75 10.77 -28.41
CA ILE D 240 -31.19 10.85 -28.48
C ILE D 240 -31.66 11.43 -27.16
N PHE D 241 -32.09 12.68 -27.16
CA PHE D 241 -32.47 13.33 -25.92
C PHE D 241 -33.85 12.87 -25.47
N ASP D 242 -34.01 12.76 -24.15
CA ASP D 242 -35.35 12.64 -23.59
C ASP D 242 -35.87 14.00 -23.15
N SER D 243 -35.21 14.64 -22.19
CA SER D 243 -35.72 15.87 -21.60
C SER D 243 -34.62 16.61 -20.86
N PHE D 244 -34.41 17.86 -21.23
CA PHE D 244 -33.76 18.81 -20.34
C PHE D 244 -34.65 19.10 -19.14
N GLU D 245 -34.04 19.20 -17.95
CA GLU D 245 -34.72 19.67 -16.77
C GLU D 245 -33.81 20.65 -16.05
N PHE D 246 -34.37 21.40 -15.12
CA PHE D 246 -33.60 22.48 -14.51
C PHE D 246 -33.26 22.29 -13.05
N ARG D 247 -34.18 21.73 -12.23
CA ARG D 247 -33.99 21.54 -10.80
C ARG D 247 -33.59 22.82 -10.08
N PRO D 248 -34.50 23.74 -9.81
CA PRO D 248 -34.13 24.97 -9.11
C PRO D 248 -33.78 24.71 -7.65
N LEU D 249 -33.31 25.77 -6.99
CA LEU D 249 -32.91 25.65 -5.59
C LEU D 249 -34.12 25.41 -4.69
N ASP D 250 -35.30 25.86 -5.11
CA ASP D 250 -36.49 25.65 -4.33
C ASP D 250 -37.00 24.22 -4.42
N TYR D 251 -36.50 23.43 -5.38
CA TYR D 251 -36.84 22.01 -5.44
C TYR D 251 -36.24 21.26 -4.26
N TYR D 252 -34.94 21.45 -4.03
CA TYR D 252 -34.24 20.69 -3.02
C TYR D 252 -34.67 21.05 -1.61
N ARG D 253 -35.24 22.24 -1.42
CA ARG D 253 -35.75 22.61 -0.12
C ARG D 253 -37.21 22.16 0.06
N THR D 254 -38.06 22.39 -0.93
CA THR D 254 -39.45 21.97 -0.78
C THR D 254 -39.59 20.46 -1.00
N GLY D 255 -39.35 20.01 -2.22
CA GLY D 255 -39.69 18.66 -2.63
C GLY D 255 -40.79 18.59 -3.67
N LYS D 256 -41.56 19.66 -3.83
CA LYS D 256 -42.51 19.78 -4.92
C LYS D 256 -41.80 19.74 -6.26
N ASP D 257 -42.46 19.19 -7.27
CA ASP D 257 -41.92 19.19 -8.64
C ASP D 257 -42.08 20.58 -9.24
N GLU D 258 -41.11 21.43 -8.93
CA GLU D 258 -41.05 22.80 -9.44
C GLU D 258 -40.00 22.97 -10.52
N ASP D 259 -39.56 21.88 -11.12
CA ASP D 259 -38.51 21.96 -12.14
C ASP D 259 -39.09 22.43 -13.47
N ILE D 260 -38.29 23.24 -14.17
CA ILE D 260 -38.67 23.74 -15.48
C ILE D 260 -38.19 22.72 -16.51
N VAL D 261 -39.14 22.02 -17.12
CA VAL D 261 -38.85 20.85 -17.95
C VAL D 261 -38.94 21.28 -19.40
N SER D 262 -37.78 21.44 -20.05
CA SER D 262 -37.74 21.65 -21.48
C SER D 262 -37.98 20.33 -22.20
N ILE D 263 -38.65 20.40 -23.35
CA ILE D 263 -39.03 19.21 -24.10
C ILE D 263 -38.33 19.26 -25.44
N ASP D 264 -37.44 18.31 -25.67
CA ASP D 264 -36.89 18.03 -26.99
C ASP D 264 -36.96 16.54 -27.29
N ALA D 265 -38.11 15.94 -26.99
CA ALA D 265 -38.29 14.50 -27.10
C ALA D 265 -38.22 13.98 -28.53
N ARG D 266 -38.29 14.86 -29.53
CA ARG D 266 -38.12 14.45 -30.92
C ARG D 266 -37.09 15.30 -31.64
N GLU D 267 -36.21 15.99 -30.91
CA GLU D 267 -35.25 16.89 -31.52
C GLU D 267 -33.86 16.27 -31.53
N LYS D 268 -32.92 17.00 -32.13
CA LYS D 268 -31.58 16.52 -32.39
C LYS D 268 -30.58 17.45 -31.72
N SER D 269 -29.36 16.95 -31.48
CA SER D 269 -28.32 17.74 -30.85
C SER D 269 -27.90 18.94 -31.68
N VAL D 270 -27.96 18.83 -33.01
CA VAL D 270 -27.75 20.01 -33.85
C VAL D 270 -29.01 20.83 -33.99
N SER D 271 -30.14 20.35 -33.47
CA SER D 271 -31.39 21.09 -33.50
C SER D 271 -31.66 21.83 -32.20
N ASP D 272 -30.99 21.46 -31.11
CA ASP D 272 -31.12 22.20 -29.86
C ASP D 272 -30.24 23.45 -29.89
N ILE D 273 -29.04 23.30 -30.42
CA ILE D 273 -28.11 24.46 -30.59
C ILE D 273 -28.69 25.35 -31.69
N LEU D 274 -29.51 24.73 -32.53
CA LEU D 274 -30.14 25.34 -33.73
C LEU D 274 -31.15 26.41 -33.28
N SER D 275 -31.68 27.20 -34.21
CA SER D 275 -32.66 28.24 -33.83
C SER D 275 -33.76 27.54 -33.03
N GLY D 276 -34.00 28.06 -31.84
CA GLY D 276 -34.91 27.43 -30.88
C GLY D 276 -34.18 27.25 -29.56
N PHE D 277 -32.84 27.36 -29.52
CA PHE D 277 -32.25 27.32 -28.19
C PHE D 277 -32.97 28.26 -27.24
N ASP D 278 -33.20 29.50 -27.68
CA ASP D 278 -33.87 30.48 -26.84
C ASP D 278 -35.37 30.24 -26.74
N SER D 279 -35.95 29.46 -27.65
CA SER D 279 -37.35 29.09 -27.50
C SER D 279 -37.55 28.02 -26.44
N LEU D 280 -36.53 27.18 -26.21
CA LEU D 280 -36.67 26.08 -25.27
C LEU D 280 -36.22 26.44 -23.86
N PHE D 281 -35.27 27.36 -23.71
CA PHE D 281 -34.76 27.73 -22.40
C PHE D 281 -35.27 29.08 -21.93
N SER D 282 -36.44 29.51 -22.43
CA SER D 282 -36.97 30.81 -22.05
C SER D 282 -37.66 30.81 -20.69
N GLU D 283 -38.13 29.65 -20.22
CA GLU D 283 -38.70 29.58 -18.88
C GLU D 283 -37.65 29.33 -17.81
N VAL D 284 -36.46 28.89 -18.20
CA VAL D 284 -35.33 28.87 -17.27
C VAL D 284 -34.90 30.30 -16.96
N GLU D 285 -34.87 31.16 -17.98
CA GLU D 285 -34.52 32.56 -17.78
C GLU D 285 -35.62 33.30 -17.02
N GLY D 286 -36.86 32.82 -17.09
CA GLY D 286 -37.93 33.32 -16.26
C GLY D 286 -37.87 32.87 -14.81
N LYS D 287 -36.93 31.99 -14.48
CA LYS D 287 -36.69 31.56 -13.11
C LYS D 287 -35.30 31.93 -12.61
N LEU D 288 -34.29 31.81 -13.46
CA LEU D 288 -32.86 32.10 -13.18
C LEU D 288 -32.30 31.34 -11.98
N PRO E 2 -16.35 -12.27 44.14
CA PRO E 2 -17.75 -12.02 44.45
C PRO E 2 -18.62 -12.19 43.22
N LYS E 3 -19.75 -11.48 43.19
CA LYS E 3 -20.67 -11.52 42.05
C LYS E 3 -20.83 -10.10 41.53
N PHE E 4 -20.40 -9.87 40.30
CA PHE E 4 -20.43 -8.54 39.72
C PHE E 4 -21.35 -8.55 38.50
N ILE E 5 -21.84 -7.37 38.14
CA ILE E 5 -22.73 -7.20 37.01
C ILE E 5 -21.91 -6.67 35.85
N ALA E 6 -21.67 -7.52 34.86
CA ALA E 6 -20.80 -7.18 33.73
C ALA E 6 -21.64 -6.47 32.67
N VAL E 7 -21.43 -5.18 32.53
CA VAL E 7 -22.18 -4.37 31.58
C VAL E 7 -21.38 -4.35 30.27
N LYS E 8 -21.90 -5.05 29.26
CA LYS E 8 -21.21 -5.18 27.99
C LYS E 8 -21.64 -4.11 27.00
N LEU E 9 -20.71 -3.72 26.13
CA LEU E 9 -20.87 -2.59 25.22
C LEU E 9 -20.57 -3.10 23.82
N ILE E 10 -21.58 -3.62 23.12
CA ILE E 10 -21.39 -4.19 21.78
C ILE E 10 -21.24 -3.06 20.77
N PRO E 11 -20.06 -2.88 20.16
CA PRO E 11 -19.79 -1.65 19.43
C PRO E 11 -20.54 -1.59 18.11
N LYS E 12 -20.64 -0.37 17.58
CA LYS E 12 -21.28 -0.12 16.29
C LYS E 12 -20.39 0.71 15.39
N GLY E 13 -19.09 0.64 15.59
CA GLY E 13 -18.14 1.38 14.81
C GLY E 13 -16.80 1.36 15.51
N PRO E 14 -15.95 2.32 15.22
CA PRO E 14 -14.70 2.44 15.95
C PRO E 14 -14.94 3.09 17.30
N PHE E 15 -13.95 2.98 18.17
CA PHE E 15 -13.89 3.85 19.32
C PHE E 15 -12.75 4.82 19.15
N ARG E 16 -12.49 5.60 20.18
CA ARG E 16 -11.31 6.45 20.24
C ARG E 16 -10.24 5.86 21.14
N ASP E 17 -10.66 5.22 22.22
CA ASP E 17 -9.81 4.48 23.13
C ASP E 17 -10.72 3.55 23.90
N ILE E 18 -10.13 2.53 24.51
CA ILE E 18 -10.85 1.76 25.52
C ILE E 18 -11.15 2.68 26.70
N PRO E 19 -12.40 2.77 27.16
CA PRO E 19 -12.71 3.73 28.23
C PRO E 19 -12.08 3.34 29.56
N ARG E 20 -11.62 4.34 30.29
CA ARG E 20 -11.12 4.13 31.63
C ARG E 20 -12.24 4.45 32.60
N ALA E 21 -11.93 4.38 33.89
CA ALA E 21 -13.00 4.60 34.86
C ALA E 21 -13.28 6.07 35.08
N ASP E 22 -12.30 6.95 34.88
CA ASP E 22 -12.58 8.37 35.01
C ASP E 22 -13.45 8.87 33.86
N THR E 23 -13.29 8.30 32.67
CA THR E 23 -14.09 8.69 31.53
C THR E 23 -15.25 7.76 31.26
N LEU E 24 -15.53 6.83 32.16
CA LEU E 24 -16.85 6.24 32.22
C LEU E 24 -17.75 6.97 33.20
N PHE E 25 -17.22 7.35 34.37
CA PHE E 25 -18.05 8.00 35.37
C PHE E 25 -18.46 9.39 34.94
N GLY E 26 -17.60 10.11 34.22
CA GLY E 26 -18.01 11.40 33.69
C GLY E 26 -19.06 11.27 32.61
N ALA E 27 -19.01 10.20 31.83
CA ALA E 27 -20.02 9.97 30.83
C ALA E 27 -21.33 9.51 31.47
N ILE E 28 -21.25 8.73 32.54
CA ILE E 28 -22.44 8.38 33.30
C ILE E 28 -22.98 9.61 34.03
N GLY E 29 -22.10 10.54 34.41
CA GLY E 29 -22.57 11.77 35.01
C GLY E 29 -23.34 12.66 34.04
N ASN E 30 -22.84 12.81 32.82
CA ASN E 30 -23.55 13.59 31.81
C ASN E 30 -24.81 12.90 31.30
N ALA E 31 -24.88 11.58 31.40
CA ALA E 31 -26.09 10.88 30.98
C ALA E 31 -27.21 11.00 32.00
N ILE E 32 -26.87 11.11 33.28
CA ILE E 32 -27.88 11.22 34.32
C ILE E 32 -28.45 12.62 34.37
N SER E 33 -27.62 13.63 34.15
CA SER E 33 -28.09 15.01 34.18
C SER E 33 -29.04 15.32 33.04
N ALA E 34 -28.90 14.62 31.92
CA ALA E 34 -29.80 14.82 30.79
C ALA E 34 -31.19 14.25 31.09
N ILE E 35 -31.25 13.03 31.62
CA ILE E 35 -32.53 12.39 31.81
C ILE E 35 -33.13 12.61 33.18
N HIS E 36 -32.33 12.96 34.19
CA HIS E 36 -32.86 13.27 35.52
C HIS E 36 -32.62 14.72 35.92
N GLY E 37 -31.38 15.19 35.92
CA GLY E 37 -31.10 16.56 36.29
C GLY E 37 -29.97 16.65 37.30
N GLN E 38 -29.84 17.84 37.89
CA GLN E 38 -28.70 18.13 38.76
C GLN E 38 -28.81 17.41 40.10
N SER E 39 -30.02 17.32 40.66
CA SER E 39 -30.19 16.76 42.00
C SER E 39 -29.95 15.26 42.05
N ALA E 40 -29.98 14.58 40.91
CA ALA E 40 -29.66 13.16 40.87
C ALA E 40 -28.19 12.91 40.64
N VAL E 41 -27.47 13.84 40.00
CA VAL E 41 -26.03 13.70 39.84
C VAL E 41 -25.33 13.82 41.19
N GLU E 42 -25.79 14.75 42.03
CA GLU E 42 -25.27 14.83 43.40
C GLU E 42 -25.66 13.60 44.21
N GLU E 43 -26.77 12.95 43.86
CA GLU E 43 -27.16 11.72 44.52
C GLU E 43 -26.37 10.53 43.99
N LEU E 44 -26.00 10.58 42.71
CA LEU E 44 -25.13 9.56 42.13
C LEU E 44 -23.76 9.56 42.78
N VAL E 45 -23.18 10.74 42.95
CA VAL E 45 -21.87 10.90 43.58
C VAL E 45 -21.91 10.45 45.03
N ASP E 46 -23.01 10.72 45.72
CA ASP E 46 -23.16 10.25 47.09
C ASP E 46 -23.42 8.76 47.17
N ALA E 47 -23.82 8.12 46.07
CA ALA E 47 -24.02 6.68 46.06
C ALA E 47 -22.70 5.94 45.87
N PHE E 48 -21.82 6.49 45.04
CA PHE E 48 -20.49 5.88 44.82
C PHE E 48 -19.64 6.00 46.09
N VAL E 49 -19.64 7.16 46.73
CA VAL E 49 -18.85 7.32 47.97
C VAL E 49 -19.41 6.39 49.05
N GLY E 50 -20.72 6.37 49.21
CA GLY E 50 -21.38 5.52 50.21
C GLY E 50 -21.29 4.03 49.94
N GLY E 51 -21.53 3.60 48.70
CA GLY E 51 -21.55 2.16 48.39
C GLY E 51 -20.49 1.69 47.41
N ALA E 52 -20.88 0.74 46.56
CA ALA E 52 -20.00 0.12 45.54
C ALA E 52 -19.74 1.07 44.37
N ARG E 53 -18.68 0.81 43.62
CA ARG E 53 -18.27 1.67 42.48
C ARG E 53 -17.98 0.81 41.24
N ILE E 54 -18.02 1.41 40.06
CA ILE E 54 -17.74 0.74 38.75
C ILE E 54 -16.24 0.62 38.53
N SER E 55 -15.85 -0.19 37.56
CA SER E 55 -14.46 -0.43 37.18
C SER E 55 -14.16 0.19 35.82
N SER E 56 -12.93 0.00 35.34
CA SER E 56 -12.59 0.41 33.99
C SER E 56 -13.18 -0.55 32.97
N ALA E 57 -13.09 -0.16 31.71
CA ALA E 57 -13.59 -1.01 30.63
C ALA E 57 -12.47 -1.90 30.10
N PHE E 58 -12.80 -3.15 29.84
CA PHE E 58 -11.84 -4.15 29.38
C PHE E 58 -12.40 -4.83 28.14
N PRO E 59 -11.55 -5.34 27.26
CA PRO E 59 -12.06 -6.01 26.06
C PRO E 59 -12.62 -7.39 26.38
N TYR E 60 -13.36 -7.92 25.42
CA TYR E 60 -13.72 -9.33 25.41
C TYR E 60 -13.72 -9.77 23.96
N SER E 61 -13.82 -11.08 23.76
CA SER E 61 -13.93 -11.59 22.39
C SER E 61 -14.70 -12.89 22.42
N GLY E 62 -16.03 -12.78 22.37
CA GLY E 62 -16.90 -13.94 22.27
C GLY E 62 -16.81 -14.87 23.47
N ASP E 63 -17.41 -14.45 24.58
CA ASP E 63 -17.46 -15.18 25.85
C ASP E 63 -16.08 -15.42 26.47
N THR E 64 -15.08 -14.62 26.09
CA THR E 64 -13.78 -14.63 26.74
C THR E 64 -13.58 -13.24 27.33
N TYR E 65 -14.09 -13.05 28.54
CA TYR E 65 -13.97 -11.76 29.22
C TYR E 65 -12.53 -11.55 29.68
N TYR E 66 -11.88 -10.53 29.13
CA TYR E 66 -10.52 -10.21 29.51
C TYR E 66 -10.50 -9.28 30.71
N LEU E 67 -9.45 -9.40 31.51
CA LEU E 67 -9.24 -8.70 32.76
C LEU E 67 -7.77 -8.34 32.80
N PRO E 68 -7.38 -7.31 33.57
CA PRO E 68 -5.99 -6.89 33.51
C PRO E 68 -5.08 -7.82 34.30
N LYS E 69 -3.84 -7.90 33.85
CA LYS E 69 -2.86 -8.70 34.54
C LYS E 69 -2.48 -8.00 35.84
N PRO E 70 -2.50 -8.70 36.98
CA PRO E 70 -2.05 -8.08 38.22
C PRO E 70 -0.56 -7.80 38.17
N LEU E 71 -0.15 -6.77 38.89
CA LEU E 71 1.27 -6.50 39.05
C LEU E 71 1.89 -7.28 40.18
N SER E 72 1.14 -8.22 40.76
CA SER E 72 1.60 -9.06 41.84
C SER E 72 2.46 -10.20 41.34
N VAL E 73 2.54 -10.40 40.04
CA VAL E 73 3.22 -11.58 39.52
C VAL E 73 4.70 -11.36 39.28
N GLU E 74 5.13 -10.13 38.94
CA GLU E 74 6.52 -9.88 38.53
C GLU E 74 7.59 -10.07 39.62
N PRO E 75 7.39 -9.70 40.90
CA PRO E 75 8.36 -10.13 41.90
C PRO E 75 8.25 -11.60 42.29
N ALA E 76 7.26 -12.32 41.77
CA ALA E 76 7.15 -13.75 41.94
C ALA E 76 7.50 -14.53 40.69
N LEU E 77 7.70 -13.86 39.57
CA LEU E 77 7.61 -14.45 38.24
C LEU E 77 8.72 -15.45 37.94
N GLU E 78 9.73 -15.56 38.78
CA GLU E 78 10.65 -16.67 38.69
C GLU E 78 10.25 -17.83 39.59
N GLY E 79 9.56 -17.55 40.70
CA GLY E 79 9.00 -18.61 41.51
C GLY E 79 7.74 -19.21 40.93
N ILE E 80 7.06 -18.47 40.04
CA ILE E 80 5.92 -19.03 39.32
C ILE E 80 6.40 -20.09 38.33
N LEU E 81 7.61 -19.92 37.79
CA LEU E 81 8.10 -20.78 36.72
C LEU E 81 9.31 -21.60 37.15
N THR E 82 9.25 -22.20 38.34
CA THR E 82 10.37 -23.02 38.81
C THR E 82 10.50 -24.30 38.01
N GLY E 83 9.38 -24.96 37.71
CA GLY E 83 9.43 -26.21 36.99
C GLY E 83 9.47 -26.06 35.48
N LEU E 84 10.42 -25.27 34.98
CA LEU E 84 10.62 -25.14 33.54
C LEU E 84 12.11 -25.13 33.24
N ASP E 85 12.45 -25.58 32.04
CA ASP E 85 13.84 -25.61 31.61
C ASP E 85 14.27 -24.23 31.16
N GLU E 86 15.48 -23.85 31.57
CA GLU E 86 15.88 -22.44 31.62
C GLU E 86 16.05 -21.80 30.24
N GLU E 87 16.18 -22.59 29.18
CA GLU E 87 16.31 -22.00 27.85
C GLU E 87 14.97 -21.58 27.27
N GLU E 88 13.88 -22.20 27.69
CA GLU E 88 12.55 -21.73 27.33
C GLU E 88 11.85 -21.01 28.46
N ARG E 89 12.35 -21.14 29.69
CA ARG E 89 11.78 -20.42 30.82
C ARG E 89 12.08 -18.93 30.75
N TYR E 90 13.19 -18.56 30.11
CA TYR E 90 13.56 -17.14 30.04
C TYR E 90 12.66 -16.37 29.09
N THR E 91 12.39 -16.91 27.90
CA THR E 91 11.49 -16.22 26.98
C THR E 91 10.04 -16.36 27.38
N THR E 92 9.68 -17.36 28.17
CA THR E 92 8.33 -17.40 28.72
C THR E 92 8.17 -16.30 29.77
N ALA E 93 9.20 -16.10 30.59
CA ALA E 93 9.16 -15.10 31.65
C ALA E 93 9.10 -13.67 31.09
N LYS E 94 9.63 -13.46 29.89
CA LYS E 94 9.65 -12.12 29.31
C LYS E 94 8.33 -11.79 28.62
N ARG E 95 7.74 -12.76 27.92
CA ARG E 95 6.44 -12.52 27.30
C ARG E 95 5.31 -12.52 28.33
N LEU E 96 5.56 -13.07 29.51
CA LEU E 96 4.59 -13.07 30.59
C LEU E 96 4.49 -11.70 31.23
N ARG E 97 5.55 -10.90 31.11
CA ARG E 97 5.69 -9.59 31.74
C ARG E 97 5.19 -8.48 30.84
N LYS E 98 5.43 -8.60 29.53
CA LYS E 98 4.93 -7.63 28.56
C LYS E 98 3.41 -7.68 28.42
N ALA E 99 2.79 -8.79 28.83
CA ALA E 99 1.35 -8.99 28.66
C ALA E 99 0.55 -7.98 29.46
N LYS E 100 -0.55 -7.53 28.87
CA LYS E 100 -1.39 -6.50 29.48
C LYS E 100 -2.66 -7.08 30.07
N TYR E 101 -3.29 -8.04 29.40
CA TYR E 101 -4.56 -8.58 29.85
C TYR E 101 -4.43 -10.09 30.06
N LEU E 102 -5.45 -10.66 30.69
CA LEU E 102 -5.55 -12.10 30.93
C LEU E 102 -7.00 -12.53 30.77
N ASP E 103 -7.22 -13.83 30.67
CA ASP E 103 -8.58 -14.35 30.56
C ASP E 103 -9.30 -14.26 31.91
N LEU E 104 -10.59 -14.63 31.91
CA LEU E 104 -11.32 -14.73 33.16
C LEU E 104 -10.82 -15.89 34.00
N LYS E 105 -10.27 -16.92 33.36
CA LYS E 105 -9.74 -18.07 34.09
C LYS E 105 -8.29 -17.87 34.51
N ASN E 106 -7.44 -17.36 33.62
CA ASN E 106 -6.05 -17.10 33.95
C ASN E 106 -5.86 -15.94 34.92
N PHE E 107 -6.86 -15.08 35.08
CA PHE E 107 -6.80 -14.05 36.10
C PHE E 107 -6.88 -14.67 37.48
N GLU E 108 -7.70 -15.70 37.65
CA GLU E 108 -7.86 -16.37 38.93
C GLU E 108 -6.64 -17.19 39.31
N LEU E 109 -5.77 -17.49 38.36
CA LEU E 109 -4.52 -18.17 38.68
C LEU E 109 -3.46 -17.17 39.11
N ALA E 110 -3.42 -15.99 38.49
CA ALA E 110 -2.43 -15.00 38.85
C ALA E 110 -2.75 -14.31 40.17
N LEU E 111 -3.99 -14.43 40.65
CA LEU E 111 -4.34 -13.97 41.98
C LEU E 111 -3.85 -14.91 43.07
N ARG E 112 -3.50 -16.13 42.71
CA ARG E 112 -3.08 -17.15 43.66
C ARG E 112 -1.61 -17.53 43.49
N LEU E 113 -0.88 -16.78 42.66
CA LEU E 113 0.52 -17.06 42.28
C LEU E 113 0.68 -18.47 41.70
N ARG E 114 -0.23 -18.84 40.83
CA ARG E 114 -0.22 -20.10 40.10
C ARG E 114 0.44 -19.89 38.74
N PRO E 115 0.84 -20.97 38.06
CA PRO E 115 1.26 -20.82 36.66
C PRO E 115 0.09 -20.43 35.78
N PHE E 116 0.31 -19.46 34.91
CA PHE E 116 -0.75 -18.96 34.03
C PHE E 116 -0.16 -18.73 32.64
N THR E 117 -1.05 -18.53 31.67
CA THR E 117 -0.68 -18.31 30.29
C THR E 117 -1.32 -17.01 29.81
N ILE E 118 -0.65 -16.34 28.88
CA ILE E 118 -1.13 -15.07 28.36
C ILE E 118 -2.04 -15.37 27.17
N PRO E 119 -2.96 -14.48 26.79
CA PRO E 119 -3.75 -14.74 25.59
C PRO E 119 -2.95 -14.49 24.32
N GLU E 120 -3.38 -15.17 23.26
CA GLU E 120 -2.68 -15.15 21.98
C GLU E 120 -3.02 -13.94 21.14
N GLU E 121 -4.16 -13.32 21.37
CA GLU E 121 -4.75 -12.38 20.43
C GLU E 121 -5.42 -11.25 21.18
N ILE E 122 -5.19 -10.03 20.73
CA ILE E 122 -5.87 -8.86 21.29
C ILE E 122 -7.10 -8.58 20.44
N PRO E 123 -8.26 -8.31 21.04
CA PRO E 123 -9.50 -8.26 20.27
C PRO E 123 -9.70 -7.00 19.42
N TYR E 124 -8.70 -6.15 19.25
CA TYR E 124 -8.88 -4.91 18.52
C TYR E 124 -7.57 -4.52 17.85
N ALA E 125 -7.61 -3.39 17.15
CA ALA E 125 -6.43 -2.84 16.50
C ALA E 125 -6.45 -1.32 16.65
N ARG E 126 -5.31 -0.70 16.42
CA ARG E 126 -5.17 0.75 16.48
C ARG E 126 -4.76 1.22 15.09
N VAL E 127 -5.74 1.45 14.24
CA VAL E 127 -5.49 1.86 12.88
C VAL E 127 -5.48 3.38 12.82
N ASP E 128 -4.92 3.92 11.75
CA ASP E 128 -4.78 5.37 11.58
C ASP E 128 -5.50 5.75 10.31
N VAL E 129 -6.80 6.03 10.43
CA VAL E 129 -7.57 6.43 9.25
C VAL E 129 -7.25 7.89 8.92
N PRO E 130 -6.90 8.20 7.68
CA PRO E 130 -6.68 9.60 7.33
C PRO E 130 -7.99 10.27 6.93
N ARG E 131 -8.18 11.47 7.42
CA ARG E 131 -9.28 12.31 7.02
C ARG E 131 -8.72 13.40 6.13
N VAL E 132 -9.56 14.38 5.79
CA VAL E 132 -9.10 15.49 4.97
C VAL E 132 -10.04 16.66 5.25
N VAL E 133 -9.54 17.86 5.00
CA VAL E 133 -10.31 19.08 5.13
C VAL E 133 -10.35 19.72 3.77
N LEU E 134 -11.51 19.68 3.12
CA LEU E 134 -11.62 20.18 1.77
C LEU E 134 -12.08 21.62 1.77
N ASP E 135 -11.41 22.44 0.96
CA ASP E 135 -11.83 23.82 0.77
C ASP E 135 -13.21 23.85 0.09
N ARG E 136 -13.99 24.87 0.42
CA ARG E 136 -15.37 24.89 -0.02
C ARG E 136 -15.54 25.45 -1.42
N VAL E 137 -14.58 26.22 -1.89
CA VAL E 137 -14.64 26.80 -3.22
C VAL E 137 -13.75 26.06 -4.19
N THR E 138 -12.50 25.80 -3.79
CA THR E 138 -11.50 25.27 -4.69
C THR E 138 -11.20 23.80 -4.47
N GLN E 139 -11.86 23.15 -3.51
CA GLN E 139 -11.73 21.71 -3.21
C GLN E 139 -10.30 21.31 -2.84
N ASP E 140 -9.53 22.24 -2.29
CA ASP E 140 -8.16 21.95 -1.88
C ASP E 140 -8.13 21.07 -0.64
N SER E 141 -7.19 20.12 -0.61
CA SER E 141 -7.14 19.14 0.44
C SER E 141 -6.06 19.48 1.46
N SER E 142 -6.28 19.02 2.69
CA SER E 142 -5.35 19.24 3.80
C SER E 142 -5.47 18.02 4.72
N ILE E 143 -4.61 17.04 4.51
CA ILE E 143 -4.70 15.79 5.24
C ILE E 143 -4.22 15.97 6.67
N TYR E 144 -5.00 15.48 7.62
CA TYR E 144 -4.54 15.17 8.96
C TYR E 144 -4.77 13.69 9.21
N PHE E 145 -4.17 13.17 10.27
CA PHE E 145 -4.32 11.76 10.60
C PHE E 145 -5.13 11.59 11.87
N TRP E 146 -5.80 10.46 11.96
CA TRP E 146 -6.70 10.20 13.07
C TRP E 146 -6.62 8.73 13.43
N GLU E 147 -6.46 8.42 14.71
CA GLU E 147 -6.37 7.03 15.12
C GLU E 147 -7.64 6.60 15.83
N GLU E 148 -7.87 5.29 15.84
CA GLU E 148 -9.10 4.69 16.30
C GLU E 148 -8.82 3.38 17.00
N ILE E 149 -9.91 2.70 17.36
CA ILE E 149 -9.91 1.37 17.94
C ILE E 149 -10.97 0.60 17.17
N ARG E 150 -10.55 -0.39 16.41
CA ARG E 150 -11.47 -1.12 15.54
C ARG E 150 -11.57 -2.56 16.02
N PHE E 151 -12.74 -2.92 16.54
CA PHE E 151 -12.98 -4.24 17.11
C PHE E 151 -13.25 -5.28 16.03
N ARG E 152 -13.28 -6.55 16.44
CA ARG E 152 -13.47 -7.66 15.53
C ARG E 152 -14.95 -7.97 15.41
N GLU E 153 -15.25 -9.16 14.86
CA GLU E 153 -16.63 -9.53 14.53
C GLU E 153 -17.46 -9.76 15.79
N LYS E 154 -16.91 -10.46 16.78
CA LYS E 154 -17.65 -10.72 18.00
C LYS E 154 -17.15 -9.91 19.19
N SER E 155 -16.03 -9.22 19.07
CA SER E 155 -15.40 -8.57 20.20
C SER E 155 -16.15 -7.29 20.58
N GLY E 156 -15.81 -6.77 21.75
CA GLY E 156 -16.41 -5.56 22.26
C GLY E 156 -15.65 -5.03 23.45
N VAL E 157 -16.35 -4.43 24.41
CA VAL E 157 -15.73 -3.91 25.62
C VAL E 157 -16.79 -3.96 26.71
N TYR E 158 -16.34 -4.07 27.96
CA TYR E 158 -17.28 -4.19 29.07
C TYR E 158 -16.64 -3.65 30.32
N PHE E 159 -17.48 -3.25 31.28
CA PHE E 159 -17.01 -2.90 32.61
C PHE E 159 -17.85 -3.65 33.63
N LEU E 160 -17.44 -3.54 34.89
CA LEU E 160 -18.06 -4.29 35.98
C LEU E 160 -18.66 -3.34 36.99
N TYR E 161 -19.72 -3.81 37.67
CA TYR E 161 -20.41 -3.00 38.67
C TYR E 161 -20.69 -3.84 39.90
N SER E 162 -20.12 -3.43 41.03
CA SER E 162 -20.58 -3.87 42.33
C SER E 162 -21.32 -2.73 42.99
N GLY E 163 -22.38 -3.06 43.73
CA GLY E 163 -23.18 -2.06 44.37
C GLY E 163 -24.58 -2.56 44.63
N PRO E 164 -25.39 -1.75 45.29
CA PRO E 164 -26.79 -2.11 45.51
C PRO E 164 -27.58 -2.04 44.20
N ARG E 165 -28.58 -2.90 44.09
CA ARG E 165 -29.30 -3.04 42.84
C ARG E 165 -30.24 -1.86 42.60
N GLU E 166 -30.70 -1.21 43.67
CA GLU E 166 -31.56 -0.04 43.51
C GLU E 166 -30.79 1.16 42.96
N VAL E 167 -29.48 1.23 43.19
CA VAL E 167 -28.67 2.27 42.58
C VAL E 167 -28.35 1.94 41.13
N PHE E 168 -28.22 0.65 40.80
CA PHE E 168 -27.91 0.23 39.44
C PHE E 168 -29.04 0.53 38.49
N ASP E 169 -30.21 -0.04 38.73
CA ASP E 169 -31.33 0.13 37.81
C ASP E 169 -32.00 1.49 37.98
N GLY E 170 -31.56 2.30 38.94
CA GLY E 170 -32.02 3.66 39.05
C GLY E 170 -31.10 4.62 38.33
N TYR E 171 -29.80 4.38 38.39
CA TYR E 171 -28.84 5.31 37.83
C TYR E 171 -27.99 4.72 36.73
N ILE E 172 -27.29 3.60 36.97
CA ILE E 172 -26.34 3.09 35.98
C ILE E 172 -27.08 2.52 34.77
N ALA E 173 -28.18 1.82 34.99
CA ALA E 173 -28.92 1.25 33.86
C ALA E 173 -29.67 2.26 32.98
N PRO E 174 -30.31 3.33 33.47
CA PRO E 174 -30.85 4.31 32.53
C PRO E 174 -29.80 5.17 31.88
N ALA E 175 -28.60 5.25 32.44
CA ALA E 175 -27.56 6.06 31.84
C ALA E 175 -26.86 5.35 30.70
N MET E 176 -26.80 4.02 30.75
CA MET E 176 -26.09 3.30 29.70
C MET E 176 -26.90 3.19 28.42
N ARG E 177 -28.20 3.42 28.48
CA ARG E 177 -29.00 3.45 27.27
C ARG E 177 -29.06 4.82 26.64
N PHE E 178 -28.86 5.88 27.43
CA PHE E 178 -28.58 7.19 26.87
C PHE E 178 -27.28 7.16 26.09
N LEU E 179 -26.26 6.54 26.67
CA LEU E 179 -24.93 6.46 26.07
C LEU E 179 -24.85 5.45 24.95
N GLY E 180 -25.90 4.68 24.70
CA GLY E 180 -25.89 3.87 23.51
C GLY E 180 -26.16 4.64 22.24
N ASP E 181 -26.70 5.85 22.38
CA ASP E 181 -27.04 6.69 21.25
C ASP E 181 -26.20 7.96 21.17
N THR E 182 -25.48 8.32 22.22
CA THR E 182 -24.36 9.25 22.17
C THR E 182 -23.08 8.46 22.41
N GLY E 183 -21.95 9.14 22.56
CA GLY E 183 -20.68 8.46 22.57
C GLY E 183 -20.09 8.22 23.95
N ILE E 184 -19.05 7.39 23.98
CA ILE E 184 -18.10 7.41 25.08
C ILE E 184 -16.79 7.96 24.52
N GLY E 185 -16.62 9.26 24.62
CA GLY E 185 -15.41 9.93 24.17
C GLY E 185 -15.24 9.95 22.66
N GLY E 186 -14.27 10.70 22.18
CA GLY E 186 -13.98 10.68 20.76
C GLY E 186 -15.00 11.42 19.94
N LYS E 187 -14.81 11.33 18.62
CA LYS E 187 -15.67 12.02 17.67
C LYS E 187 -16.99 11.28 17.63
N SER E 188 -17.90 11.64 18.53
CA SER E 188 -19.19 10.98 18.54
C SER E 188 -20.05 11.39 17.36
N THR E 189 -19.73 12.49 16.70
CA THR E 189 -20.51 12.91 15.55
C THR E 189 -20.15 12.15 14.29
N TRP E 190 -19.02 11.46 14.29
CA TRP E 190 -18.65 10.54 13.22
C TRP E 190 -19.02 9.11 13.57
N GLY E 191 -19.84 8.91 14.59
CA GLY E 191 -20.32 7.59 14.95
C GLY E 191 -19.36 6.75 15.74
N ALA E 192 -18.52 7.33 16.59
CA ALA E 192 -17.51 6.53 17.28
C ALA E 192 -18.07 5.85 18.52
N GLY E 193 -18.38 6.60 19.57
CA GLY E 193 -18.59 5.96 20.85
C GLY E 193 -19.93 5.27 21.08
N LEU E 194 -20.53 4.76 20.02
CA LEU E 194 -21.86 4.21 20.05
C LEU E 194 -21.78 2.70 20.23
N PHE E 195 -22.80 2.13 20.85
CA PHE E 195 -22.81 0.71 21.16
C PHE E 195 -24.23 0.24 21.43
N GLU E 196 -24.35 -1.05 21.73
CA GLU E 196 -25.57 -1.66 22.25
C GLU E 196 -25.23 -2.36 23.56
N VAL E 197 -26.08 -2.18 24.56
CA VAL E 197 -25.77 -2.61 25.91
C VAL E 197 -26.52 -3.89 26.26
N GLU E 198 -25.81 -4.84 26.87
CA GLU E 198 -26.39 -6.04 27.43
C GLU E 198 -25.92 -6.20 28.86
N PHE E 199 -26.74 -6.87 29.66
CA PHE E 199 -26.44 -7.09 31.06
C PHE E 199 -26.39 -8.57 31.33
N HIS E 200 -25.37 -8.99 32.07
CA HIS E 200 -25.10 -10.40 32.32
C HIS E 200 -24.69 -10.52 33.78
N GLU E 201 -23.99 -11.59 34.10
CA GLU E 201 -23.46 -11.79 35.44
C GLU E 201 -22.07 -12.38 35.35
N MET E 202 -21.10 -11.75 35.98
CA MET E 202 -19.76 -12.28 36.13
C MET E 202 -19.52 -12.67 37.58
N LYS E 203 -18.83 -13.80 37.78
CA LYS E 203 -18.42 -14.24 39.11
C LYS E 203 -16.92 -14.52 39.07
N ILE E 204 -16.16 -13.88 39.95
CA ILE E 204 -14.72 -14.03 40.02
C ILE E 204 -14.35 -14.73 41.33
N ASP E 205 -13.57 -15.80 41.24
CA ASP E 205 -12.97 -16.44 42.41
C ASP E 205 -11.72 -15.67 42.82
N ALA E 206 -11.71 -15.13 44.03
CA ALA E 206 -10.59 -14.35 44.51
C ALA E 206 -10.22 -14.74 45.93
N PRO E 207 -8.93 -14.84 46.25
CA PRO E 207 -8.54 -15.22 47.60
C PRO E 207 -8.67 -14.08 48.59
N GLY E 208 -9.26 -14.39 49.75
CA GLY E 208 -9.39 -13.40 50.80
C GLY E 208 -8.03 -13.09 51.42
N SER E 209 -7.71 -11.81 51.50
CA SER E 209 -6.36 -11.41 51.91
C SER E 209 -6.40 -10.03 52.52
N GLU E 210 -5.20 -9.52 52.85
CA GLU E 210 -5.05 -8.16 53.34
C GLU E 210 -4.82 -7.17 52.21
N TYR E 211 -4.36 -7.66 51.07
CA TYR E 211 -4.06 -6.83 49.91
C TYR E 211 -5.18 -6.93 48.88
N SER E 212 -5.08 -6.12 47.84
CA SER E 212 -6.08 -6.11 46.79
C SER E 212 -5.53 -5.47 45.53
N VAL E 213 -6.05 -5.89 44.38
CA VAL E 213 -5.76 -5.25 43.10
C VAL E 213 -6.88 -4.30 42.74
N THR E 214 -6.55 -3.27 41.99
CA THR E 214 -7.50 -2.24 41.59
C THR E 214 -7.92 -2.53 40.15
N LEU E 215 -9.20 -2.75 39.93
CA LEU E 215 -9.70 -2.92 38.57
C LEU E 215 -10.17 -1.61 37.97
N SER E 216 -9.76 -0.48 38.52
CA SER E 216 -10.06 0.82 37.95
C SER E 216 -8.92 1.76 38.31
N ASN E 217 -9.04 3.03 37.91
CA ASN E 217 -8.04 4.07 38.24
C ASN E 217 -8.02 4.26 39.77
N ALA E 218 -6.88 4.54 40.40
CA ALA E 218 -6.87 4.55 41.89
C ALA E 218 -6.93 5.94 42.57
N LEU E 219 -6.07 6.93 42.26
CA LEU E 219 -6.06 8.23 42.99
C LEU E 219 -6.04 7.93 44.51
N PRO E 220 -5.01 7.21 45.00
CA PRO E 220 -4.96 6.67 46.36
C PRO E 220 -4.83 7.74 47.43
N THR E 221 -5.25 7.37 48.64
CA THR E 221 -4.98 8.19 49.82
C THR E 221 -3.56 7.94 50.32
N LYS E 222 -3.30 6.72 50.78
CA LYS E 222 -1.98 6.32 51.24
C LYS E 222 -1.18 5.71 50.10
N THR E 223 0.12 5.57 50.32
CA THR E 223 1.00 5.07 49.26
C THR E 223 0.78 3.59 49.06
N PRO E 224 0.61 3.13 47.82
CA PRO E 224 0.24 1.73 47.59
C PRO E 224 1.44 0.79 47.68
N VAL E 225 1.24 -0.48 47.35
CA VAL E 225 2.29 -1.47 47.53
C VAL E 225 3.12 -1.58 46.26
N LEU E 226 2.49 -2.02 45.18
CA LEU E 226 3.15 -2.16 43.88
C LEU E 226 2.21 -1.57 42.85
N TRP E 227 2.69 -0.60 42.07
CA TRP E 227 1.76 0.19 41.30
C TRP E 227 2.33 0.46 39.91
N ARG E 228 1.62 1.29 39.17
CA ARG E 228 2.04 1.70 37.83
C ARG E 228 1.35 3.01 37.53
N LEU E 229 2.12 4.07 37.29
CA LEU E 229 1.55 5.41 37.21
C LEU E 229 0.80 5.63 35.91
N LEU E 230 -0.37 6.23 36.03
CA LEU E 230 -1.14 6.67 34.89
C LEU E 230 -1.42 8.15 35.08
N ARG E 231 -1.16 8.94 34.05
CA ARG E 231 -1.16 10.39 34.15
C ARG E 231 -2.05 10.95 33.05
N LYS E 232 -3.29 11.29 33.38
CA LYS E 232 -4.17 11.88 32.40
C LYS E 232 -5.20 12.78 33.06
N GLY E 233 -5.63 13.80 32.32
CA GLY E 233 -6.71 14.66 32.75
C GLY E 233 -7.54 15.07 31.56
N GLY E 234 -8.85 14.88 31.64
CA GLY E 234 -9.68 15.05 30.47
C GLY E 234 -10.19 16.45 30.22
N TRP E 235 -11.44 16.54 29.78
CA TRP E 235 -12.09 17.79 29.42
C TRP E 235 -13.51 17.76 29.94
N SER E 236 -14.02 18.92 30.33
CA SER E 236 -15.35 18.99 30.92
C SER E 236 -16.01 20.28 30.44
N PHE E 237 -16.95 20.15 29.50
CA PHE E 237 -17.65 21.28 28.87
C PHE E 237 -16.69 22.28 28.26
N GLY E 238 -15.69 21.78 27.54
CA GLY E 238 -14.69 22.65 26.96
C GLY E 238 -13.62 23.15 27.92
N ARG E 239 -13.73 22.83 29.21
CA ARG E 239 -12.73 23.23 30.19
C ARG E 239 -11.72 22.10 30.34
N ARG E 240 -10.45 22.46 30.36
CA ARG E 240 -9.37 21.49 30.35
C ARG E 240 -9.07 21.06 31.78
N LYS E 241 -9.30 19.79 32.09
CA LYS E 241 -9.07 19.29 33.44
C LYS E 241 -7.57 19.21 33.71
N PRO E 242 -7.15 19.40 34.97
CA PRO E 242 -5.73 19.25 35.29
C PRO E 242 -5.34 17.79 35.33
N ARG E 243 -4.10 17.51 34.95
CA ARG E 243 -3.59 16.15 34.96
C ARG E 243 -3.40 15.66 36.39
N MET E 244 -3.81 14.42 36.61
CA MET E 244 -3.87 13.83 37.93
C MET E 244 -3.15 12.49 37.89
N THR E 245 -2.28 12.24 38.87
CA THR E 245 -1.56 10.97 38.89
C THR E 245 -2.50 9.90 39.42
N PHE E 246 -3.13 9.19 38.48
CA PHE E 246 -3.89 8.00 38.81
C PHE E 246 -2.93 6.84 39.06
N ILE E 247 -3.50 5.68 39.31
CA ILE E 247 -2.77 4.43 39.19
C ILE E 247 -3.51 3.58 38.17
N ALA E 248 -2.76 2.94 37.28
CA ALA E 248 -3.34 2.06 36.28
C ALA E 248 -3.96 0.83 36.93
N GLU E 249 -4.70 0.08 36.12
CA GLU E 249 -5.47 -1.04 36.64
C GLU E 249 -4.55 -2.22 36.92
N GLY E 250 -4.96 -3.06 37.84
CA GLY E 250 -4.15 -4.20 38.22
C GLY E 250 -3.08 -3.91 39.25
N SER E 251 -2.94 -2.66 39.67
CA SER E 251 -1.97 -2.29 40.69
C SER E 251 -2.46 -2.70 42.06
N ILE E 252 -1.54 -2.80 43.00
CA ILE E 252 -1.79 -3.46 44.28
C ILE E 252 -1.86 -2.40 45.37
N VAL E 253 -2.97 -2.39 46.10
CA VAL E 253 -3.16 -1.52 47.25
C VAL E 253 -3.49 -2.39 48.45
N LYS E 254 -3.40 -1.78 49.63
CA LYS E 254 -3.69 -2.45 50.89
C LYS E 254 -4.63 -1.58 51.70
N ASN E 255 -5.90 -2.01 51.82
CA ASN E 255 -6.92 -1.39 52.65
C ASN E 255 -7.13 0.08 52.28
N ASP E 256 -7.31 0.32 50.99
CA ASP E 256 -7.45 1.64 50.43
C ASP E 256 -8.82 1.76 49.79
N PRO E 257 -9.62 2.76 50.14
CA PRO E 257 -10.91 2.93 49.46
C PRO E 257 -10.84 3.79 48.21
N GLY E 258 -9.82 4.62 48.09
CA GLY E 258 -9.70 5.52 46.96
C GLY E 258 -10.17 6.93 47.31
N GLY E 259 -11.04 7.49 46.47
CA GLY E 259 -11.65 8.77 46.76
C GLY E 259 -11.66 9.71 45.58
N MET E 260 -12.81 10.32 45.32
CA MET E 260 -12.94 11.27 44.22
C MET E 260 -12.51 12.66 44.63
N GLU E 261 -11.88 13.37 43.71
CA GLU E 261 -11.53 14.77 43.91
C GLU E 261 -12.51 15.64 43.16
N ARG E 262 -13.16 16.56 43.87
CA ARG E 262 -14.01 17.54 43.21
C ARG E 262 -13.17 18.72 42.74
N LEU E 263 -13.51 19.25 41.58
CA LEU E 263 -12.76 20.32 40.96
C LEU E 263 -13.66 21.52 40.72
N GLU E 264 -13.05 22.66 40.44
CA GLU E 264 -13.81 23.89 40.19
C GLU E 264 -14.02 24.15 38.70
N LEU E 265 -12.92 24.38 37.96
CA LEU E 265 -12.89 24.57 36.50
C LEU E 265 -13.75 25.73 35.99
N GLY E 266 -14.22 26.62 36.86
CA GLY E 266 -14.94 27.79 36.40
C GLY E 266 -16.33 27.53 35.85
N LEU E 267 -16.91 26.37 36.13
CA LEU E 267 -18.24 26.06 35.65
C LEU E 267 -19.28 26.49 36.68
N SER E 268 -20.54 26.19 36.38
CA SER E 268 -21.60 26.45 37.33
C SER E 268 -21.64 25.39 38.41
N HIS E 269 -21.52 24.13 38.02
CA HIS E 269 -21.58 22.98 38.90
C HIS E 269 -20.18 22.46 39.18
N GLU E 270 -20.06 21.73 40.28
CA GLU E 270 -18.79 21.13 40.66
C GLU E 270 -18.55 19.84 39.89
N VAL E 271 -17.30 19.63 39.49
CA VAL E 271 -16.89 18.49 38.68
C VAL E 271 -16.16 17.50 39.57
N TYR E 272 -16.72 16.30 39.70
CA TYR E 272 -16.09 15.22 40.43
C TYR E 272 -15.29 14.38 39.47
N VAL E 273 -14.11 13.94 39.88
CA VAL E 273 -13.25 13.11 39.05
C VAL E 273 -13.08 11.77 39.74
N TYR E 274 -13.40 10.70 39.03
CA TYR E 274 -13.53 9.39 39.64
C TYR E 274 -12.17 8.81 39.97
N GLY E 275 -11.99 8.42 41.22
CA GLY E 275 -10.77 7.77 41.62
C GLY E 275 -11.03 6.74 42.68
N LEU E 276 -12.23 6.19 42.71
CA LEU E 276 -12.49 5.09 43.62
C LEU E 276 -11.87 3.82 43.07
N THR E 277 -11.42 2.96 43.97
CA THR E 277 -10.81 1.72 43.58
C THR E 277 -11.83 0.60 43.60
N PHE E 278 -11.51 -0.49 42.88
CA PHE E 278 -12.40 -1.64 42.70
C PHE E 278 -11.64 -2.85 43.23
N PRO E 279 -11.69 -3.11 44.54
CA PRO E 279 -10.75 -4.06 45.14
C PRO E 279 -11.18 -5.52 44.93
N LEU E 280 -10.24 -6.32 44.41
CA LEU E 280 -10.33 -7.77 44.36
C LEU E 280 -9.11 -8.33 45.08
N GLY E 281 -9.33 -9.35 45.92
CA GLY E 281 -8.25 -9.83 46.77
C GLY E 281 -7.13 -10.50 46.00
N VAL E 282 -5.90 -10.32 46.49
CA VAL E 282 -4.71 -10.80 45.79
C VAL E 282 -3.72 -11.36 46.82
N GLU E 283 -2.88 -12.28 46.36
CA GLU E 283 -1.82 -12.87 47.16
C GLU E 283 -0.47 -12.29 46.72
N LEU E 284 0.36 -11.91 47.69
CA LEU E 284 1.66 -11.32 47.40
C LEU E 284 2.82 -12.14 47.91
N PRO E 285 4.00 -11.99 47.29
CA PRO E 285 5.25 -12.35 47.96
C PRO E 285 5.67 -11.33 49.01
N GLU E 286 6.92 -11.41 49.46
CA GLU E 286 7.42 -10.57 50.55
C GLU E 286 7.76 -9.13 50.13
N GLY E 287 6.82 -8.45 49.49
CA GLY E 287 7.05 -7.10 49.01
C GLY E 287 6.90 -6.96 47.51
N MET H 1 -17.57 15.78 -48.81
CA MET H 1 -18.71 14.90 -49.03
C MET H 1 -18.97 14.00 -47.83
N THR H 2 -20.23 13.62 -47.66
CA THR H 2 -20.60 12.58 -46.71
C THR H 2 -21.60 11.66 -47.38
N GLU H 3 -21.61 10.39 -46.94
CA GLU H 3 -22.49 9.34 -47.44
C GLU H 3 -22.27 9.12 -48.94
N ARG H 4 -21.04 8.74 -49.28
CA ARG H 4 -20.65 8.48 -50.66
C ARG H 4 -21.02 7.04 -50.99
N THR H 5 -22.16 6.86 -51.65
CA THR H 5 -22.69 5.52 -51.91
C THR H 5 -21.84 4.76 -52.93
N LEU H 6 -21.96 3.44 -52.90
CA LEU H 6 -21.19 2.56 -53.76
C LEU H 6 -22.13 1.66 -54.54
N LYS H 7 -21.55 0.87 -55.44
CA LYS H 7 -22.27 -0.22 -56.08
C LYS H 7 -21.31 -1.38 -56.25
N VAL H 8 -21.85 -2.52 -56.69
CA VAL H 8 -21.15 -3.79 -56.68
C VAL H 8 -21.22 -4.36 -58.09
N LEU H 9 -20.05 -4.64 -58.68
CA LEU H 9 -19.96 -5.00 -60.09
C LEU H 9 -19.59 -6.46 -60.35
N SER H 10 -19.14 -7.17 -59.33
CA SER H 10 -18.73 -8.56 -59.40
C SER H 10 -19.10 -9.17 -58.06
N PRO H 11 -19.09 -10.49 -57.92
CA PRO H 11 -19.33 -11.09 -56.60
C PRO H 11 -18.31 -10.63 -55.56
N LEU H 12 -18.78 -10.46 -54.32
CA LEU H 12 -18.01 -9.80 -53.28
C LEU H 12 -18.20 -10.58 -51.99
N HIS H 13 -17.13 -11.24 -51.53
CA HIS H 13 -17.17 -12.04 -50.33
C HIS H 13 -16.24 -11.45 -49.28
N ILE H 14 -16.81 -10.94 -48.20
CA ILE H 14 -16.06 -10.53 -47.02
C ILE H 14 -16.19 -11.69 -46.03
N GLY H 15 -15.08 -12.37 -45.77
CA GLY H 15 -15.15 -13.55 -44.94
C GLY H 15 -15.30 -13.24 -43.47
N THR H 16 -15.81 -14.20 -42.71
CA THR H 16 -15.82 -14.10 -41.25
C THR H 16 -15.07 -15.24 -40.60
N GLY H 17 -14.41 -16.09 -41.38
CA GLY H 17 -13.70 -17.23 -40.83
C GLY H 17 -14.63 -18.26 -40.25
N ASN H 18 -15.59 -18.69 -41.06
CA ASN H 18 -16.63 -19.60 -40.62
C ASN H 18 -17.20 -20.25 -41.87
N GLU H 19 -17.51 -21.54 -41.75
CA GLU H 19 -18.12 -22.29 -42.83
C GLU H 19 -19.38 -22.96 -42.31
N LEU H 20 -20.31 -23.19 -43.23
CA LEU H 20 -21.56 -23.88 -42.90
C LEU H 20 -21.40 -25.37 -43.20
N THR H 21 -21.41 -26.18 -42.14
CA THR H 21 -21.38 -27.62 -42.25
C THR H 21 -22.70 -28.11 -42.86
N PRO H 22 -22.71 -29.30 -43.47
CA PRO H 22 -23.95 -29.79 -44.10
C PRO H 22 -25.07 -30.13 -43.13
N VAL H 23 -24.81 -30.18 -41.81
CA VAL H 23 -25.89 -30.34 -40.84
C VAL H 23 -26.66 -29.04 -40.64
N ASP H 24 -26.13 -27.92 -41.13
CA ASP H 24 -26.81 -26.63 -41.05
C ASP H 24 -27.70 -26.37 -42.25
N ILE H 25 -27.57 -27.17 -43.31
CA ILE H 25 -28.12 -26.88 -44.63
C ILE H 25 -29.01 -28.05 -45.03
N TYR H 26 -30.15 -27.76 -45.64
CA TYR H 26 -30.87 -28.75 -46.44
C TYR H 26 -31.52 -28.04 -47.62
N PRO H 27 -30.97 -28.21 -48.83
CA PRO H 27 -31.59 -27.61 -50.02
C PRO H 27 -32.73 -28.44 -50.56
N ARG H 28 -33.96 -27.97 -50.31
CA ARG H 28 -35.13 -28.67 -50.81
C ARG H 28 -35.30 -28.47 -52.31
N GLU H 29 -34.86 -27.32 -52.81
CA GLU H 29 -35.04 -26.95 -54.20
C GLU H 29 -33.67 -26.51 -54.75
N ASN H 30 -33.69 -25.84 -55.91
CA ASN H 30 -32.52 -25.07 -56.33
C ASN H 30 -32.19 -23.95 -55.34
N ILE H 31 -33.19 -23.40 -54.66
CA ILE H 31 -32.96 -22.55 -53.50
C ILE H 31 -32.34 -23.40 -52.39
N ILE H 32 -31.54 -22.79 -51.52
CA ILE H 32 -30.98 -23.50 -50.38
C ILE H 32 -31.59 -22.94 -49.10
N HIS H 33 -31.31 -23.60 -47.99
CA HIS H 33 -31.84 -23.13 -46.69
C HIS H 33 -30.82 -23.35 -45.57
N VAL H 34 -30.75 -22.40 -44.66
CA VAL H 34 -29.90 -22.46 -43.48
C VAL H 34 -30.81 -22.81 -42.31
N LEU H 35 -30.77 -24.07 -41.87
CA LEU H 35 -31.65 -24.52 -40.77
C LEU H 35 -31.19 -23.94 -39.44
N ASP H 36 -32.09 -23.74 -38.48
CA ASP H 36 -31.68 -23.21 -37.16
C ASP H 36 -31.51 -24.41 -36.21
N THR H 37 -30.27 -24.82 -35.95
CA THR H 37 -29.99 -26.00 -35.08
C THR H 37 -30.44 -25.71 -33.63
N GLU H 38 -30.16 -24.53 -33.11
CA GLU H 38 -30.53 -24.21 -31.71
C GLU H 38 -32.06 -24.25 -31.55
N ARG H 39 -32.81 -23.71 -32.51
CA ARG H 39 -34.29 -23.72 -32.42
C ARG H 39 -34.85 -25.05 -32.95
N LEU H 40 -34.33 -25.54 -34.07
CA LEU H 40 -34.83 -26.81 -34.67
C LEU H 40 -34.54 -27.99 -33.73
N VAL H 41 -33.35 -28.04 -33.14
CA VAL H 41 -32.98 -29.13 -32.22
C VAL H 41 -33.88 -29.07 -30.98
N ASN H 42 -34.14 -27.88 -30.48
CA ASN H 42 -34.98 -27.67 -29.27
C ASN H 42 -36.46 -27.77 -29.65
N ASP H 43 -36.78 -27.76 -30.94
CA ASP H 43 -38.17 -27.89 -31.43
C ASP H 43 -38.45 -29.34 -31.79
N LEU H 44 -37.42 -30.15 -32.01
CA LEU H 44 -37.60 -31.58 -32.37
C LEU H 44 -37.53 -32.45 -31.10
N MET H 45 -37.58 -31.84 -29.93
CA MET H 45 -37.56 -32.61 -28.66
C MET H 45 -39.00 -33.01 -28.30
N ASN H 46 -39.95 -32.10 -28.43
CA ASN H 46 -41.35 -32.40 -28.10
C ASN H 46 -41.75 -33.78 -28.61
N LEU H 47 -41.21 -34.21 -29.75
CA LEU H 47 -41.44 -35.55 -30.27
C LEU H 47 -40.29 -36.50 -29.98
N GLY H 48 -39.30 -36.05 -29.20
CA GLY H 48 -38.09 -36.80 -28.83
C GLY H 48 -37.31 -37.34 -30.04
N GLU H 50 -33.15 -35.69 -27.25
CA GLU H 50 -32.63 -36.93 -26.70
C GLU H 50 -31.11 -36.95 -26.76
N LEU H 51 -30.54 -38.14 -26.64
CA LEU H 51 -29.11 -38.32 -26.84
C LEU H 51 -28.79 -38.79 -28.25
N ASN H 52 -29.80 -39.01 -29.08
CA ASN H 52 -29.57 -39.42 -30.46
C ASN H 52 -29.08 -38.26 -31.32
N GLU H 53 -29.54 -37.05 -31.03
CA GLU H 53 -29.07 -35.88 -31.76
C GLU H 53 -27.62 -35.57 -31.43
N ILE H 54 -27.23 -35.74 -30.17
CA ILE H 54 -25.84 -35.54 -29.77
C ILE H 54 -24.93 -36.66 -30.26
N LEU H 55 -25.50 -37.79 -30.64
CA LEU H 55 -24.71 -38.89 -31.19
C LEU H 55 -24.58 -38.81 -32.70
N ALA H 56 -25.67 -38.43 -33.38
CA ALA H 56 -25.66 -38.44 -34.84
C ALA H 56 -24.91 -37.24 -35.43
N LEU H 57 -25.04 -36.07 -34.79
CA LEU H 57 -24.34 -34.88 -35.30
C LEU H 57 -22.84 -34.99 -35.08
N LEU H 58 -22.42 -35.65 -34.00
CA LEU H 58 -21.00 -35.91 -33.78
C LEU H 58 -20.49 -37.01 -34.71
N LYS H 59 -21.37 -37.89 -35.17
CA LYS H 59 -20.94 -39.01 -36.01
C LYS H 59 -20.66 -38.56 -37.43
N ASN H 60 -21.55 -37.73 -37.99
CA ASN H 60 -21.49 -37.23 -39.37
C ASN H 60 -21.41 -38.37 -40.38
N PRO H 61 -22.50 -39.12 -40.47
CA PRO H 61 -22.59 -40.23 -41.43
C PRO H 61 -23.04 -39.69 -42.78
N PRO H 62 -23.41 -40.59 -43.68
CA PRO H 62 -23.89 -40.20 -45.00
C PRO H 62 -25.29 -39.61 -44.93
N ALA H 65 -25.27 -34.38 -43.21
CA ALA H 65 -25.27 -34.24 -44.66
C ALA H 65 -26.70 -34.36 -45.20
N TYR H 66 -26.90 -35.31 -46.12
CA TYR H 66 -28.19 -35.46 -46.78
C TYR H 66 -29.22 -36.04 -45.83
N ILE H 67 -28.99 -37.26 -45.36
CA ILE H 67 -29.95 -37.91 -44.47
C ILE H 67 -29.94 -37.28 -43.08
N TRP H 68 -28.81 -36.70 -42.67
CA TRP H 68 -28.74 -36.03 -41.37
C TRP H 68 -29.44 -34.68 -41.36
N LYS H 69 -29.91 -34.20 -42.51
CA LYS H 69 -30.79 -33.05 -42.58
C LYS H 69 -32.18 -33.37 -43.11
N GLY H 70 -32.33 -34.46 -43.88
CA GLY H 70 -33.64 -34.86 -44.38
C GLY H 70 -34.39 -35.76 -43.41
N TYR H 71 -33.78 -36.15 -42.29
CA TYR H 71 -34.50 -36.92 -41.28
C TYR H 71 -35.46 -36.05 -40.49
N ILE H 72 -35.39 -34.72 -40.63
CA ILE H 72 -36.39 -33.84 -40.05
C ILE H 72 -37.67 -33.83 -40.87
N GLU H 73 -37.64 -34.31 -42.11
CA GLU H 73 -38.83 -34.31 -42.96
C GLU H 73 -39.87 -35.28 -42.45
N GLU H 74 -39.46 -36.31 -41.73
CA GLU H 74 -40.39 -37.25 -41.10
C GLU H 74 -41.12 -36.55 -39.97
N PHE H 75 -42.42 -36.30 -40.17
CA PHE H 75 -43.35 -35.71 -39.22
C PHE H 75 -43.00 -34.28 -38.80
N HIS H 76 -42.19 -33.58 -39.59
CA HIS H 76 -41.88 -32.17 -39.35
C HIS H 76 -41.40 -31.56 -40.66
N LEU H 77 -41.36 -30.22 -40.69
CA LEU H 77 -40.87 -29.45 -41.82
C LEU H 77 -40.65 -28.00 -41.39
N ASP H 78 -40.07 -27.22 -42.30
CA ASP H 78 -40.07 -25.75 -42.31
C ASP H 78 -39.40 -25.16 -41.07
N PRO H 79 -38.08 -25.34 -41.00
CA PRO H 79 -37.24 -24.69 -39.99
C PRO H 79 -35.98 -24.14 -40.66
N SER H 80 -36.04 -22.91 -41.16
CA SER H 80 -34.93 -22.28 -41.85
C SER H 80 -34.71 -20.87 -41.33
N ASP H 81 -33.49 -20.36 -41.52
CA ASP H 81 -33.13 -19.02 -41.04
C ASP H 81 -33.08 -17.98 -42.16
N TYR H 82 -32.23 -18.17 -43.16
CA TYR H 82 -31.93 -17.12 -44.12
C TYR H 82 -32.36 -17.44 -45.55
N SER H 83 -32.17 -18.68 -45.99
CA SER H 83 -32.65 -19.23 -47.27
C SER H 83 -32.07 -18.48 -48.48
N ILE H 84 -30.75 -18.64 -48.64
CA ILE H 84 -30.05 -18.05 -49.77
C ILE H 84 -30.35 -18.81 -51.06
N TYR H 85 -29.80 -18.32 -52.16
CA TYR H 85 -29.97 -18.93 -53.47
C TYR H 85 -28.64 -19.46 -53.98
N THR H 86 -28.71 -20.52 -54.79
CA THR H 86 -27.49 -21.24 -55.18
C THR H 86 -26.79 -20.58 -56.36
N LEU H 87 -27.55 -20.07 -57.33
CA LEU H 87 -27.09 -19.22 -58.44
C LEU H 87 -26.00 -19.87 -59.31
N LYS H 88 -25.88 -21.19 -59.29
CA LYS H 88 -24.83 -21.90 -59.99
C LYS H 88 -25.22 -23.37 -60.11
N ILE H 89 -24.51 -24.07 -61.00
CA ILE H 89 -24.84 -25.46 -61.33
C ILE H 89 -24.05 -26.41 -60.42
N HIS H 90 -24.44 -26.41 -59.14
CA HIS H 90 -23.81 -27.28 -58.16
C HIS H 90 -24.78 -27.52 -57.02
N GLY H 91 -24.39 -28.43 -56.13
CA GLY H 91 -25.14 -28.85 -54.93
C GLY H 91 -26.57 -29.28 -55.23
N ARG H 95 -24.47 -36.05 -52.17
CA ARG H 95 -23.74 -35.11 -53.01
C ARG H 95 -23.74 -33.72 -52.39
N LYS H 96 -24.01 -33.63 -51.08
CA LYS H 96 -23.95 -32.36 -50.38
C LYS H 96 -22.52 -31.84 -50.38
N SER H 97 -21.64 -32.55 -49.66
CA SER H 97 -20.17 -32.50 -49.71
C SER H 97 -19.55 -31.11 -49.89
N MET H 98 -20.09 -30.11 -49.18
CA MET H 98 -19.68 -28.74 -49.40
C MET H 98 -19.53 -28.02 -48.07
N GLN H 99 -18.76 -26.93 -48.09
CA GLN H 99 -18.61 -26.04 -46.94
C GLN H 99 -18.80 -24.62 -47.45
N ILE H 100 -20.02 -24.09 -47.31
CA ILE H 100 -20.30 -22.73 -47.74
C ILE H 100 -19.65 -21.77 -46.76
N LYS H 101 -18.68 -20.99 -47.25
CA LYS H 101 -18.10 -19.93 -46.45
C LYS H 101 -19.11 -18.79 -46.32
N GLU H 102 -19.35 -18.31 -45.12
CA GLU H 102 -20.40 -17.33 -44.91
C GLU H 102 -19.86 -15.90 -44.87
N PHE H 103 -20.76 -14.97 -45.13
CA PHE H 103 -20.48 -13.54 -45.21
C PHE H 103 -20.64 -12.92 -43.83
N ILE H 104 -19.96 -11.79 -43.61
CA ILE H 104 -20.03 -11.13 -42.31
C ILE H 104 -21.39 -10.47 -42.13
N LYS H 105 -22.07 -10.78 -41.04
CA LYS H 105 -23.43 -10.31 -40.85
C LYS H 105 -23.58 -9.83 -39.42
N LEU H 106 -24.32 -8.75 -39.22
CA LEU H 106 -24.41 -8.20 -37.88
C LEU H 106 -25.63 -8.72 -37.13
N ASN H 107 -26.74 -8.94 -37.82
CA ASN H 107 -27.89 -9.59 -37.22
C ASN H 107 -28.48 -10.59 -38.22
N GLY H 108 -27.61 -11.37 -38.85
CA GLY H 108 -28.03 -12.13 -40.01
C GLY H 108 -28.21 -11.28 -41.25
N ARG H 109 -27.73 -10.05 -41.24
CA ARG H 109 -27.87 -9.08 -42.32
C ARG H 109 -26.50 -8.67 -42.82
N PRO H 110 -26.22 -8.81 -44.11
CA PRO H 110 -24.87 -8.54 -44.62
C PRO H 110 -24.58 -7.05 -44.69
N TYR H 111 -23.43 -6.65 -44.17
CA TYR H 111 -22.91 -5.30 -44.30
C TYR H 111 -21.48 -5.38 -44.76
N ILE H 112 -20.88 -4.25 -45.09
CA ILE H 112 -19.48 -4.19 -45.45
C ILE H 112 -18.72 -3.60 -44.27
N PRO H 113 -17.73 -4.30 -43.71
CA PRO H 113 -16.97 -3.74 -42.59
C PRO H 113 -16.02 -2.64 -43.07
N GLY H 114 -15.89 -1.61 -42.24
CA GLY H 114 -15.06 -0.48 -42.59
C GLY H 114 -13.59 -0.73 -42.44
N SER H 115 -13.20 -1.77 -41.71
CA SER H 115 -11.80 -2.14 -41.64
C SER H 115 -11.33 -2.78 -42.94
N SER H 116 -12.27 -3.27 -43.75
CA SER H 116 -11.94 -3.93 -44.99
C SER H 116 -11.89 -2.98 -46.17
N LEU H 117 -12.61 -1.87 -46.10
CA LEU H 117 -12.54 -0.87 -47.16
C LEU H 117 -11.41 0.12 -46.91
N LYS H 118 -10.93 0.22 -45.68
CA LYS H 118 -9.76 1.03 -45.39
C LYS H 118 -8.47 0.32 -45.75
N GLY H 119 -8.41 -1.00 -45.58
CA GLY H 119 -7.23 -1.75 -45.96
C GLY H 119 -7.04 -1.89 -47.44
N ALA H 120 -8.05 -1.58 -48.23
CA ALA H 120 -7.92 -1.51 -49.68
C ALA H 120 -7.47 -0.13 -50.14
N ILE H 121 -7.90 0.91 -49.44
CA ILE H 121 -7.40 2.25 -49.73
C ILE H 121 -5.95 2.37 -49.31
N ARG H 122 -5.57 1.69 -48.23
CA ARG H 122 -4.18 1.72 -47.74
C ARG H 122 -3.22 1.05 -48.72
N THR H 123 -3.67 0.02 -49.44
CA THR H 123 -2.83 -0.56 -50.47
C THR H 123 -2.69 0.37 -51.68
N ALA H 124 -3.76 1.07 -52.03
CA ALA H 124 -3.71 2.05 -53.12
C ALA H 124 -2.84 3.24 -52.77
N VAL H 125 -2.88 3.68 -51.52
CA VAL H 125 -2.09 4.82 -51.10
C VAL H 125 -0.62 4.44 -50.94
N LEU H 126 -0.34 3.22 -50.50
CA LEU H 126 1.05 2.75 -50.42
C LEU H 126 1.68 2.61 -51.80
N TYR H 127 0.88 2.30 -52.82
CA TYR H 127 1.41 2.16 -54.17
C TYR H 127 1.80 3.51 -54.75
N LYS H 128 1.04 4.55 -54.44
CA LYS H 128 1.34 5.87 -54.96
C LYS H 128 2.58 6.45 -54.29
N ALA H 129 2.83 6.08 -53.04
CA ALA H 129 3.98 6.63 -52.33
C ALA H 129 5.28 6.03 -52.81
N LEU H 130 5.27 4.77 -53.21
CA LEU H 130 6.50 4.15 -53.70
C LEU H 130 6.77 4.47 -55.17
N LYS H 131 5.78 4.97 -55.91
CA LYS H 131 6.05 5.42 -57.27
C LYS H 131 6.86 6.71 -57.26
N GLU H 132 6.29 7.76 -56.67
CA GLU H 132 6.91 9.08 -56.73
C GLU H 132 8.07 9.20 -55.75
N CYS H 133 7.97 8.58 -54.59
CA CYS H 133 9.05 8.59 -53.61
C CYS H 133 9.58 7.18 -53.40
N ASP H 135 14.23 7.83 -55.60
CA ASP H 135 15.22 7.48 -54.58
C ASP H 135 16.02 8.71 -54.16
N ALA H 136 15.81 9.81 -54.90
CA ALA H 136 16.54 11.04 -54.60
C ALA H 136 15.89 11.81 -53.45
N ARG H 137 14.59 11.63 -53.23
CA ARG H 137 13.90 12.25 -52.12
C ARG H 137 13.70 11.31 -50.94
N ALA H 138 13.83 10.00 -51.16
CA ALA H 138 13.62 9.03 -50.10
C ALA H 138 14.75 9.01 -49.08
N VAL H 139 15.88 9.62 -49.39
CA VAL H 139 16.98 9.69 -48.43
C VAL H 139 16.79 10.83 -47.44
N MET H 140 16.18 11.94 -47.87
CA MET H 140 15.96 13.08 -46.98
C MET H 140 14.88 12.78 -45.94
N ARG H 141 14.02 11.79 -46.17
CA ARG H 141 13.06 11.39 -45.15
C ARG H 141 13.77 10.66 -44.01
N VAL H 142 14.58 9.66 -44.36
CA VAL H 142 15.37 8.93 -43.37
C VAL H 142 16.69 9.61 -43.04
N VAL H 143 16.89 10.85 -43.51
CA VAL H 143 18.04 11.62 -43.06
C VAL H 143 17.85 12.10 -41.62
N SER H 144 16.60 12.20 -41.17
CA SER H 144 16.29 12.67 -39.83
C SER H 144 16.09 11.46 -38.92
N LYS H 145 17.07 11.22 -38.04
CA LYS H 145 16.99 10.27 -36.93
C LYS H 145 16.77 8.83 -37.41
N VAL H 146 17.40 8.48 -38.52
CA VAL H 146 17.37 7.08 -38.93
C VAL H 146 18.75 6.53 -39.26
N ASN H 147 19.60 7.32 -39.91
CA ASN H 147 21.01 7.05 -40.25
C ASN H 147 21.21 5.82 -41.15
N GLY H 148 20.14 5.27 -41.73
CA GLY H 148 20.24 4.12 -42.61
C GLY H 148 19.89 4.48 -44.05
N ASP H 149 19.68 5.76 -44.35
CA ASP H 149 19.40 6.19 -45.70
C ASP H 149 20.62 6.11 -46.61
N VAL H 150 21.83 6.04 -46.04
CA VAL H 150 23.03 5.81 -46.83
C VAL H 150 23.03 4.43 -47.46
N ALA H 151 22.47 3.44 -46.77
CA ALA H 151 22.26 2.14 -47.39
C ALA H 151 21.15 2.21 -48.44
N ARG H 152 20.16 3.07 -48.23
CA ARG H 152 19.12 3.30 -49.23
C ARG H 152 19.58 4.24 -50.34
N ASP H 153 20.71 4.92 -50.17
CA ASP H 153 21.29 5.75 -51.23
C ASP H 153 22.31 4.98 -52.06
N ILE H 154 23.10 4.11 -51.42
CA ILE H 154 24.12 3.36 -52.13
C ILE H 154 23.53 2.22 -52.95
N GLY H 155 22.26 1.87 -52.73
CA GLY H 155 21.61 0.82 -53.50
C GLY H 155 20.71 1.39 -54.59
N ARG H 156 20.12 2.56 -54.34
CA ARG H 156 19.18 3.25 -55.24
C ARG H 156 18.01 2.38 -55.69
N ASP H 159 12.18 5.70 -54.65
CA ASP H 159 12.56 4.37 -55.13
C ASP H 159 13.48 3.68 -54.14
N VAL H 160 12.94 3.33 -52.98
CA VAL H 160 13.59 2.46 -52.02
C VAL H 160 13.36 0.98 -52.32
N LEU H 161 12.74 0.68 -53.46
CA LEU H 161 12.40 -0.70 -53.77
C LEU H 161 13.61 -1.53 -54.19
N ASP H 162 14.57 -0.90 -54.88
CA ASP H 162 15.72 -1.64 -55.38
C ASP H 162 16.65 -2.11 -54.27
N TYR H 163 16.56 -1.50 -53.09
CA TYR H 163 17.26 -2.00 -51.91
C TYR H 163 16.48 -3.11 -51.21
N TYR H 164 15.16 -2.99 -51.14
CA TYR H 164 14.33 -3.90 -50.36
C TYR H 164 14.23 -5.29 -50.98
N MET H 165 14.49 -5.42 -52.29
CA MET H 165 14.58 -6.74 -52.88
C MET H 165 15.79 -7.51 -52.37
N SER H 166 16.89 -6.79 -52.13
CA SER H 166 18.09 -7.40 -51.58
C SER H 166 18.19 -7.25 -50.07
N PHE H 167 17.36 -6.41 -49.45
CA PHE H 167 17.40 -6.26 -48.01
C PHE H 167 16.83 -7.49 -47.31
N LEU H 168 15.74 -8.04 -47.84
CA LEU H 168 15.23 -9.29 -47.32
C LEU H 168 16.15 -10.46 -47.68
N SER H 169 16.80 -10.39 -48.83
CA SER H 169 17.69 -11.46 -49.28
C SER H 169 18.99 -11.46 -48.48
N ARG H 175 2.72 -12.71 -38.61
CA ARG H 175 3.54 -13.86 -38.92
C ARG H 175 4.77 -13.45 -39.72
N LYS H 176 4.57 -13.30 -41.03
CA LYS H 176 5.61 -12.77 -41.89
C LYS H 176 5.64 -11.24 -41.75
N ARG H 177 6.80 -10.72 -41.33
CA ARG H 177 6.99 -9.28 -41.14
C ARG H 177 7.78 -8.67 -42.30
N ALA H 178 7.44 -9.06 -43.52
CA ALA H 178 8.22 -8.63 -44.68
C ALA H 178 8.01 -7.16 -45.00
N ASP H 179 6.80 -6.64 -44.78
CA ASP H 179 6.50 -5.24 -45.06
C ASP H 179 6.79 -4.33 -43.88
N ASP H 180 7.61 -4.77 -42.93
CA ASP H 180 7.83 -3.99 -41.71
C ASP H 180 8.65 -2.74 -41.98
N LEU H 181 9.70 -2.86 -42.79
CA LEU H 181 10.51 -1.70 -43.11
C LEU H 181 9.81 -0.81 -44.13
N LEU H 182 9.08 -1.40 -45.07
CA LEU H 182 8.47 -0.61 -46.13
C LEU H 182 7.26 0.16 -45.64
N GLU H 183 6.57 -0.34 -44.60
CA GLU H 183 5.52 0.45 -43.99
C GLU H 183 6.11 1.49 -43.04
N ALA H 184 7.30 1.24 -42.51
CA ALA H 184 7.98 2.21 -41.67
C ALA H 184 8.67 3.30 -42.47
N ILE H 185 8.80 3.16 -43.78
CA ILE H 185 9.34 4.24 -44.59
C ILE H 185 8.26 5.11 -45.19
N VAL H 186 7.12 4.53 -45.58
CA VAL H 186 6.08 5.27 -46.26
C VAL H 186 5.06 5.88 -45.30
N PHE H 187 5.01 5.40 -44.05
CA PHE H 187 4.02 5.91 -43.12
C PHE H 187 4.60 6.45 -41.83
N GLY H 188 5.62 5.80 -41.26
CA GLY H 188 6.01 6.12 -39.88
C GLY H 188 7.47 5.83 -39.63
N MET H 189 8.30 6.86 -39.64
CA MET H 189 9.68 6.69 -39.22
C MET H 189 9.77 6.79 -37.70
N GLU H 190 10.28 5.73 -37.09
CA GLU H 190 10.52 5.74 -35.65
C GLU H 190 11.88 6.32 -35.33
N PRO H 191 12.17 6.40 -34.05
CA PRO H 191 13.49 6.87 -33.62
C PRO H 191 14.54 5.79 -33.84
N ASP H 192 14.40 4.66 -33.15
CA ASP H 192 15.41 3.62 -33.19
C ASP H 192 14.79 2.30 -32.78
N ARG H 193 15.50 1.23 -33.07
CA ARG H 193 15.08 -0.12 -32.71
C ARG H 193 16.31 -1.03 -32.67
N ARG H 194 16.08 -2.31 -32.42
CA ARG H 194 17.13 -3.31 -32.63
C ARG H 194 17.45 -3.44 -34.11
N SER H 195 16.43 -3.31 -34.96
CA SER H 195 16.63 -3.11 -36.39
C SER H 195 16.94 -1.64 -36.67
N LYS H 196 16.87 -1.28 -37.95
CA LYS H 196 17.16 0.10 -38.31
C LYS H 196 16.03 1.03 -37.87
N ILE H 197 14.84 0.86 -38.43
CA ILE H 197 13.67 1.66 -38.08
C ILE H 197 12.48 0.73 -37.92
N ARG H 198 11.41 1.26 -37.33
CA ARG H 198 10.19 0.52 -37.14
C ARG H 198 8.99 1.44 -37.29
N TYR H 199 7.80 0.86 -37.18
CA TYR H 199 6.57 1.62 -37.37
C TYR H 199 6.16 2.28 -36.07
N GLU H 200 5.64 3.50 -36.16
CA GLU H 200 5.00 4.16 -35.02
C GLU H 200 3.59 4.54 -35.41
N PRO H 201 2.58 3.92 -34.81
CA PRO H 201 1.18 4.27 -35.10
C PRO H 201 0.79 5.71 -34.81
N LYS H 202 1.56 6.41 -33.96
CA LYS H 202 1.24 7.79 -33.64
C LYS H 202 1.65 8.74 -34.77
N ARG H 203 2.48 8.27 -35.70
CA ARG H 203 2.95 9.07 -36.83
C ARG H 203 2.34 8.47 -38.09
N ASP H 204 1.15 8.90 -38.45
CA ASP H 204 0.51 8.33 -39.63
C ASP H 204 -0.52 9.30 -40.18
N PRO H 205 -0.47 9.67 -41.46
CA PRO H 205 -1.59 10.42 -42.03
C PRO H 205 -2.86 9.60 -42.11
N MET H 206 -2.77 8.28 -42.17
CA MET H 206 -3.93 7.41 -42.30
C MET H 206 -4.72 7.27 -40.99
N LYS H 207 -4.24 7.84 -39.88
CA LYS H 207 -5.06 7.94 -38.68
C LYS H 207 -6.06 9.08 -38.79
N ALA H 208 -5.97 9.90 -39.81
CA ALA H 208 -6.96 10.93 -40.10
C ALA H 208 -8.01 10.45 -41.08
N LEU H 209 -7.79 9.32 -41.73
CA LEU H 209 -8.74 8.77 -42.69
C LEU H 209 -9.79 7.96 -41.92
N ILE H 210 -11.02 8.46 -41.91
CA ILE H 210 -12.13 7.82 -41.20
C ILE H 210 -13.07 7.23 -42.23
N VAL H 211 -13.16 5.90 -42.25
CA VAL H 211 -14.20 5.19 -42.97
C VAL H 211 -15.05 4.47 -41.95
N ARG H 212 -16.33 4.33 -42.26
CA ARG H 212 -17.26 3.72 -41.34
C ARG H 212 -17.94 2.54 -42.01
N ASP H 213 -18.49 1.66 -41.18
CA ASP H 213 -19.22 0.51 -41.68
C ASP H 213 -20.45 0.96 -42.45
N SER H 214 -20.71 0.31 -43.56
CA SER H 214 -21.80 0.73 -44.42
C SER H 214 -23.14 0.32 -43.82
N LYS H 215 -24.21 0.80 -44.44
CA LYS H 215 -25.53 0.33 -44.11
C LYS H 215 -25.67 -1.13 -44.57
N PRO H 216 -26.51 -1.92 -43.91
CA PRO H 216 -26.64 -3.33 -44.30
C PRO H 216 -27.26 -3.49 -45.67
N VAL H 217 -26.79 -4.51 -46.40
CA VAL H 217 -27.09 -4.63 -47.82
C VAL H 217 -28.52 -5.11 -48.03
N GLY H 218 -28.82 -6.31 -47.56
CA GLY H 218 -30.14 -6.89 -47.74
C GLY H 218 -30.05 -8.37 -48.06
N ARG H 219 -31.13 -9.09 -47.76
CA ARG H 219 -31.17 -10.52 -48.01
C ARG H 219 -31.31 -10.84 -49.49
N LYS H 220 -31.97 -9.96 -50.25
CA LYS H 220 -32.26 -10.23 -51.65
C LYS H 220 -31.01 -10.22 -52.51
N HIS H 221 -29.93 -9.61 -52.05
CA HIS H 221 -28.72 -9.48 -52.84
C HIS H 221 -27.63 -10.47 -52.43
N LEU H 222 -27.96 -11.42 -51.57
CA LEU H 222 -27.01 -12.39 -51.05
C LEU H 222 -27.34 -13.75 -51.66
N ALA H 223 -26.33 -14.44 -52.17
CA ALA H 223 -26.53 -15.75 -52.76
C ALA H 223 -25.26 -16.56 -52.67
N VAL H 224 -25.41 -17.89 -52.70
CA VAL H 224 -24.27 -18.78 -52.70
C VAL H 224 -23.64 -18.75 -54.09
N TYR H 225 -22.33 -19.02 -54.16
CA TYR H 225 -21.63 -19.09 -55.42
C TYR H 225 -20.75 -20.33 -55.47
N HIS H 226 -20.13 -20.53 -56.62
CA HIS H 226 -19.39 -21.75 -56.96
C HIS H 226 -18.09 -21.30 -57.62
N VAL H 227 -17.08 -21.02 -56.80
CA VAL H 227 -15.86 -20.40 -57.27
C VAL H 227 -14.92 -21.48 -57.79
N GLU H 228 -14.58 -21.41 -59.06
CA GLU H 228 -13.70 -22.38 -59.69
C GLU H 228 -12.30 -21.79 -59.77
N VAL H 229 -11.30 -22.59 -59.42
CA VAL H 229 -9.91 -22.15 -59.43
C VAL H 229 -9.25 -22.64 -60.71
N ILE H 230 -8.66 -21.71 -61.45
CA ILE H 230 -8.12 -21.96 -62.78
C ILE H 230 -6.64 -21.59 -62.78
N GLY H 231 -5.82 -22.45 -63.40
CA GLY H 231 -4.39 -22.26 -63.43
C GLY H 231 -3.67 -23.59 -63.42
N ASN H 232 -4.43 -24.65 -63.15
CA ASN H 232 -4.01 -26.04 -63.17
C ASN H 232 -4.89 -26.81 -64.14
N PRO H 233 -4.46 -28.00 -64.62
CA PRO H 233 -5.35 -28.77 -65.49
C PRO H 233 -6.57 -29.33 -64.78
N GLN H 234 -6.50 -29.57 -63.47
CA GLN H 234 -7.66 -30.04 -62.74
C GLN H 234 -8.20 -28.90 -61.88
N PRO H 235 -9.27 -28.22 -62.29
CA PRO H 235 -9.79 -27.10 -61.50
C PRO H 235 -10.51 -27.58 -60.26
N ILE H 236 -10.44 -26.76 -59.21
CA ILE H 236 -11.10 -27.13 -57.96
C ILE H 236 -12.26 -26.17 -57.74
N PRO H 237 -13.40 -26.64 -57.24
CA PRO H 237 -14.46 -25.73 -56.85
C PRO H 237 -14.43 -25.41 -55.36
N ILE H 238 -14.77 -24.16 -55.05
CA ILE H 238 -15.02 -23.72 -53.69
C ILE H 238 -16.40 -23.08 -53.66
N TRP H 239 -17.25 -23.53 -52.73
CA TRP H 239 -18.53 -22.89 -52.51
C TRP H 239 -18.37 -21.77 -51.51
N VAL H 240 -19.11 -20.69 -51.74
CA VAL H 240 -18.99 -19.47 -50.94
C VAL H 240 -20.26 -18.67 -51.18
N GLU H 241 -20.59 -17.80 -50.25
CA GLU H 241 -21.68 -16.86 -50.47
C GLU H 241 -21.11 -15.46 -50.64
N ALA H 242 -21.76 -14.68 -51.49
CA ALA H 242 -21.23 -13.38 -51.85
C ALA H 242 -22.39 -12.50 -52.28
N ILE H 243 -22.17 -11.19 -52.19
CA ILE H 243 -23.18 -10.23 -52.65
C ILE H 243 -23.20 -10.24 -54.17
N GLU H 244 -24.40 -10.39 -54.74
CA GLU H 244 -24.56 -10.43 -56.17
C GLU H 244 -24.22 -9.06 -56.77
N PRO H 245 -23.72 -9.02 -58.00
CA PRO H 245 -23.44 -7.72 -58.63
C PRO H 245 -24.73 -6.99 -58.95
N GLY H 246 -24.72 -5.68 -58.65
CA GLY H 246 -25.88 -4.85 -58.82
C GLY H 246 -26.47 -4.33 -57.52
N ALA H 247 -25.91 -4.70 -56.38
CA ALA H 247 -26.37 -4.18 -55.10
C ALA H 247 -25.65 -2.88 -54.80
N ALA H 248 -26.39 -1.90 -54.31
CA ALA H 248 -25.85 -0.57 -54.03
C ALA H 248 -26.21 -0.18 -52.61
N THR H 249 -25.20 0.07 -51.80
CA THR H 249 -25.36 0.61 -50.45
C THR H 249 -24.62 1.93 -50.35
N ASP H 250 -24.64 2.51 -49.16
CA ASP H 250 -24.05 3.81 -48.91
C ASP H 250 -23.08 3.76 -47.74
N VAL H 251 -21.94 4.38 -47.93
CA VAL H 251 -20.85 4.42 -46.96
C VAL H 251 -20.37 5.85 -46.89
N GLU H 252 -19.91 6.27 -45.72
CA GLU H 252 -19.42 7.63 -45.56
C GLU H 252 -17.94 7.63 -45.21
N ILE H 253 -17.17 8.33 -46.01
CA ILE H 253 -15.73 8.45 -45.86
C ILE H 253 -15.39 9.92 -45.77
N HIS H 254 -14.69 10.32 -44.72
CA HIS H 254 -14.19 11.67 -44.70
C HIS H 254 -12.84 11.72 -43.99
N VAL H 255 -12.06 12.72 -44.37
CA VAL H 255 -10.75 12.98 -43.77
C VAL H 255 -10.94 14.12 -42.78
N ASP H 256 -10.45 13.93 -41.56
CA ASP H 256 -10.53 14.96 -40.53
C ASP H 256 -9.31 15.85 -40.67
N THR H 257 -9.48 16.99 -41.36
CA THR H 257 -8.38 17.91 -41.64
C THR H 257 -7.82 18.55 -40.39
N GLU H 258 -8.62 18.62 -39.32
CA GLU H 258 -8.14 19.20 -38.08
C GLU H 258 -7.09 18.31 -37.41
N ALA H 259 -7.17 17.01 -37.62
CA ALA H 259 -6.16 16.10 -37.09
C ALA H 259 -4.85 16.15 -37.87
N LEU H 260 -4.83 16.78 -39.05
CA LEU H 260 -3.57 16.95 -39.77
C LEU H 260 -2.87 18.24 -39.42
N ARG H 261 -3.65 19.29 -39.07
CA ARG H 261 -3.04 20.56 -38.72
C ARG H 261 -2.27 20.49 -37.41
N LEU H 262 -2.74 19.66 -36.47
CA LEU H 262 -2.04 19.48 -35.21
C LEU H 262 -0.76 18.70 -35.38
N ASN H 263 -0.65 17.89 -36.43
CA ASN H 263 0.46 16.97 -36.61
C ASN H 263 1.38 17.36 -37.77
N ALA H 264 1.47 18.65 -38.08
CA ALA H 264 2.27 19.09 -39.21
C ALA H 264 3.77 18.93 -38.97
N ASP H 265 4.19 18.85 -37.72
CA ASP H 265 5.60 18.68 -37.38
C ASP H 265 5.91 17.26 -36.91
N TYR H 266 4.90 16.45 -36.63
CA TYR H 266 5.09 15.16 -36.00
C TYR H 266 5.05 13.99 -36.97
N PHE H 267 4.50 14.19 -38.17
CA PHE H 267 4.49 13.15 -39.19
C PHE H 267 5.85 13.06 -39.86
N ASN H 268 6.39 11.86 -39.98
CA ASN H 268 7.71 11.63 -40.56
C ASN H 268 7.63 10.42 -41.48
N GLY H 269 7.30 10.66 -42.74
CA GLY H 269 7.15 9.55 -43.68
C GLY H 269 7.15 10.06 -45.11
N LEU H 270 7.28 9.10 -46.04
CA LEU H 270 7.27 9.43 -47.46
C LEU H 270 5.91 9.86 -47.96
N LEU H 271 4.84 9.45 -47.28
CA LEU H 271 3.51 9.90 -47.67
C LEU H 271 3.33 11.38 -47.36
N TRP H 272 3.93 11.83 -46.25
CA TRP H 272 3.89 13.23 -45.90
C TRP H 272 4.76 14.07 -46.84
N GLU H 273 5.75 13.44 -47.46
CA GLU H 273 6.57 14.07 -48.48
C GLU H 273 6.04 13.84 -49.87
N CYS H 274 4.79 13.38 -49.99
CA CYS H 274 4.04 13.46 -51.22
C CYS H 274 2.93 14.49 -51.16
N LEU H 275 2.62 14.98 -49.96
CA LEU H 275 1.54 15.94 -49.76
C LEU H 275 2.02 17.37 -49.73
N LYS H 276 3.27 17.60 -49.37
CA LYS H 276 3.84 18.95 -49.32
C LYS H 276 4.25 19.46 -50.69
N GLU H 277 4.03 18.67 -51.74
CA GLU H 277 4.37 19.05 -53.09
C GLU H 277 3.15 19.31 -53.97
N ARG H 278 1.98 18.89 -53.51
CA ARG H 278 0.73 19.27 -54.16
C ARG H 278 0.11 20.52 -53.55
N GLY H 279 0.75 21.09 -52.53
CA GLY H 279 0.24 22.28 -51.90
C GLY H 279 0.31 22.19 -50.39
N GLU H 280 -0.73 22.66 -49.71
CA GLU H 280 -0.81 22.55 -48.26
C GLU H 280 -1.03 21.09 -47.87
N PRO H 281 -0.14 20.48 -47.09
CA PRO H 281 -0.24 19.02 -46.85
C PRO H 281 -1.42 18.60 -45.99
N GLY H 282 -2.10 19.54 -45.34
CA GLY H 282 -3.30 19.19 -44.60
C GLY H 282 -4.54 19.56 -45.39
N GLU H 283 -4.39 19.73 -46.70
CA GLU H 283 -5.47 20.25 -47.52
C GLU H 283 -5.67 19.42 -48.79
N VAL H 284 -4.61 18.79 -49.29
CA VAL H 284 -4.66 18.03 -50.53
C VAL H 284 -4.62 16.53 -50.26
N PHE H 285 -4.59 16.11 -48.98
CA PHE H 285 -4.54 14.69 -48.64
C PHE H 285 -5.78 13.94 -49.08
N GLU H 286 -6.94 14.60 -49.06
CA GLU H 286 -8.16 13.96 -49.55
C GLU H 286 -8.18 13.89 -51.08
N ASP H 287 -7.47 14.79 -51.75
CA ASP H 287 -7.39 14.75 -53.22
C ASP H 287 -6.30 13.79 -53.68
N PHE H 288 -5.22 13.69 -52.92
CA PHE H 288 -4.20 12.66 -53.13
C PHE H 288 -4.78 11.27 -52.95
N LEU H 289 -5.83 11.14 -52.14
CA LEU H 289 -6.33 9.86 -51.70
C LEU H 289 -7.00 9.09 -52.83
N TRP H 290 -7.78 9.78 -53.66
CA TRP H 290 -8.47 9.11 -54.74
C TRP H 290 -7.63 8.99 -56.00
N GLU H 291 -6.65 9.88 -56.18
CA GLU H 291 -5.70 9.71 -57.27
C GLU H 291 -4.76 8.54 -57.02
N ALA H 292 -4.62 8.10 -55.77
CA ALA H 292 -3.93 6.86 -55.47
C ALA H 292 -4.81 5.65 -55.72
N VAL H 293 -6.13 5.81 -55.63
CA VAL H 293 -7.04 4.70 -55.84
C VAL H 293 -7.11 4.34 -57.31
N ASP H 294 -7.35 5.31 -58.17
CA ASP H 294 -7.49 5.06 -59.60
C ASP H 294 -6.16 4.88 -60.32
N GLU H 295 -5.05 4.74 -59.59
CA GLU H 295 -3.76 4.42 -60.19
C GLU H 295 -3.18 3.12 -59.69
N PHE H 296 -3.63 2.60 -58.56
CA PHE H 296 -3.29 1.22 -58.21
C PHE H 296 -4.25 0.24 -58.87
N TYR H 297 -5.54 0.53 -58.81
CA TYR H 297 -6.52 -0.45 -59.22
C TYR H 297 -6.80 -0.45 -60.70
N THR H 298 -6.58 0.67 -61.38
CA THR H 298 -6.59 0.62 -62.84
C THR H 298 -5.35 -0.07 -63.38
N ALA H 299 -4.24 0.01 -62.66
CA ALA H 299 -3.02 -0.65 -63.09
C ALA H 299 -3.07 -2.16 -62.88
N VAL H 300 -3.81 -2.62 -61.87
CA VAL H 300 -4.00 -4.06 -61.72
C VAL H 300 -5.14 -4.53 -62.61
N MET H 301 -6.01 -3.61 -63.04
CA MET H 301 -7.04 -3.97 -64.00
C MET H 301 -6.45 -4.22 -65.37
N LYS H 302 -5.48 -3.40 -65.77
CA LYS H 302 -4.82 -3.59 -67.06
C LYS H 302 -3.86 -4.76 -67.06
N TYR H 303 -3.27 -5.07 -65.89
CA TYR H 303 -2.30 -6.17 -65.81
C TYR H 303 -2.94 -7.52 -66.03
N GLU H 304 -4.21 -7.66 -65.69
CA GLU H 304 -4.92 -8.93 -65.85
C GLU H 304 -5.47 -9.12 -67.26
N THR H 305 -5.35 -8.12 -68.13
CA THR H 305 -5.66 -8.33 -69.53
C THR H 305 -4.52 -8.99 -70.29
N ILE H 306 -3.34 -9.08 -69.67
CA ILE H 306 -2.23 -9.80 -70.28
C ILE H 306 -2.46 -11.31 -70.19
N GLU H 307 -2.75 -11.81 -69.00
CA GLU H 307 -3.01 -13.23 -68.85
C GLU H 307 -4.39 -13.59 -69.40
N VAL H 308 -4.43 -14.61 -70.26
CA VAL H 308 -5.66 -15.10 -70.85
C VAL H 308 -5.95 -16.53 -70.42
N GLN H 309 -5.36 -16.99 -69.31
CA GLN H 309 -5.54 -18.36 -68.87
C GLN H 309 -6.92 -18.61 -68.27
N LYS H 310 -7.63 -17.56 -67.88
CA LYS H 310 -8.95 -17.71 -67.30
C LYS H 310 -9.96 -18.12 -68.36
N PHE H 311 -10.94 -18.93 -67.93
CA PHE H 311 -12.05 -19.46 -68.74
C PHE H 311 -11.58 -20.20 -70.00
N SER H 316 -11.76 -14.42 -72.75
CA SER H 316 -12.97 -14.82 -73.46
C SER H 316 -14.14 -13.93 -73.06
N GLN H 317 -14.73 -14.25 -71.91
CA GLN H 317 -15.73 -13.38 -71.29
C GLN H 317 -15.13 -12.53 -70.17
N VAL H 318 -14.00 -12.98 -69.61
CA VAL H 318 -13.31 -12.24 -68.56
C VAL H 318 -12.78 -10.92 -69.10
N ARG H 319 -12.26 -10.93 -70.33
CA ARG H 319 -11.79 -9.70 -70.96
C ARG H 319 -12.95 -8.77 -71.30
N SER H 320 -14.11 -9.33 -71.63
CA SER H 320 -15.29 -8.51 -71.88
C SER H 320 -15.84 -7.88 -70.61
N PHE H 321 -15.41 -8.34 -69.44
CA PHE H 321 -15.69 -7.63 -68.20
C PHE H 321 -14.71 -6.50 -67.97
N TYR H 322 -13.44 -6.71 -68.35
CA TYR H 322 -12.39 -5.72 -68.10
C TYR H 322 -12.45 -4.56 -69.08
N ALA H 323 -12.83 -4.83 -70.33
CA ALA H 323 -13.05 -3.74 -71.27
C ALA H 323 -14.31 -2.97 -70.96
N SER H 324 -15.24 -3.56 -70.21
CA SER H 324 -16.44 -2.87 -69.77
C SER H 324 -16.27 -2.15 -68.43
N LEU H 325 -15.18 -2.44 -67.71
CA LEU H 325 -14.89 -1.68 -66.49
C LEU H 325 -14.49 -0.24 -66.80
N GLU H 326 -13.97 0.01 -68.00
CA GLU H 326 -13.78 1.38 -68.44
C GLU H 326 -15.11 1.97 -68.86
N ASP H 327 -15.10 3.29 -69.08
CA ASP H 327 -16.30 4.12 -69.26
C ASP H 327 -17.29 3.90 -68.11
N HIS H 328 -16.77 3.86 -66.89
CA HIS H 328 -17.57 3.69 -65.70
C HIS H 328 -17.15 4.75 -64.70
N SER H 329 -18.06 5.67 -64.39
CA SER H 329 -17.75 6.81 -63.54
C SER H 329 -17.57 6.35 -62.10
N GLY H 330 -16.72 7.07 -61.38
CA GLY H 330 -16.43 6.78 -60.00
C GLY H 330 -15.04 6.19 -59.83
N HIS H 331 -14.77 5.74 -58.60
CA HIS H 331 -13.48 5.20 -58.23
C HIS H 331 -13.59 3.70 -58.05
N VAL H 332 -12.80 2.95 -58.81
CA VAL H 332 -12.91 1.49 -58.87
C VAL H 332 -11.82 0.90 -58.00
N LEU H 333 -12.18 -0.06 -57.15
CA LEU H 333 -11.21 -0.70 -56.27
C LEU H 333 -11.66 -2.11 -55.91
N ARG H 334 -10.69 -2.93 -55.50
CA ARG H 334 -10.95 -4.31 -55.11
C ARG H 334 -11.29 -4.38 -53.63
N LEU H 335 -12.04 -5.40 -53.26
CA LEU H 335 -12.25 -5.74 -51.87
C LEU H 335 -12.25 -7.27 -51.77
N GLY H 336 -12.46 -7.75 -50.55
CA GLY H 336 -12.98 -9.08 -50.42
C GLY H 336 -11.94 -10.18 -50.53
N TRP H 337 -12.40 -11.30 -51.08
CA TRP H 337 -11.72 -12.57 -50.99
C TRP H 337 -11.16 -13.06 -52.31
N GLY H 338 -11.74 -12.64 -53.42
CA GLY H 338 -11.26 -13.12 -54.71
C GLY H 338 -10.21 -12.25 -55.32
N SER H 339 -9.92 -11.11 -54.69
CA SER H 339 -8.79 -10.30 -55.12
C SER H 339 -7.50 -11.05 -54.83
N GLY H 340 -6.75 -11.35 -55.88
CA GLY H 340 -5.62 -12.24 -55.78
C GLY H 340 -4.41 -11.62 -55.11
N TRP H 341 -3.26 -12.25 -55.35
CA TRP H 341 -2.00 -11.70 -54.85
C TRP H 341 -1.65 -10.41 -55.56
N LEU H 342 -2.16 -10.20 -56.77
CA LEU H 342 -1.90 -8.98 -57.51
C LEU H 342 -2.61 -7.76 -56.95
N ALA H 343 -3.69 -7.94 -56.18
CA ALA H 343 -4.53 -6.84 -55.75
C ALA H 343 -4.49 -6.58 -54.25
N MET H 344 -3.65 -7.26 -53.48
CA MET H 344 -3.60 -7.08 -52.04
C MET H 344 -2.21 -6.65 -51.62
N THR H 345 -1.36 -6.32 -52.59
CA THR H 345 0.08 -6.43 -52.40
C THR H 345 0.78 -5.43 -53.31
N ILE H 346 1.91 -4.89 -52.83
CA ILE H 346 2.79 -4.01 -53.59
C ILE H 346 3.33 -4.67 -54.87
N GLY H 347 3.43 -6.00 -54.88
CA GLY H 347 4.09 -6.84 -55.87
C GLY H 347 3.63 -6.66 -57.31
N LEU H 348 2.57 -5.89 -57.56
CA LEU H 348 2.35 -5.38 -58.90
C LEU H 348 3.50 -4.48 -59.33
N LEU H 349 4.02 -3.68 -58.40
CA LEU H 349 5.20 -2.87 -58.67
C LEU H 349 6.46 -3.70 -58.68
N LEU H 350 6.45 -4.90 -58.09
CA LEU H 350 7.59 -5.80 -58.05
C LEU H 350 7.57 -6.82 -59.18
N VAL H 351 6.87 -6.52 -60.27
CA VAL H 351 6.95 -7.37 -61.46
C VAL H 351 8.11 -6.94 -62.34
N GLU H 352 8.36 -5.63 -62.43
CA GLU H 352 9.39 -5.08 -63.29
C GLU H 352 10.81 -5.36 -62.80
N LYS H 353 10.98 -5.92 -61.59
CA LYS H 353 12.31 -6.32 -61.17
C LYS H 353 12.73 -7.63 -61.82
N GLY H 354 11.85 -8.63 -61.81
CA GLY H 354 12.20 -9.92 -62.37
C GLY H 354 13.11 -10.73 -61.46
N TYR H 355 14.38 -10.85 -61.83
CA TYR H 355 15.34 -11.64 -61.07
C TYR H 355 15.63 -11.05 -59.70
N LYS H 356 15.45 -9.75 -59.51
CA LYS H 356 15.58 -9.15 -58.19
C LYS H 356 14.46 -9.58 -57.26
N TRP H 357 13.31 -9.97 -57.79
CA TRP H 357 12.22 -10.53 -57.01
C TRP H 357 12.11 -12.05 -57.16
N GLU H 358 12.83 -12.65 -58.11
CA GLU H 358 12.71 -14.08 -58.34
C GLU H 358 13.44 -14.88 -57.26
N ASN H 359 14.60 -14.37 -56.81
CA ASN H 359 15.29 -15.04 -55.71
C ASN H 359 14.58 -14.82 -54.39
N VAL H 360 13.86 -13.71 -54.24
CA VAL H 360 13.20 -13.40 -52.98
C VAL H 360 11.86 -14.09 -52.85
N ARG H 361 11.18 -14.37 -53.98
CA ARG H 361 9.90 -15.07 -53.91
C ARG H 361 10.08 -16.53 -53.51
N LYS H 362 11.20 -17.14 -53.89
CA LYS H 362 11.57 -18.45 -53.38
C LYS H 362 12.15 -18.39 -51.97
N LYS H 363 12.65 -17.21 -51.60
CA LYS H 363 13.13 -17.00 -50.21
C LYS H 363 11.90 -16.99 -49.30
N LEU H 364 10.86 -16.26 -49.69
CA LEU H 364 9.58 -16.19 -48.95
C LEU H 364 8.88 -17.54 -49.08
N GLY H 365 9.01 -18.22 -50.22
CA GLY H 365 8.38 -19.54 -50.47
C GLY H 365 7.00 -19.36 -51.14
N LEU H 366 6.47 -20.41 -51.76
CA LEU H 366 5.13 -20.32 -52.42
C LEU H 366 4.47 -21.69 -52.61
N GLY H 367 4.84 -22.44 -53.64
CA GLY H 367 4.23 -23.76 -53.96
C GLY H 367 4.50 -24.80 -52.86
N LYS H 368 3.53 -25.67 -52.58
CA LYS H 368 3.72 -26.72 -51.54
C LYS H 368 2.93 -28.00 -51.87
N LYS H 369 3.36 -29.10 -51.26
CA LYS H 369 2.79 -30.46 -51.37
C LYS H 369 3.22 -31.19 -52.63
N GLY H 372 7.97 -28.24 -53.21
CA GLY H 372 9.18 -27.45 -53.30
C GLY H 372 8.86 -25.99 -53.59
N SER H 373 8.85 -25.62 -54.87
CA SER H 373 8.61 -24.25 -55.28
C SER H 373 8.06 -24.23 -56.71
N GLY H 374 7.11 -23.34 -56.96
CA GLY H 374 6.57 -23.17 -58.31
C GLY H 374 7.53 -22.33 -59.14
N PHE H 375 7.97 -22.89 -60.27
CA PHE H 375 9.01 -22.26 -61.05
C PHE H 375 8.52 -21.08 -61.87
N SER H 376 7.65 -21.34 -62.85
CA SER H 376 7.24 -20.31 -63.80
C SER H 376 5.92 -19.66 -63.42
N ARG H 377 5.17 -20.25 -62.50
CA ARG H 377 3.89 -19.67 -62.11
C ARG H 377 3.87 -19.34 -60.61
N GLU H 378 5.01 -18.87 -60.08
CA GLU H 378 5.30 -18.66 -58.64
C GLU H 378 4.22 -17.82 -57.97
N PHE H 379 4.05 -16.56 -58.32
CA PHE H 379 2.95 -15.79 -57.76
C PHE H 379 1.58 -15.92 -58.46
N PRO H 380 1.43 -15.72 -59.77
CA PRO H 380 0.09 -15.41 -60.30
C PRO H 380 -0.76 -16.59 -60.73
N LYS H 381 -0.48 -17.81 -60.26
CA LYS H 381 -1.06 -19.01 -60.87
C LYS H 381 -2.56 -19.13 -60.61
N THR H 382 -3.01 -18.81 -59.42
CA THR H 382 -4.40 -19.01 -59.03
C THR H 382 -5.26 -17.85 -59.47
N ARG H 383 -6.42 -18.15 -60.07
CA ARG H 383 -7.47 -17.17 -60.29
C ARG H 383 -8.76 -17.73 -59.70
N ARG H 384 -9.37 -16.97 -58.80
CA ARG H 384 -10.61 -17.37 -58.16
C ARG H 384 -11.71 -16.48 -58.71
N LEU H 385 -12.51 -17.01 -59.62
CA LEU H 385 -13.59 -16.27 -60.23
C LEU H 385 -14.89 -17.07 -60.11
N ALA H 386 -15.97 -16.37 -59.82
CA ALA H 386 -17.26 -16.98 -59.55
C ALA H 386 -18.16 -16.82 -60.75
N ASP H 387 -18.61 -17.96 -61.31
CA ASP H 387 -19.53 -18.04 -62.45
C ASP H 387 -19.00 -17.29 -63.67
N GLY H 388 -17.69 -17.36 -63.88
CA GLY H 388 -17.09 -16.65 -64.99
C GLY H 388 -17.02 -15.14 -64.80
N MET H 389 -17.02 -14.67 -63.56
CA MET H 389 -16.88 -13.26 -63.26
C MET H 389 -15.73 -13.08 -62.29
N PRO H 390 -14.77 -12.20 -62.59
CA PRO H 390 -13.64 -11.98 -61.67
C PRO H 390 -14.12 -11.27 -60.42
N MET H 391 -14.14 -11.94 -59.28
CA MET H 391 -14.91 -11.47 -58.15
C MET H 391 -14.17 -10.42 -57.33
N GLY H 392 -14.95 -9.54 -56.70
CA GLY H 392 -14.45 -8.53 -55.79
C GLY H 392 -14.26 -7.13 -56.34
N TRP H 393 -15.24 -6.59 -57.07
CA TRP H 393 -15.14 -5.23 -57.61
C TRP H 393 -16.24 -4.37 -57.04
N VAL H 394 -15.85 -3.27 -56.38
CA VAL H 394 -16.76 -2.31 -55.78
C VAL H 394 -16.33 -0.93 -56.24
N VAL H 395 -17.27 -0.14 -56.74
CA VAL H 395 -16.97 1.18 -57.29
C VAL H 395 -17.63 2.24 -56.42
N LEU H 396 -16.81 3.03 -55.74
CA LEU H 396 -17.24 4.23 -55.04
C LEU H 396 -17.35 5.40 -56.03
N GLU H 397 -17.88 6.51 -55.56
CA GLU H 397 -17.79 7.76 -56.31
C GLU H 397 -17.80 8.97 -55.38
ZN ZN I . 7.98 20.69 24.74
ZN ZN J . -22.40 28.79 11.23
ZN ZN K . -8.56 26.08 -19.64
#